data_1TFP
# 
_entry.id   1TFP 
# 
_audit_conform.dict_name       mmcif_pdbx.dic 
_audit_conform.dict_version    5.386 
_audit_conform.dict_location   http://mmcif.pdb.org/dictionaries/ascii/mmcif_pdbx.dic 
# 
loop_
_database_2.database_id 
_database_2.database_code 
_database_2.pdbx_database_accession 
_database_2.pdbx_DOI 
PDB   1TFP         pdb_00001tfp 10.2210/pdb1tfp/pdb 
WWPDB D_1000176659 ?            ?                   
# 
loop_
_pdbx_audit_revision_history.ordinal 
_pdbx_audit_revision_history.data_content_type 
_pdbx_audit_revision_history.major_revision 
_pdbx_audit_revision_history.minor_revision 
_pdbx_audit_revision_history.revision_date 
1 'Structure model' 1 0 1996-06-10 
2 'Structure model' 1 1 2008-03-03 
3 'Structure model' 1 2 2011-07-13 
4 'Structure model' 1 3 2018-03-21 
5 'Structure model' 1 4 2024-02-14 
# 
_pdbx_audit_revision_details.ordinal             1 
_pdbx_audit_revision_details.revision_ordinal    1 
_pdbx_audit_revision_details.data_content_type   'Structure model' 
_pdbx_audit_revision_details.provider            repository 
_pdbx_audit_revision_details.type                'Initial release' 
_pdbx_audit_revision_details.description         ? 
_pdbx_audit_revision_details.details             ? 
# 
loop_
_pdbx_audit_revision_group.ordinal 
_pdbx_audit_revision_group.revision_ordinal 
_pdbx_audit_revision_group.data_content_type 
_pdbx_audit_revision_group.group 
1 2 'Structure model' 'Version format compliance' 
2 3 'Structure model' 'Version format compliance' 
3 4 'Structure model' Advisory                    
4 4 'Structure model' 'Data collection'           
5 4 'Structure model' Other                       
6 5 'Structure model' Advisory                    
7 5 'Structure model' 'Data collection'           
8 5 'Structure model' 'Database references'       
9 5 'Structure model' 'Derived calculations'      
# 
loop_
_pdbx_audit_revision_category.ordinal 
_pdbx_audit_revision_category.revision_ordinal 
_pdbx_audit_revision_category.data_content_type 
_pdbx_audit_revision_category.category 
1 4 'Structure model' diffrn_detector              
2 4 'Structure model' pdbx_database_status         
3 4 'Structure model' pdbx_unobs_or_zero_occ_atoms 
4 5 'Structure model' chem_comp_atom               
5 5 'Structure model' chem_comp_bond               
6 5 'Structure model' database_2                   
7 5 'Structure model' pdbx_unobs_or_zero_occ_atoms 
8 5 'Structure model' struct_site                  
# 
loop_
_pdbx_audit_revision_item.ordinal 
_pdbx_audit_revision_item.revision_ordinal 
_pdbx_audit_revision_item.data_content_type 
_pdbx_audit_revision_item.item 
1 4 'Structure model' '_diffrn_detector.pdbx_collection_date' 
2 4 'Structure model' '_pdbx_database_status.process_site'    
3 5 'Structure model' '_database_2.pdbx_DOI'                  
4 5 'Structure model' '_database_2.pdbx_database_accession'   
5 5 'Structure model' '_struct_site.pdbx_auth_asym_id'        
6 5 'Structure model' '_struct_site.pdbx_auth_comp_id'        
7 5 'Structure model' '_struct_site.pdbx_auth_seq_id'         
# 
_pdbx_database_status.status_code                     REL 
_pdbx_database_status.entry_id                        1TFP 
_pdbx_database_status.recvd_initial_deposition_date   1996-01-05 
_pdbx_database_status.deposit_site                    ? 
_pdbx_database_status.process_site                    BNL 
_pdbx_database_status.status_code_sf                  REL 
_pdbx_database_status.status_code_mr                  ? 
_pdbx_database_status.SG_entry                        ? 
_pdbx_database_status.pdb_format_compatible           Y 
_pdbx_database_status.status_code_cs                  ? 
_pdbx_database_status.methods_development_category    ? 
_pdbx_database_status.status_code_nmr_data            ? 
# 
loop_
_audit_author.name 
_audit_author.pdbx_ordinal 
'Sunde, M.'        1 
'Richardson, S.J.' 2 
'Chang, L.'        3 
'Pettersson, T.M.' 4 
'Schreiber, G.'    5 
'Blake, C.C.F.'    6 
# 
loop_
_citation.id 
_citation.title 
_citation.journal_abbrev 
_citation.journal_volume 
_citation.page_first 
_citation.page_last 
_citation.year 
_citation.journal_id_ASTM 
_citation.country 
_citation.journal_id_ISSN 
_citation.journal_id_CSD 
_citation.book_publisher 
_citation.pdbx_database_id_PubMed 
_citation.pdbx_database_id_DOI 
primary 'The crystal structure of transthyretin from chicken.'                                                               
Eur.J.Biochem. 236 491 499 1996 EJBCAI IX 0014-2956 0262 ? 8612621 10.1111/j.1432-1033.1996.00491.x 
1       'Structure of Prealbumin: Secondary, Tertiary and Quaternary Interactions Determined by Fourier Refinement at 1.8 A' 
J.Mol.Biol.    121 339 ?   1978 JMOBAK UK 0022-2836 0070 ? ?       ?                                
# 
loop_
_citation_author.citation_id 
_citation_author.name 
_citation_author.ordinal 
_citation_author.identifier_ORCID 
primary 'Sunde, M.'        1  ? 
primary 'Richardson, S.J.' 2  ? 
primary 'Chang, L.'        3  ? 
primary 'Pettersson, T.M.' 4  ? 
primary 'Schreiber, G.'    5  ? 
primary 'Blake, C.C.'      6  ? 
1       'Blake, C.C.'      7  ? 
1       'Geisow, M.J.'     8  ? 
1       'Oatley, S.J.'     9  ? 
1       'Rerat, B.'        10 ? 
1       'Rerat, C.'        11 ? 
# 
loop_
_entity.id 
_entity.type 
_entity.src_method 
_entity.pdbx_description 
_entity.formula_weight 
_entity.pdbx_number_of_molecules 
_entity.pdbx_ec 
_entity.pdbx_mutation 
_entity.pdbx_fragment 
_entity.details 
1 polymer     nat TRANSTHYRETIN 14175.711 2 ? ? ? ? 
2 non-polymer syn 'SULFATE ION' 96.063    1 ? ? ? ? 
3 water       nat water         18.015    1 ? ? ? ? 
# 
_entity_name_com.entity_id   1 
_entity_name_com.name        PREALBUMIN 
# 
_entity_poly.entity_id                      1 
_entity_poly.type                           'polypeptide(L)' 
_entity_poly.nstd_linkage                   no 
_entity_poly.nstd_monomer                   no 
_entity_poly.pdbx_seq_one_letter_code       
;APLVSHGSVDSKCPLMVKVLDAVRGSPAANVAVKVFKKAADGTWQDFATGKTTEFGEIHELTTEEQFVEGVYRVEFDTSS
YWKGLGLSPFHEYADVVFTANDSGHRHYTIAALLSPFSYSTTAVVSDPQE
;
_entity_poly.pdbx_seq_one_letter_code_can   
;APLVSHGSVDSKCPLMVKVLDAVRGSPAANVAVKVFKKAADGTWQDFATGKTTEFGEIHELTTEEQFVEGVYRVEFDTSS
YWKGLGLSPFHEYADVVFTANDSGHRHYTIAALLSPFSYSTTAVVSDPQE
;
_entity_poly.pdbx_strand_id                 A,B 
_entity_poly.pdbx_target_identifier         ? 
# 
loop_
_pdbx_entity_nonpoly.entity_id 
_pdbx_entity_nonpoly.name 
_pdbx_entity_nonpoly.comp_id 
2 'SULFATE ION' SO4 
3 water         HOH 
# 
loop_
_entity_poly_seq.entity_id 
_entity_poly_seq.num 
_entity_poly_seq.mon_id 
_entity_poly_seq.hetero 
1 1   ALA n 
1 2   PRO n 
1 3   LEU n 
1 4   VAL n 
1 5   SER n 
1 6   HIS n 
1 7   GLY n 
1 8   SER n 
1 9   VAL n 
1 10  ASP n 
1 11  SER n 
1 12  LYS n 
1 13  CYS n 
1 14  PRO n 
1 15  LEU n 
1 16  MET n 
1 17  VAL n 
1 18  LYS n 
1 19  VAL n 
1 20  LEU n 
1 21  ASP n 
1 22  ALA n 
1 23  VAL n 
1 24  ARG n 
1 25  GLY n 
1 26  SER n 
1 27  PRO n 
1 28  ALA n 
1 29  ALA n 
1 30  ASN n 
1 31  VAL n 
1 32  ALA n 
1 33  VAL n 
1 34  LYS n 
1 35  VAL n 
1 36  PHE n 
1 37  LYS n 
1 38  LYS n 
1 39  ALA n 
1 40  ALA n 
1 41  ASP n 
1 42  GLY n 
1 43  THR n 
1 44  TRP n 
1 45  GLN n 
1 46  ASP n 
1 47  PHE n 
1 48  ALA n 
1 49  THR n 
1 50  GLY n 
1 51  LYS n 
1 52  THR n 
1 53  THR n 
1 54  GLU n 
1 55  PHE n 
1 56  GLY n 
1 57  GLU n 
1 58  ILE n 
1 59  HIS n 
1 60  GLU n 
1 61  LEU n 
1 62  THR n 
1 63  THR n 
1 64  GLU n 
1 65  GLU n 
1 66  GLN n 
1 67  PHE n 
1 68  VAL n 
1 69  GLU n 
1 70  GLY n 
1 71  VAL n 
1 72  TYR n 
1 73  ARG n 
1 74  VAL n 
1 75  GLU n 
1 76  PHE n 
1 77  ASP n 
1 78  THR n 
1 79  SER n 
1 80  SER n 
1 81  TYR n 
1 82  TRP n 
1 83  LYS n 
1 84  GLY n 
1 85  LEU n 
1 86  GLY n 
1 87  LEU n 
1 88  SER n 
1 89  PRO n 
1 90  PHE n 
1 91  HIS n 
1 92  GLU n 
1 93  TYR n 
1 94  ALA n 
1 95  ASP n 
1 96  VAL n 
1 97  VAL n 
1 98  PHE n 
1 99  THR n 
1 100 ALA n 
1 101 ASN n 
1 102 ASP n 
1 103 SER n 
1 104 GLY n 
1 105 HIS n 
1 106 ARG n 
1 107 HIS n 
1 108 TYR n 
1 109 THR n 
1 110 ILE n 
1 111 ALA n 
1 112 ALA n 
1 113 LEU n 
1 114 LEU n 
1 115 SER n 
1 116 PRO n 
1 117 PHE n 
1 118 SER n 
1 119 TYR n 
1 120 SER n 
1 121 THR n 
1 122 THR n 
1 123 ALA n 
1 124 VAL n 
1 125 VAL n 
1 126 SER n 
1 127 ASP n 
1 128 PRO n 
1 129 GLN n 
1 130 GLU n 
# 
_entity_src_nat.entity_id                  1 
_entity_src_nat.pdbx_src_id                1 
_entity_src_nat.pdbx_alt_source_flag       sample 
_entity_src_nat.pdbx_beg_seq_num           ? 
_entity_src_nat.pdbx_end_seq_num           ? 
_entity_src_nat.common_name                chicken 
_entity_src_nat.pdbx_organism_scientific   'Gallus gallus' 
_entity_src_nat.pdbx_ncbi_taxonomy_id      9031 
_entity_src_nat.genus                      Gallus 
_entity_src_nat.species                    ? 
_entity_src_nat.strain                     ? 
_entity_src_nat.tissue                     SERUM 
_entity_src_nat.tissue_fraction            ? 
_entity_src_nat.pdbx_secretion             ? 
_entity_src_nat.pdbx_fragment              ? 
_entity_src_nat.pdbx_variant               ? 
_entity_src_nat.pdbx_cell_line             ? 
_entity_src_nat.pdbx_atcc                  ? 
_entity_src_nat.pdbx_cellular_location     ? 
_entity_src_nat.pdbx_organ                 ? 
_entity_src_nat.pdbx_organelle             ? 
_entity_src_nat.pdbx_cell                  ? 
_entity_src_nat.pdbx_plasmid_name          ? 
_entity_src_nat.pdbx_plasmid_details       ? 
_entity_src_nat.details                    ? 
# 
loop_
_chem_comp.id 
_chem_comp.type 
_chem_comp.mon_nstd_flag 
_chem_comp.name 
_chem_comp.pdbx_synonyms 
_chem_comp.formula 
_chem_comp.formula_weight 
ALA 'L-peptide linking' y ALANINE         ? 'C3 H7 N O2'     89.093  
ARG 'L-peptide linking' y ARGININE        ? 'C6 H15 N4 O2 1' 175.209 
ASN 'L-peptide linking' y ASPARAGINE      ? 'C4 H8 N2 O3'    132.118 
ASP 'L-peptide linking' y 'ASPARTIC ACID' ? 'C4 H7 N O4'     133.103 
CYS 'L-peptide linking' y CYSTEINE        ? 'C3 H7 N O2 S'   121.158 
GLN 'L-peptide linking' y GLUTAMINE       ? 'C5 H10 N2 O3'   146.144 
GLU 'L-peptide linking' y 'GLUTAMIC ACID' ? 'C5 H9 N O4'     147.129 
GLY 'peptide linking'   y GLYCINE         ? 'C2 H5 N O2'     75.067  
HIS 'L-peptide linking' y HISTIDINE       ? 'C6 H10 N3 O2 1' 156.162 
HOH non-polymer         . WATER           ? 'H2 O'           18.015  
ILE 'L-peptide linking' y ISOLEUCINE      ? 'C6 H13 N O2'    131.173 
LEU 'L-peptide linking' y LEUCINE         ? 'C6 H13 N O2'    131.173 
LYS 'L-peptide linking' y LYSINE          ? 'C6 H15 N2 O2 1' 147.195 
MET 'L-peptide linking' y METHIONINE      ? 'C5 H11 N O2 S'  149.211 
PHE 'L-peptide linking' y PHENYLALANINE   ? 'C9 H11 N O2'    165.189 
PRO 'L-peptide linking' y PROLINE         ? 'C5 H9 N O2'     115.130 
SER 'L-peptide linking' y SERINE          ? 'C3 H7 N O3'     105.093 
SO4 non-polymer         . 'SULFATE ION'   ? 'O4 S -2'        96.063  
THR 'L-peptide linking' y THREONINE       ? 'C4 H9 N O3'     119.119 
TRP 'L-peptide linking' y TRYPTOPHAN      ? 'C11 H12 N2 O2'  204.225 
TYR 'L-peptide linking' y TYROSINE        ? 'C9 H11 N O3'    181.189 
VAL 'L-peptide linking' y VALINE          ? 'C5 H11 N O2'    117.146 
# 
loop_
_pdbx_poly_seq_scheme.asym_id 
_pdbx_poly_seq_scheme.entity_id 
_pdbx_poly_seq_scheme.seq_id 
_pdbx_poly_seq_scheme.mon_id 
_pdbx_poly_seq_scheme.ndb_seq_num 
_pdbx_poly_seq_scheme.pdb_seq_num 
_pdbx_poly_seq_scheme.auth_seq_num 
_pdbx_poly_seq_scheme.pdb_mon_id 
_pdbx_poly_seq_scheme.auth_mon_id 
_pdbx_poly_seq_scheme.pdb_strand_id 
_pdbx_poly_seq_scheme.pdb_ins_code 
_pdbx_poly_seq_scheme.hetero 
A 1 1   ALA 1   -2  ?   ?   ?   A . n 
A 1 2   PRO 2   -1  ?   ?   ?   A . n 
A 1 3   LEU 3   0   ?   ?   ?   A . n 
A 1 4   VAL 4   1   ?   ?   ?   A . n 
A 1 5   SER 5   2   ?   ?   ?   A . n 
A 1 6   HIS 6   3   ?   ?   ?   A . n 
A 1 7   GLY 7   4   ?   ?   ?   A . n 
A 1 8   SER 8   5   ?   ?   ?   A . n 
A 1 9   VAL 9   6   ?   ?   ?   A . n 
A 1 10  ASP 10  7   ?   ?   ?   A . n 
A 1 11  SER 11  8   ?   ?   ?   A . n 
A 1 12  LYS 12  9   ?   ?   ?   A . n 
A 1 13  CYS 13  10  10  CYS CYS A . n 
A 1 14  PRO 14  11  11  PRO PRO A . n 
A 1 15  LEU 15  12  12  LEU LEU A . n 
A 1 16  MET 16  13  13  MET MET A . n 
A 1 17  VAL 17  14  14  VAL VAL A . n 
A 1 18  LYS 18  15  15  LYS LYS A . n 
A 1 19  VAL 19  16  16  VAL VAL A . n 
A 1 20  LEU 20  17  17  LEU LEU A . n 
A 1 21  ASP 21  18  18  ASP ASP A . n 
A 1 22  ALA 22  19  19  ALA ALA A . n 
A 1 23  VAL 23  20  20  VAL VAL A . n 
A 1 24  ARG 24  21  21  ARG ARG A . n 
A 1 25  GLY 25  22  22  GLY GLY A . n 
A 1 26  SER 26  23  23  SER SER A . n 
A 1 27  PRO 27  24  24  PRO PRO A . n 
A 1 28  ALA 28  25  25  ALA ALA A . n 
A 1 29  ALA 29  26  26  ALA ALA A . n 
A 1 30  ASN 30  27  27  ASN ASN A . n 
A 1 31  VAL 31  28  28  VAL VAL A . n 
A 1 32  ALA 32  29  29  ALA ALA A . n 
A 1 33  VAL 33  30  30  VAL VAL A . n 
A 1 34  LYS 34  31  31  LYS LYS A . n 
A 1 35  VAL 35  32  32  VAL VAL A . n 
A 1 36  PHE 36  33  33  PHE PHE A . n 
A 1 37  LYS 37  34  34  LYS LYS A . n 
A 1 38  LYS 38  35  35  LYS LYS A . n 
A 1 39  ALA 39  36  36  ALA ALA A . n 
A 1 40  ALA 40  37  37  ALA ALA A . n 
A 1 41  ASP 41  38  38  ASP ASP A . n 
A 1 42  GLY 42  39  39  GLY GLY A . n 
A 1 43  THR 43  40  40  THR THR A . n 
A 1 44  TRP 44  41  41  TRP TRP A . n 
A 1 45  GLN 45  42  42  GLN GLN A . n 
A 1 46  ASP 46  43  43  ASP ASP A . n 
A 1 47  PHE 47  44  44  PHE PHE A . n 
A 1 48  ALA 48  45  45  ALA ALA A . n 
A 1 49  THR 49  46  46  THR THR A . n 
A 1 50  GLY 50  47  47  GLY GLY A . n 
A 1 51  LYS 51  48  48  LYS LYS A . n 
A 1 52  THR 52  49  49  THR THR A . n 
A 1 53  THR 53  50  50  THR THR A . n 
A 1 54  GLU 54  51  51  GLU GLU A . n 
A 1 55  PHE 55  52  52  PHE PHE A . n 
A 1 56  GLY 56  53  53  GLY GLY A . n 
A 1 57  GLU 57  54  54  GLU GLU A . n 
A 1 58  ILE 58  55  55  ILE ILE A . n 
A 1 59  HIS 59  56  56  HIS HIS A . n 
A 1 60  GLU 60  57  57  GLU GLU A . n 
A 1 61  LEU 61  58  58  LEU LEU A . n 
A 1 62  THR 62  59  59  THR THR A . n 
A 1 63  THR 63  60  60  THR THR A . n 
A 1 64  GLU 64  61  61  GLU GLU A . n 
A 1 65  GLU 65  62  62  GLU GLU A . n 
A 1 66  GLN 66  63  63  GLN GLN A . n 
A 1 67  PHE 67  64  64  PHE PHE A . n 
A 1 68  VAL 68  65  65  VAL VAL A . n 
A 1 69  GLU 69  66  66  GLU GLU A . n 
A 1 70  GLY 70  67  67  GLY GLY A . n 
A 1 71  VAL 71  68  68  VAL VAL A . n 
A 1 72  TYR 72  69  69  TYR TYR A . n 
A 1 73  ARG 73  70  70  ARG ARG A . n 
A 1 74  VAL 74  71  71  VAL VAL A . n 
A 1 75  GLU 75  72  72  GLU GLU A . n 
A 1 76  PHE 76  73  73  PHE PHE A . n 
A 1 77  ASP 77  74  74  ASP ASP A . n 
A 1 78  THR 78  75  75  THR THR A . n 
A 1 79  SER 79  76  76  SER SER A . n 
A 1 80  SER 80  77  77  SER SER A . n 
A 1 81  TYR 81  78  78  TYR TYR A . n 
A 1 82  TRP 82  79  79  TRP TRP A . n 
A 1 83  LYS 83  80  80  LYS LYS A . n 
A 1 84  GLY 84  81  81  GLY GLY A . n 
A 1 85  LEU 85  82  82  LEU LEU A . n 
A 1 86  GLY 86  83  83  GLY GLY A . n 
A 1 87  LEU 87  84  84  LEU LEU A . n 
A 1 88  SER 88  85  85  SER SER A . n 
A 1 89  PRO 89  86  86  PRO PRO A . n 
A 1 90  PHE 90  87  87  PHE PHE A . n 
A 1 91  HIS 91  88  88  HIS HIS A . n 
A 1 92  GLU 92  89  89  GLU GLU A . n 
A 1 93  TYR 93  90  90  TYR TYR A . n 
A 1 94  ALA 94  91  91  ALA ALA A . n 
A 1 95  ASP 95  92  92  ASP ASP A . n 
A 1 96  VAL 96  93  93  VAL VAL A . n 
A 1 97  VAL 97  94  94  VAL VAL A . n 
A 1 98  PHE 98  95  95  PHE PHE A . n 
A 1 99  THR 99  96  96  THR THR A . n 
A 1 100 ALA 100 97  97  ALA ALA A . n 
A 1 101 ASN 101 98  98  ASN ASN A . n 
A 1 102 ASP 102 99  99  ASP ASP A . n 
A 1 103 SER 103 100 100 SER SER A . n 
A 1 104 GLY 104 101 101 GLY GLY A . n 
A 1 105 HIS 105 102 102 HIS HIS A . n 
A 1 106 ARG 106 103 103 ARG ARG A . n 
A 1 107 HIS 107 104 104 HIS HIS A . n 
A 1 108 TYR 108 105 105 TYR TYR A . n 
A 1 109 THR 109 106 106 THR THR A . n 
A 1 110 ILE 110 107 107 ILE ILE A . n 
A 1 111 ALA 111 108 108 ALA ALA A . n 
A 1 112 ALA 112 109 109 ALA ALA A . n 
A 1 113 LEU 113 110 110 LEU LEU A . n 
A 1 114 LEU 114 111 111 LEU LEU A . n 
A 1 115 SER 115 112 112 SER SER A . n 
A 1 116 PRO 116 113 113 PRO PRO A . n 
A 1 117 PHE 117 114 114 PHE PHE A . n 
A 1 118 SER 118 115 115 SER SER A . n 
A 1 119 TYR 119 116 116 TYR TYR A . n 
A 1 120 SER 120 117 117 SER SER A . n 
A 1 121 THR 121 118 118 THR THR A . n 
A 1 122 THR 122 119 119 THR THR A . n 
A 1 123 ALA 123 120 120 ALA ALA A . n 
A 1 124 VAL 124 121 121 VAL VAL A . n 
A 1 125 VAL 125 122 122 VAL VAL A . n 
A 1 126 SER 126 123 123 SER SER A . n 
A 1 127 ASP 127 124 ?   ?   ?   A . n 
A 1 128 PRO 128 125 ?   ?   ?   A . n 
A 1 129 GLN 129 126 ?   ?   ?   A . n 
A 1 130 GLU 130 127 ?   ?   ?   A . n 
B 1 1   ALA 1   -2  ?   ?   ?   B . n 
B 1 2   PRO 2   -1  ?   ?   ?   B . n 
B 1 3   LEU 3   0   ?   ?   ?   B . n 
B 1 4   VAL 4   1   ?   ?   ?   B . n 
B 1 5   SER 5   2   ?   ?   ?   B . n 
B 1 6   HIS 6   3   ?   ?   ?   B . n 
B 1 7   GLY 7   4   ?   ?   ?   B . n 
B 1 8   SER 8   5   ?   ?   ?   B . n 
B 1 9   VAL 9   6   ?   ?   ?   B . n 
B 1 10  ASP 10  7   ?   ?   ?   B . n 
B 1 11  SER 11  8   ?   ?   ?   B . n 
B 1 12  LYS 12  9   ?   ?   ?   B . n 
B 1 13  CYS 13  10  10  CYS CYS B . n 
B 1 14  PRO 14  11  11  PRO PRO B . n 
B 1 15  LEU 15  12  12  LEU LEU B . n 
B 1 16  MET 16  13  13  MET MET B . n 
B 1 17  VAL 17  14  14  VAL VAL B . n 
B 1 18  LYS 18  15  15  LYS LYS B . n 
B 1 19  VAL 19  16  16  VAL VAL B . n 
B 1 20  LEU 20  17  17  LEU LEU B . n 
B 1 21  ASP 21  18  18  ASP ASP B . n 
B 1 22  ALA 22  19  19  ALA ALA B . n 
B 1 23  VAL 23  20  20  VAL VAL B . n 
B 1 24  ARG 24  21  21  ARG ARG B . n 
B 1 25  GLY 25  22  22  GLY GLY B . n 
B 1 26  SER 26  23  23  SER SER B . n 
B 1 27  PRO 27  24  24  PRO PRO B . n 
B 1 28  ALA 28  25  25  ALA ALA B . n 
B 1 29  ALA 29  26  26  ALA ALA B . n 
B 1 30  ASN 30  27  27  ASN ASN B . n 
B 1 31  VAL 31  28  28  VAL VAL B . n 
B 1 32  ALA 32  29  29  ALA ALA B . n 
B 1 33  VAL 33  30  30  VAL VAL B . n 
B 1 34  LYS 34  31  31  LYS LYS B . n 
B 1 35  VAL 35  32  32  VAL VAL B . n 
B 1 36  PHE 36  33  33  PHE PHE B . n 
B 1 37  LYS 37  34  34  LYS LYS B . n 
B 1 38  LYS 38  35  35  LYS LYS B . n 
B 1 39  ALA 39  36  36  ALA ALA B . n 
B 1 40  ALA 40  37  37  ALA ALA B . n 
B 1 41  ASP 41  38  38  ASP ASP B . n 
B 1 42  GLY 42  39  39  GLY GLY B . n 
B 1 43  THR 43  40  40  THR THR B . n 
B 1 44  TRP 44  41  41  TRP TRP B . n 
B 1 45  GLN 45  42  42  GLN GLN B . n 
B 1 46  ASP 46  43  43  ASP ASP B . n 
B 1 47  PHE 47  44  44  PHE PHE B . n 
B 1 48  ALA 48  45  45  ALA ALA B . n 
B 1 49  THR 49  46  46  THR THR B . n 
B 1 50  GLY 50  47  47  GLY GLY B . n 
B 1 51  LYS 51  48  48  LYS LYS B . n 
B 1 52  THR 52  49  49  THR THR B . n 
B 1 53  THR 53  50  50  THR THR B . n 
B 1 54  GLU 54  51  51  GLU GLU B . n 
B 1 55  PHE 55  52  52  PHE PHE B . n 
B 1 56  GLY 56  53  53  GLY GLY B . n 
B 1 57  GLU 57  54  54  GLU GLU B . n 
B 1 58  ILE 58  55  55  ILE ILE B . n 
B 1 59  HIS 59  56  56  HIS HIS B . n 
B 1 60  GLU 60  57  57  GLU GLU B . n 
B 1 61  LEU 61  58  58  LEU LEU B . n 
B 1 62  THR 62  59  59  THR THR B . n 
B 1 63  THR 63  60  60  THR THR B . n 
B 1 64  GLU 64  61  61  GLU GLU B . n 
B 1 65  GLU 65  62  62  GLU GLU B . n 
B 1 66  GLN 66  63  63  GLN GLN B . n 
B 1 67  PHE 67  64  64  PHE PHE B . n 
B 1 68  VAL 68  65  65  VAL VAL B . n 
B 1 69  GLU 69  66  66  GLU GLU B . n 
B 1 70  GLY 70  67  67  GLY GLY B . n 
B 1 71  VAL 71  68  68  VAL VAL B . n 
B 1 72  TYR 72  69  69  TYR TYR B . n 
B 1 73  ARG 73  70  70  ARG ARG B . n 
B 1 74  VAL 74  71  71  VAL VAL B . n 
B 1 75  GLU 75  72  72  GLU GLU B . n 
B 1 76  PHE 76  73  73  PHE PHE B . n 
B 1 77  ASP 77  74  74  ASP ASP B . n 
B 1 78  THR 78  75  75  THR THR B . n 
B 1 79  SER 79  76  76  SER SER B . n 
B 1 80  SER 80  77  77  SER SER B . n 
B 1 81  TYR 81  78  78  TYR TYR B . n 
B 1 82  TRP 82  79  79  TRP TRP B . n 
B 1 83  LYS 83  80  80  LYS LYS B . n 
B 1 84  GLY 84  81  81  GLY GLY B . n 
B 1 85  LEU 85  82  82  LEU LEU B . n 
B 1 86  GLY 86  83  83  GLY GLY B . n 
B 1 87  LEU 87  84  84  LEU LEU B . n 
B 1 88  SER 88  85  85  SER SER B . n 
B 1 89  PRO 89  86  86  PRO PRO B . n 
B 1 90  PHE 90  87  87  PHE PHE B . n 
B 1 91  HIS 91  88  88  HIS HIS B . n 
B 1 92  GLU 92  89  89  GLU GLU B . n 
B 1 93  TYR 93  90  90  TYR TYR B . n 
B 1 94  ALA 94  91  91  ALA ALA B . n 
B 1 95  ASP 95  92  92  ASP ASP B . n 
B 1 96  VAL 96  93  93  VAL VAL B . n 
B 1 97  VAL 97  94  94  VAL VAL B . n 
B 1 98  PHE 98  95  95  PHE PHE B . n 
B 1 99  THR 99  96  96  THR THR B . n 
B 1 100 ALA 100 97  97  ALA ALA B . n 
B 1 101 ASN 101 98  98  ASN ASN B . n 
B 1 102 ASP 102 99  99  ASP ASP B . n 
B 1 103 SER 103 100 100 SER SER B . n 
B 1 104 GLY 104 101 101 GLY GLY B . n 
B 1 105 HIS 105 102 102 HIS HIS B . n 
B 1 106 ARG 106 103 103 ARG ARG B . n 
B 1 107 HIS 107 104 104 HIS HIS B . n 
B 1 108 TYR 108 105 105 TYR TYR B . n 
B 1 109 THR 109 106 106 THR THR B . n 
B 1 110 ILE 110 107 107 ILE ILE B . n 
B 1 111 ALA 111 108 108 ALA ALA B . n 
B 1 112 ALA 112 109 109 ALA ALA B . n 
B 1 113 LEU 113 110 110 LEU LEU B . n 
B 1 114 LEU 114 111 111 LEU LEU B . n 
B 1 115 SER 115 112 112 SER SER B . n 
B 1 116 PRO 116 113 113 PRO PRO B . n 
B 1 117 PHE 117 114 114 PHE PHE B . n 
B 1 118 SER 118 115 115 SER SER B . n 
B 1 119 TYR 119 116 116 TYR TYR B . n 
B 1 120 SER 120 117 117 SER SER B . n 
B 1 121 THR 121 118 118 THR THR B . n 
B 1 122 THR 122 119 119 THR THR B . n 
B 1 123 ALA 123 120 120 ALA ALA B . n 
B 1 124 VAL 124 121 121 VAL VAL B . n 
B 1 125 VAL 125 122 122 VAL VAL B . n 
B 1 126 SER 126 123 123 SER SER B . n 
B 1 127 ASP 127 124 ?   ?   ?   B . n 
B 1 128 PRO 128 125 ?   ?   ?   B . n 
B 1 129 GLN 129 126 ?   ?   ?   B . n 
B 1 130 GLU 130 127 ?   ?   ?   B . n 
# 
loop_
_pdbx_nonpoly_scheme.asym_id 
_pdbx_nonpoly_scheme.entity_id 
_pdbx_nonpoly_scheme.mon_id 
_pdbx_nonpoly_scheme.ndb_seq_num 
_pdbx_nonpoly_scheme.pdb_seq_num 
_pdbx_nonpoly_scheme.auth_seq_num 
_pdbx_nonpoly_scheme.pdb_mon_id 
_pdbx_nonpoly_scheme.auth_mon_id 
_pdbx_nonpoly_scheme.pdb_strand_id 
_pdbx_nonpoly_scheme.pdb_ins_code 
C 2 SO4 1 128 1 SO4 SO4 B . 
D 3 HOH 1 128 1 HOH HOH A . 
# 
loop_
_pdbx_unobs_or_zero_occ_atoms.id 
_pdbx_unobs_or_zero_occ_atoms.PDB_model_num 
_pdbx_unobs_or_zero_occ_atoms.polymer_flag 
_pdbx_unobs_or_zero_occ_atoms.occupancy_flag 
_pdbx_unobs_or_zero_occ_atoms.auth_asym_id 
_pdbx_unobs_or_zero_occ_atoms.auth_comp_id 
_pdbx_unobs_or_zero_occ_atoms.auth_seq_id 
_pdbx_unobs_or_zero_occ_atoms.PDB_ins_code 
_pdbx_unobs_or_zero_occ_atoms.auth_atom_id 
_pdbx_unobs_or_zero_occ_atoms.label_alt_id 
_pdbx_unobs_or_zero_occ_atoms.label_asym_id 
_pdbx_unobs_or_zero_occ_atoms.label_comp_id 
_pdbx_unobs_or_zero_occ_atoms.label_seq_id 
_pdbx_unobs_or_zero_occ_atoms.label_atom_id 
1  1 Y 0 B ARG 103 ? CB  ? B ARG 106 CB  
2  1 Y 0 B ARG 103 ? CG  ? B ARG 106 CG  
3  1 Y 0 B ARG 103 ? CD  ? B ARG 106 CD  
4  1 Y 0 B ARG 103 ? NE  ? B ARG 106 NE  
5  1 Y 0 B ARG 103 ? CZ  ? B ARG 106 CZ  
6  1 Y 0 B ARG 103 ? NH1 ? B ARG 106 NH1 
7  1 Y 0 B ARG 103 ? NH2 ? B ARG 106 NH2 
8  1 N 1 B SO4 128 ? O1  ? C SO4 1   O1  
9  1 N 1 B SO4 128 ? O2  ? C SO4 1   O2  
10 1 N 1 B SO4 128 ? O3  ? C SO4 1   O3  
11 1 N 1 B SO4 128 ? O4  ? C SO4 1   O4  
# 
loop_
_software.name 
_software.classification 
_software.version 
_software.citation_id 
_software.pdbx_ordinal 
X-PLOR 'model building' . ? 1 
X-PLOR refinement       . ? 2 
DENZO  'data reduction' . ? 3 
X-PLOR phasing          . ? 4 
# 
_cell.entry_id           1TFP 
_cell.length_a           77.660 
_cell.length_b           77.660 
_cell.length_c           161.041 
_cell.angle_alpha        90.00 
_cell.angle_beta         90.00 
_cell.angle_gamma        120.00 
_cell.Z_PDB              24 
_cell.pdbx_unique_axis   ? 
# 
_symmetry.entry_id                         1TFP 
_symmetry.space_group_name_H-M             'P 65 2 2' 
_symmetry.pdbx_full_space_group_name_H-M   ? 
_symmetry.cell_setting                     ? 
_symmetry.Int_Tables_number                179 
# 
_exptl.entry_id          1TFP 
_exptl.method            'X-RAY DIFFRACTION' 
_exptl.crystals_number   ? 
# 
_exptl_crystal.id                    1 
_exptl_crystal.density_meas          ? 
_exptl_crystal.density_Matthews      2.47 
_exptl_crystal.density_percent_sol   62. 
_exptl_crystal.description           ? 
# 
_diffrn.id                     1 
_diffrn.ambient_temp           292 
_diffrn.ambient_temp_details   ? 
_diffrn.crystal_id             1 
# 
_diffrn_detector.diffrn_id              1 
_diffrn_detector.detector               'IMAGE PLATE' 
_diffrn_detector.type                   MARRESEARCH 
_diffrn_detector.pdbx_collection_date   ? 
_diffrn_detector.details                ? 
# 
_diffrn_radiation.diffrn_id                        1 
_diffrn_radiation.wavelength_id                    1 
_diffrn_radiation.pdbx_monochromatic_or_laue_m_l   M 
_diffrn_radiation.monochromator                    ? 
_diffrn_radiation.pdbx_diffrn_protocol             ? 
_diffrn_radiation.pdbx_scattering_type             x-ray 
# 
_diffrn_radiation_wavelength.id           1 
_diffrn_radiation_wavelength.wavelength   1.5418 
_diffrn_radiation_wavelength.wt           1.0 
# 
_diffrn_source.diffrn_id                   1 
_diffrn_source.source                      ? 
_diffrn_source.type                        ? 
_diffrn_source.pdbx_synchrotron_site       ? 
_diffrn_source.pdbx_synchrotron_beamline   ? 
_diffrn_source.pdbx_wavelength             1.5418 
_diffrn_source.pdbx_wavelength_list        ? 
# 
_reflns.entry_id                     1TFP 
_reflns.observed_criterion_sigma_I   2 
_reflns.observed_criterion_sigma_F   ? 
_reflns.d_resolution_low             100 
_reflns.d_resolution_high            2.80 
_reflns.number_obs                   10781 
_reflns.number_all                   ? 
_reflns.percent_possible_obs         78 
_reflns.pdbx_Rmerge_I_obs            0.0830000 
_reflns.pdbx_Rsym_value              ? 
_reflns.pdbx_netI_over_sigmaI        ? 
_reflns.B_iso_Wilson_estimate        ? 
_reflns.pdbx_redundancy              2.3 
_reflns.pdbx_diffrn_id               1 
_reflns.pdbx_ordinal                 1 
# 
_refine.entry_id                                 1TFP 
_refine.ls_number_reflns_obs                     24699 
_refine.ls_number_reflns_all                     ? 
_refine.pdbx_ls_sigma_I                          ? 
_refine.pdbx_ls_sigma_F                          0. 
_refine.pdbx_data_cutoff_high_absF               ? 
_refine.pdbx_data_cutoff_low_absF                ? 
_refine.pdbx_data_cutoff_high_rms_absF           ? 
_refine.ls_d_res_low                             8.0 
_refine.ls_d_res_high                            2.9 
_refine.ls_percent_reflns_obs                    86.8 
_refine.ls_R_factor_obs                          0.1990000 
_refine.ls_R_factor_all                          ? 
_refine.ls_R_factor_R_work                       0.1990000 
_refine.ls_R_factor_R_free                       ? 
_refine.ls_R_factor_R_free_error                 ? 
_refine.ls_R_factor_R_free_error_details         ? 
_refine.ls_percent_reflns_R_free                 ? 
_refine.ls_number_reflns_R_free                  ? 
_refine.ls_number_parameters                     ? 
_refine.ls_number_restraints                     ? 
_refine.occupancy_min                            ? 
_refine.occupancy_max                            ? 
_refine.B_iso_mean                               52.6 
_refine.aniso_B[1][1]                            ? 
_refine.aniso_B[2][2]                            ? 
_refine.aniso_B[3][3]                            ? 
_refine.aniso_B[1][2]                            ? 
_refine.aniso_B[1][3]                            ? 
_refine.aniso_B[2][3]                            ? 
_refine.solvent_model_details                    ? 
_refine.solvent_model_param_ksol                 ? 
_refine.solvent_model_param_bsol                 ? 
_refine.pdbx_ls_cross_valid_method               ? 
_refine.details                                  ? 
_refine.pdbx_starting_model                      ? 
_refine.pdbx_method_to_determine_struct          ? 
_refine.pdbx_isotropic_thermal_model             ? 
_refine.pdbx_stereochemistry_target_values       ? 
_refine.pdbx_stereochem_target_val_spec_case     ? 
_refine.pdbx_R_Free_selection_details            ? 
_refine.pdbx_overall_ESU_R                       ? 
_refine.pdbx_overall_ESU_R_Free                  ? 
_refine.overall_SU_ML                            ? 
_refine.overall_SU_B                             ? 
_refine.pdbx_refine_id                           'X-RAY DIFFRACTION' 
_refine.pdbx_diffrn_id                           1 
_refine.pdbx_TLS_residual_ADP_flag               ? 
_refine.correlation_coeff_Fo_to_Fc               ? 
_refine.correlation_coeff_Fo_to_Fc_free          ? 
_refine.pdbx_solvent_vdw_probe_radii             ? 
_refine.pdbx_solvent_ion_probe_radii             ? 
_refine.pdbx_solvent_shrinkage_radii             ? 
_refine.pdbx_overall_phase_error                 ? 
_refine.overall_SU_R_Cruickshank_DPI             ? 
_refine.pdbx_overall_SU_R_free_Cruickshank_DPI   ? 
_refine.pdbx_overall_SU_R_Blow_DPI               ? 
_refine.pdbx_overall_SU_R_free_Blow_DPI          ? 
# 
_refine_hist.pdbx_refine_id                   'X-RAY DIFFRACTION' 
_refine_hist.cycle_id                         LAST 
_refine_hist.pdbx_number_atoms_protein        1770 
_refine_hist.pdbx_number_atoms_nucleic_acid   0 
_refine_hist.pdbx_number_atoms_ligand         1 
_refine_hist.number_atoms_solvent             1 
_refine_hist.number_atoms_total               1772 
_refine_hist.d_res_high                       2.9 
_refine_hist.d_res_low                        8.0 
# 
loop_
_refine_ls_restr.type 
_refine_ls_restr.dev_ideal 
_refine_ls_restr.dev_ideal_target 
_refine_ls_restr.weight 
_refine_ls_restr.number 
_refine_ls_restr.pdbx_refine_id 
_refine_ls_restr.pdbx_restraint_function 
x_bond_d                0.011 ? ? ? 'X-RAY DIFFRACTION' ? 
x_bond_d_na             ?     ? ? ? 'X-RAY DIFFRACTION' ? 
x_bond_d_prot           ?     ? ? ? 'X-RAY DIFFRACTION' ? 
x_angle_d               ?     ? ? ? 'X-RAY DIFFRACTION' ? 
x_angle_d_na            ?     ? ? ? 'X-RAY DIFFRACTION' ? 
x_angle_d_prot          ?     ? ? ? 'X-RAY DIFFRACTION' ? 
x_angle_deg             1.677 ? ? ? 'X-RAY DIFFRACTION' ? 
x_angle_deg_na          ?     ? ? ? 'X-RAY DIFFRACTION' ? 
x_angle_deg_prot        ?     ? ? ? 'X-RAY DIFFRACTION' ? 
x_dihedral_angle_d      28.76 ? ? ? 'X-RAY DIFFRACTION' ? 
x_dihedral_angle_d_na   ?     ? ? ? 'X-RAY DIFFRACTION' ? 
x_dihedral_angle_d_prot ?     ? ? ? 'X-RAY DIFFRACTION' ? 
x_improper_angle_d      1.422 ? ? ? 'X-RAY DIFFRACTION' ? 
x_improper_angle_d_na   ?     ? ? ? 'X-RAY DIFFRACTION' ? 
x_improper_angle_d_prot ?     ? ? ? 'X-RAY DIFFRACTION' ? 
x_mcbond_it             1.5   ? ? ? 'X-RAY DIFFRACTION' ? 
x_mcangle_it            ?     ? ? ? 'X-RAY DIFFRACTION' ? 
x_scbond_it             ?     ? ? ? 'X-RAY DIFFRACTION' ? 
x_scangle_it            ?     ? ? ? 'X-RAY DIFFRACTION' ? 
# 
_struct_ncs_oper.id             1 
_struct_ncs_oper.code           given 
_struct_ncs_oper.details        ? 
_struct_ncs_oper.matrix[1][1]   -0.83661029 
_struct_ncs_oper.matrix[1][2]   -0.27513287 
_struct_ncs_oper.matrix[1][3]   -0.47369463 
_struct_ncs_oper.matrix[2][1]   -0.27876904 
_struct_ncs_oper.matrix[2][2]   -0.53050801 
_struct_ncs_oper.matrix[2][3]   0.80052218 
_struct_ncs_oper.matrix[3][1]   -0.47162346 
_struct_ncs_oper.matrix[3][2]   0.80170476 
_struct_ncs_oper.matrix[3][3]   0.36721830 
_struct_ncs_oper.vector[1]      -0.10578 
_struct_ncs_oper.vector[2]      0.16944 
_struct_ncs_oper.vector[3]      0.25651 
# 
_struct.entry_id                  1TFP 
_struct.title                     'TRANSTHYRETIN (FORMERLY KNOWN AS PREALBUMIN)' 
_struct.pdbx_model_details        ? 
_struct.pdbx_CASP_flag            ? 
_struct.pdbx_model_type_details   ? 
# 
_struct_keywords.entry_id        1TFP 
_struct_keywords.pdbx_keywords   'TRANSPORT (THYROXINE)' 
_struct_keywords.text            'TRANSPORT (THYROXINE), ALBUMIN, RETINOL-BINDING' 
# 
loop_
_struct_asym.id 
_struct_asym.pdbx_blank_PDB_chainid_flag 
_struct_asym.pdbx_modified 
_struct_asym.entity_id 
_struct_asym.details 
A N N 1 ? 
B N N 1 ? 
C N N 2 ? 
D N N 3 ? 
# 
_struct_ref.id                         1 
_struct_ref.db_name                    UNP 
_struct_ref.db_code                    TTHY_CHICK 
_struct_ref.entity_id                  1 
_struct_ref.pdbx_db_accession          P27731 
_struct_ref.pdbx_align_begin           1 
_struct_ref.pdbx_seq_one_letter_code   
;MAFHSTLLVFLAGLVFLSEAAPLVSHGSVDSKCPLMVKVLDAVRGSPAANVAVKVFKKAADGTWQDFATGKTTEFGEIHE
LTTEEQFVEGVYRVEFDTSSYWKGLGLSPFHEYADVVFTANDSGHRHYTIAALLSPFSYSTTAVVSDPQE
;
_struct_ref.pdbx_db_isoform            ? 
# 
loop_
_struct_ref_seq.align_id 
_struct_ref_seq.ref_id 
_struct_ref_seq.pdbx_PDB_id_code 
_struct_ref_seq.pdbx_strand_id 
_struct_ref_seq.seq_align_beg 
_struct_ref_seq.pdbx_seq_align_beg_ins_code 
_struct_ref_seq.seq_align_end 
_struct_ref_seq.pdbx_seq_align_end_ins_code 
_struct_ref_seq.pdbx_db_accession 
_struct_ref_seq.db_align_beg 
_struct_ref_seq.pdbx_db_align_beg_ins_code 
_struct_ref_seq.db_align_end 
_struct_ref_seq.pdbx_db_align_end_ins_code 
_struct_ref_seq.pdbx_auth_seq_align_beg 
_struct_ref_seq.pdbx_auth_seq_align_end 
1 1 1TFP A 1 ? 130 ? P27731 21 ? 150 ? -2 127 
2 1 1TFP B 1 ? 130 ? P27731 21 ? 150 ? -2 127 
# 
loop_
_pdbx_struct_assembly.id 
_pdbx_struct_assembly.details 
_pdbx_struct_assembly.method_details 
_pdbx_struct_assembly.oligomeric_details 
_pdbx_struct_assembly.oligomeric_count 
1 author_and_software_defined_assembly PISA dimeric    2 
2 software_defined_assembly            PISA tetrameric 4 
# 
loop_
_pdbx_struct_assembly_prop.biol_id 
_pdbx_struct_assembly_prop.type 
_pdbx_struct_assembly_prop.value 
_pdbx_struct_assembly_prop.details 
1 'ABSA (A^2)' 1980  ? 
1 MORE         -5    ? 
1 'SSA (A^2)'  11050 ? 
2 'ABSA (A^2)' 6840  ? 
2 MORE         -37   ? 
2 'SSA (A^2)'  19210 ? 
# 
loop_
_pdbx_struct_assembly_gen.assembly_id 
_pdbx_struct_assembly_gen.oper_expression 
_pdbx_struct_assembly_gen.asym_id_list 
1 1   A,B,C,D 
2 1,2 A,B,C,D 
# 
loop_
_pdbx_struct_oper_list.id 
_pdbx_struct_oper_list.type 
_pdbx_struct_oper_list.name 
_pdbx_struct_oper_list.symmetry_operation 
_pdbx_struct_oper_list.matrix[1][1] 
_pdbx_struct_oper_list.matrix[1][2] 
_pdbx_struct_oper_list.matrix[1][3] 
_pdbx_struct_oper_list.vector[1] 
_pdbx_struct_oper_list.matrix[2][1] 
_pdbx_struct_oper_list.matrix[2][2] 
_pdbx_struct_oper_list.matrix[2][3] 
_pdbx_struct_oper_list.vector[2] 
_pdbx_struct_oper_list.matrix[3][1] 
_pdbx_struct_oper_list.matrix[3][2] 
_pdbx_struct_oper_list.matrix[3][3] 
_pdbx_struct_oper_list.vector[3] 
1 'identity operation'         1_555  x,y,z          1.0000000000  0.0000000000 0.0000000000  0.0000000000  0.0000000000 1.0000000000 0.0000000000  0.0000000000  0.0000000000  0.0000000000  1.0000000000  0.0000000000  
2 'crystal symmetry operation' 12_544 x,x-y-1,-z-1/6 -0.3425157342 0.8918051845 -0.2955782210 -6.8911525585 0.8918051845 0.2096357715 -0.4009193887 12.0776614007 -0.2955782210 -0.4009193887 -0.8671200372 21.1114900537 
# 
_struct_biol.id   1 
# 
_struct_conf.conf_type_id            HELX_P 
_struct_conf.id                      HELX_P1 
_struct_conf.pdbx_PDB_helix_id       1 
_struct_conf.beg_label_comp_id       LYS 
_struct_conf.beg_label_asym_id       A 
_struct_conf.beg_label_seq_id        83 
_struct_conf.pdbx_beg_PDB_ins_code   ? 
_struct_conf.end_label_comp_id       LEU 
_struct_conf.end_label_asym_id       A 
_struct_conf.end_label_seq_id        85 
_struct_conf.pdbx_end_PDB_ins_code   ? 
_struct_conf.beg_auth_comp_id        LYS 
_struct_conf.beg_auth_asym_id        A 
_struct_conf.beg_auth_seq_id         80 
_struct_conf.end_auth_comp_id        LEU 
_struct_conf.end_auth_asym_id        A 
_struct_conf.end_auth_seq_id         82 
_struct_conf.pdbx_PDB_helix_class    5 
_struct_conf.details                 ? 
_struct_conf.pdbx_PDB_helix_length   3 
# 
_struct_conf_type.id          HELX_P 
_struct_conf_type.criteria    ? 
_struct_conf_type.reference   ? 
# 
loop_
_struct_sheet.id 
_struct_sheet.type 
_struct_sheet.number_strands 
_struct_sheet.details 
A ? 6 ? 
B ? 8 ? 
# 
loop_
_struct_sheet_order.sheet_id 
_struct_sheet_order.range_id_1 
_struct_sheet_order.range_id_2 
_struct_sheet_order.offset 
_struct_sheet_order.sense 
A 1 2 ? parallel      
A 2 3 ? anti-parallel 
A 3 4 ? anti-parallel 
A 4 5 ? anti-parallel 
A 5 6 ? parallel      
B 1 2 ? anti-parallel 
B 2 3 ? anti-parallel 
B 3 4 ? anti-parallel 
B 4 5 ? anti-parallel 
B 5 6 ? anti-parallel 
B 6 7 ? anti-parallel 
B 7 8 ? anti-parallel 
# 
loop_
_struct_sheet_range.sheet_id 
_struct_sheet_range.id 
_struct_sheet_range.beg_label_comp_id 
_struct_sheet_range.beg_label_asym_id 
_struct_sheet_range.beg_label_seq_id 
_struct_sheet_range.pdbx_beg_PDB_ins_code 
_struct_sheet_range.end_label_comp_id 
_struct_sheet_range.end_label_asym_id 
_struct_sheet_range.end_label_seq_id 
_struct_sheet_range.pdbx_end_PDB_ins_code 
_struct_sheet_range.beg_auth_comp_id 
_struct_sheet_range.beg_auth_asym_id 
_struct_sheet_range.beg_auth_seq_id 
_struct_sheet_range.end_auth_comp_id 
_struct_sheet_range.end_auth_asym_id 
_struct_sheet_range.end_auth_seq_id 
A 1 LEU A 15  ? ASP A 21  ? LEU A 12  ASP A 18  
A 2 TYR A 108 ? LEU A 114 ? TYR A 105 LEU A 111 
A 3 SER A 118 ? VAL A 125 ? SER A 115 VAL A 122 
A 4 SER B 118 ? VAL B 125 ? SER B 115 VAL B 122 
A 5 TYR B 108 ? LEU B 114 ? TYR B 105 LEU B 111 
A 6 LEU B 15  ? ASP B 21  ? LEU B 12  ASP B 18  
B 1 TRP B 44  ? LYS B 51  ? TRP B 41  LYS B 48  
B 2 ALA B 32  ? LYS B 38  ? ALA B 29  LYS B 35  
B 3 GLY B 70  ? ASP B 77  ? GLY B 67  ASP B 74  
B 4 GLU B 92  ? ALA B 100 ? GLU B 89  ALA B 97  
B 5 TYR A 93  ? ALA A 100 ? TYR A 90  ALA A 97  
B 6 GLY A 70  ? ASP A 77  ? GLY A 67  ASP A 74  
B 7 ALA A 32  ? LYS A 38  ? ALA A 29  LYS A 35  
B 8 TRP A 44  ? LYS A 51  ? TRP A 41  LYS A 48  
# 
loop_
_pdbx_struct_sheet_hbond.sheet_id 
_pdbx_struct_sheet_hbond.range_id_1 
_pdbx_struct_sheet_hbond.range_id_2 
_pdbx_struct_sheet_hbond.range_1_label_atom_id 
_pdbx_struct_sheet_hbond.range_1_label_comp_id 
_pdbx_struct_sheet_hbond.range_1_label_asym_id 
_pdbx_struct_sheet_hbond.range_1_label_seq_id 
_pdbx_struct_sheet_hbond.range_1_PDB_ins_code 
_pdbx_struct_sheet_hbond.range_1_auth_atom_id 
_pdbx_struct_sheet_hbond.range_1_auth_comp_id 
_pdbx_struct_sheet_hbond.range_1_auth_asym_id 
_pdbx_struct_sheet_hbond.range_1_auth_seq_id 
_pdbx_struct_sheet_hbond.range_2_label_atom_id 
_pdbx_struct_sheet_hbond.range_2_label_comp_id 
_pdbx_struct_sheet_hbond.range_2_label_asym_id 
_pdbx_struct_sheet_hbond.range_2_label_seq_id 
_pdbx_struct_sheet_hbond.range_2_PDB_ins_code 
_pdbx_struct_sheet_hbond.range_2_auth_atom_id 
_pdbx_struct_sheet_hbond.range_2_auth_comp_id 
_pdbx_struct_sheet_hbond.range_2_auth_asym_id 
_pdbx_struct_sheet_hbond.range_2_auth_seq_id 
A 1 2 O MET A 16  ? O MET A 13  N TYR A 108 ? N TYR A 105 
A 2 3 O THR A 109 ? O THR A 106 N VAL A 124 ? N VAL A 121 
A 3 4 O TYR A 119 ? O TYR A 116 N THR B 121 ? N THR B 118 
A 4 5 O SER B 120 ? O SER B 117 N LEU B 113 ? N LEU B 110 
A 5 6 O TYR B 108 ? O TYR B 105 N MET B 16  ? N MET B 13  
B 1 2 O GLN B 45  ? O GLN B 42  N LYS B 37  ? N LYS B 34  
B 2 3 O ALA B 32  ? O ALA B 29  N ASP B 77  ? N ASP B 74  
B 3 4 O GLY B 70  ? O GLY B 67  N ALA B 100 ? N ALA B 97  
B 4 5 O TYR B 93  ? O TYR B 90  N VAL A 97  ? N VAL A 94  
B 5 6 O ALA A 94  ? O ALA A 91  N PHE A 76  ? N PHE A 73  
B 6 7 O ARG A 73  ? O ARG A 70  N PHE A 36  ? N PHE A 33  
B 7 8 O VAL A 33  ? O VAL A 30  N GLY A 50  ? N GLY A 47  
# 
_struct_site.id                   AC1 
_struct_site.pdbx_evidence_code   Software 
_struct_site.pdbx_auth_asym_id    B 
_struct_site.pdbx_auth_comp_id    SO4 
_struct_site.pdbx_auth_seq_id     128 
_struct_site.pdbx_auth_ins_code   ? 
_struct_site.pdbx_num_residues    1 
_struct_site.details              'BINDING SITE FOR RESIDUE SO4 B 128' 
# 
_struct_site_gen.id                   1 
_struct_site_gen.site_id              AC1 
_struct_site_gen.pdbx_num_res         1 
_struct_site_gen.label_comp_id        SER 
_struct_site_gen.label_asym_id        B 
_struct_site_gen.label_seq_id         80 
_struct_site_gen.pdbx_auth_ins_code   ? 
_struct_site_gen.auth_comp_id         SER 
_struct_site_gen.auth_asym_id         B 
_struct_site_gen.auth_seq_id          77 
_struct_site_gen.label_atom_id        . 
_struct_site_gen.label_alt_id         ? 
_struct_site_gen.symmetry             1_555 
_struct_site_gen.details              ? 
# 
_pdbx_validate_rmsd_angle.id                         1 
_pdbx_validate_rmsd_angle.PDB_model_num              1 
_pdbx_validate_rmsd_angle.auth_atom_id_1             N 
_pdbx_validate_rmsd_angle.auth_asym_id_1             A 
_pdbx_validate_rmsd_angle.auth_comp_id_1             SER 
_pdbx_validate_rmsd_angle.auth_seq_id_1              117 
_pdbx_validate_rmsd_angle.PDB_ins_code_1             ? 
_pdbx_validate_rmsd_angle.label_alt_id_1             ? 
_pdbx_validate_rmsd_angle.auth_atom_id_2             CA 
_pdbx_validate_rmsd_angle.auth_asym_id_2             A 
_pdbx_validate_rmsd_angle.auth_comp_id_2             SER 
_pdbx_validate_rmsd_angle.auth_seq_id_2              117 
_pdbx_validate_rmsd_angle.PDB_ins_code_2             ? 
_pdbx_validate_rmsd_angle.label_alt_id_2             ? 
_pdbx_validate_rmsd_angle.auth_atom_id_3             CB 
_pdbx_validate_rmsd_angle.auth_asym_id_3             A 
_pdbx_validate_rmsd_angle.auth_comp_id_3             SER 
_pdbx_validate_rmsd_angle.auth_seq_id_3              117 
_pdbx_validate_rmsd_angle.PDB_ins_code_3             ? 
_pdbx_validate_rmsd_angle.label_alt_id_3             ? 
_pdbx_validate_rmsd_angle.angle_value                125.94 
_pdbx_validate_rmsd_angle.angle_target_value         110.50 
_pdbx_validate_rmsd_angle.angle_deviation            15.44 
_pdbx_validate_rmsd_angle.angle_standard_deviation   1.50 
_pdbx_validate_rmsd_angle.linker_flag                N 
# 
loop_
_pdbx_validate_torsion.id 
_pdbx_validate_torsion.PDB_model_num 
_pdbx_validate_torsion.auth_comp_id 
_pdbx_validate_torsion.auth_asym_id 
_pdbx_validate_torsion.auth_seq_id 
_pdbx_validate_torsion.PDB_ins_code 
_pdbx_validate_torsion.label_alt_id 
_pdbx_validate_torsion.phi 
_pdbx_validate_torsion.psi 
1  1 PHE A 44  ? ? -121.07 -63.31 
2  1 THR A 46  ? ? 176.80  145.56 
3  1 ASN A 98  ? ? 73.36   51.51  
4  1 SER A 100 ? ? 178.78  80.59  
5  1 PHE B 44  ? ? -121.48 -59.73 
6  1 THR B 46  ? ? 177.21  150.00 
7  1 GLU B 57  ? ? 65.50   61.78  
8  1 PHE B 87  ? ? -162.45 102.50 
9  1 HIS B 88  ? ? -67.72  98.75  
10 1 ASP B 99  ? ? -75.05  38.46  
11 1 SER B 100 ? ? 164.60  112.45 
# 
_pdbx_validate_planes.id              1 
_pdbx_validate_planes.PDB_model_num   1 
_pdbx_validate_planes.auth_comp_id    TYR 
_pdbx_validate_planes.auth_asym_id    A 
_pdbx_validate_planes.auth_seq_id     116 
_pdbx_validate_planes.PDB_ins_code    ? 
_pdbx_validate_planes.label_alt_id    ? 
_pdbx_validate_planes.rmsd            0.079 
_pdbx_validate_planes.type            'SIDE CHAIN' 
# 
loop_
_pdbx_unobs_or_zero_occ_residues.id 
_pdbx_unobs_or_zero_occ_residues.PDB_model_num 
_pdbx_unobs_or_zero_occ_residues.polymer_flag 
_pdbx_unobs_or_zero_occ_residues.occupancy_flag 
_pdbx_unobs_or_zero_occ_residues.auth_asym_id 
_pdbx_unobs_or_zero_occ_residues.auth_comp_id 
_pdbx_unobs_or_zero_occ_residues.auth_seq_id 
_pdbx_unobs_or_zero_occ_residues.PDB_ins_code 
_pdbx_unobs_or_zero_occ_residues.label_asym_id 
_pdbx_unobs_or_zero_occ_residues.label_comp_id 
_pdbx_unobs_or_zero_occ_residues.label_seq_id 
1  1 Y 1 A ALA -2  ? A ALA 1   
2  1 Y 1 A PRO -1  ? A PRO 2   
3  1 Y 1 A LEU 0   ? A LEU 3   
4  1 Y 1 A VAL 1   ? A VAL 4   
5  1 Y 1 A SER 2   ? A SER 5   
6  1 Y 1 A HIS 3   ? A HIS 6   
7  1 Y 1 A GLY 4   ? A GLY 7   
8  1 Y 1 A SER 5   ? A SER 8   
9  1 Y 1 A VAL 6   ? A VAL 9   
10 1 Y 1 A ASP 7   ? A ASP 10  
11 1 Y 1 A SER 8   ? A SER 11  
12 1 Y 1 A LYS 9   ? A LYS 12  
13 1 Y 1 A ASP 124 ? A ASP 127 
14 1 Y 1 A PRO 125 ? A PRO 128 
15 1 Y 1 A GLN 126 ? A GLN 129 
16 1 Y 1 A GLU 127 ? A GLU 130 
17 1 Y 1 B ALA -2  ? B ALA 1   
18 1 Y 1 B PRO -1  ? B PRO 2   
19 1 Y 1 B LEU 0   ? B LEU 3   
20 1 Y 1 B VAL 1   ? B VAL 4   
21 1 Y 1 B SER 2   ? B SER 5   
22 1 Y 1 B HIS 3   ? B HIS 6   
23 1 Y 1 B GLY 4   ? B GLY 7   
24 1 Y 1 B SER 5   ? B SER 8   
25 1 Y 1 B VAL 6   ? B VAL 9   
26 1 Y 1 B ASP 7   ? B ASP 10  
27 1 Y 1 B SER 8   ? B SER 11  
28 1 Y 1 B LYS 9   ? B LYS 12  
29 1 Y 1 B ASP 124 ? B ASP 127 
30 1 Y 1 B PRO 125 ? B PRO 128 
31 1 Y 1 B GLN 126 ? B GLN 129 
32 1 Y 1 B GLU 127 ? B GLU 130 
# 
loop_
_chem_comp_atom.comp_id 
_chem_comp_atom.atom_id 
_chem_comp_atom.type_symbol 
_chem_comp_atom.pdbx_aromatic_flag 
_chem_comp_atom.pdbx_stereo_config 
_chem_comp_atom.pdbx_ordinal 
ALA N    N N N 1   
ALA CA   C N S 2   
ALA C    C N N 3   
ALA O    O N N 4   
ALA CB   C N N 5   
ALA OXT  O N N 6   
ALA H    H N N 7   
ALA H2   H N N 8   
ALA HA   H N N 9   
ALA HB1  H N N 10  
ALA HB2  H N N 11  
ALA HB3  H N N 12  
ALA HXT  H N N 13  
ARG N    N N N 14  
ARG CA   C N S 15  
ARG C    C N N 16  
ARG O    O N N 17  
ARG CB   C N N 18  
ARG CG   C N N 19  
ARG CD   C N N 20  
ARG NE   N N N 21  
ARG CZ   C N N 22  
ARG NH1  N N N 23  
ARG NH2  N N N 24  
ARG OXT  O N N 25  
ARG H    H N N 26  
ARG H2   H N N 27  
ARG HA   H N N 28  
ARG HB2  H N N 29  
ARG HB3  H N N 30  
ARG HG2  H N N 31  
ARG HG3  H N N 32  
ARG HD2  H N N 33  
ARG HD3  H N N 34  
ARG HE   H N N 35  
ARG HH11 H N N 36  
ARG HH12 H N N 37  
ARG HH21 H N N 38  
ARG HH22 H N N 39  
ARG HXT  H N N 40  
ASN N    N N N 41  
ASN CA   C N S 42  
ASN C    C N N 43  
ASN O    O N N 44  
ASN CB   C N N 45  
ASN CG   C N N 46  
ASN OD1  O N N 47  
ASN ND2  N N N 48  
ASN OXT  O N N 49  
ASN H    H N N 50  
ASN H2   H N N 51  
ASN HA   H N N 52  
ASN HB2  H N N 53  
ASN HB3  H N N 54  
ASN HD21 H N N 55  
ASN HD22 H N N 56  
ASN HXT  H N N 57  
ASP N    N N N 58  
ASP CA   C N S 59  
ASP C    C N N 60  
ASP O    O N N 61  
ASP CB   C N N 62  
ASP CG   C N N 63  
ASP OD1  O N N 64  
ASP OD2  O N N 65  
ASP OXT  O N N 66  
ASP H    H N N 67  
ASP H2   H N N 68  
ASP HA   H N N 69  
ASP HB2  H N N 70  
ASP HB3  H N N 71  
ASP HD2  H N N 72  
ASP HXT  H N N 73  
CYS N    N N N 74  
CYS CA   C N R 75  
CYS C    C N N 76  
CYS O    O N N 77  
CYS CB   C N N 78  
CYS SG   S N N 79  
CYS OXT  O N N 80  
CYS H    H N N 81  
CYS H2   H N N 82  
CYS HA   H N N 83  
CYS HB2  H N N 84  
CYS HB3  H N N 85  
CYS HG   H N N 86  
CYS HXT  H N N 87  
GLN N    N N N 88  
GLN CA   C N S 89  
GLN C    C N N 90  
GLN O    O N N 91  
GLN CB   C N N 92  
GLN CG   C N N 93  
GLN CD   C N N 94  
GLN OE1  O N N 95  
GLN NE2  N N N 96  
GLN OXT  O N N 97  
GLN H    H N N 98  
GLN H2   H N N 99  
GLN HA   H N N 100 
GLN HB2  H N N 101 
GLN HB3  H N N 102 
GLN HG2  H N N 103 
GLN HG3  H N N 104 
GLN HE21 H N N 105 
GLN HE22 H N N 106 
GLN HXT  H N N 107 
GLU N    N N N 108 
GLU CA   C N S 109 
GLU C    C N N 110 
GLU O    O N N 111 
GLU CB   C N N 112 
GLU CG   C N N 113 
GLU CD   C N N 114 
GLU OE1  O N N 115 
GLU OE2  O N N 116 
GLU OXT  O N N 117 
GLU H    H N N 118 
GLU H2   H N N 119 
GLU HA   H N N 120 
GLU HB2  H N N 121 
GLU HB3  H N N 122 
GLU HG2  H N N 123 
GLU HG3  H N N 124 
GLU HE2  H N N 125 
GLU HXT  H N N 126 
GLY N    N N N 127 
GLY CA   C N N 128 
GLY C    C N N 129 
GLY O    O N N 130 
GLY OXT  O N N 131 
GLY H    H N N 132 
GLY H2   H N N 133 
GLY HA2  H N N 134 
GLY HA3  H N N 135 
GLY HXT  H N N 136 
HIS N    N N N 137 
HIS CA   C N S 138 
HIS C    C N N 139 
HIS O    O N N 140 
HIS CB   C N N 141 
HIS CG   C Y N 142 
HIS ND1  N Y N 143 
HIS CD2  C Y N 144 
HIS CE1  C Y N 145 
HIS NE2  N Y N 146 
HIS OXT  O N N 147 
HIS H    H N N 148 
HIS H2   H N N 149 
HIS HA   H N N 150 
HIS HB2  H N N 151 
HIS HB3  H N N 152 
HIS HD1  H N N 153 
HIS HD2  H N N 154 
HIS HE1  H N N 155 
HIS HE2  H N N 156 
HIS HXT  H N N 157 
HOH O    O N N 158 
HOH H1   H N N 159 
HOH H2   H N N 160 
ILE N    N N N 161 
ILE CA   C N S 162 
ILE C    C N N 163 
ILE O    O N N 164 
ILE CB   C N S 165 
ILE CG1  C N N 166 
ILE CG2  C N N 167 
ILE CD1  C N N 168 
ILE OXT  O N N 169 
ILE H    H N N 170 
ILE H2   H N N 171 
ILE HA   H N N 172 
ILE HB   H N N 173 
ILE HG12 H N N 174 
ILE HG13 H N N 175 
ILE HG21 H N N 176 
ILE HG22 H N N 177 
ILE HG23 H N N 178 
ILE HD11 H N N 179 
ILE HD12 H N N 180 
ILE HD13 H N N 181 
ILE HXT  H N N 182 
LEU N    N N N 183 
LEU CA   C N S 184 
LEU C    C N N 185 
LEU O    O N N 186 
LEU CB   C N N 187 
LEU CG   C N N 188 
LEU CD1  C N N 189 
LEU CD2  C N N 190 
LEU OXT  O N N 191 
LEU H    H N N 192 
LEU H2   H N N 193 
LEU HA   H N N 194 
LEU HB2  H N N 195 
LEU HB3  H N N 196 
LEU HG   H N N 197 
LEU HD11 H N N 198 
LEU HD12 H N N 199 
LEU HD13 H N N 200 
LEU HD21 H N N 201 
LEU HD22 H N N 202 
LEU HD23 H N N 203 
LEU HXT  H N N 204 
LYS N    N N N 205 
LYS CA   C N S 206 
LYS C    C N N 207 
LYS O    O N N 208 
LYS CB   C N N 209 
LYS CG   C N N 210 
LYS CD   C N N 211 
LYS CE   C N N 212 
LYS NZ   N N N 213 
LYS OXT  O N N 214 
LYS H    H N N 215 
LYS H2   H N N 216 
LYS HA   H N N 217 
LYS HB2  H N N 218 
LYS HB3  H N N 219 
LYS HG2  H N N 220 
LYS HG3  H N N 221 
LYS HD2  H N N 222 
LYS HD3  H N N 223 
LYS HE2  H N N 224 
LYS HE3  H N N 225 
LYS HZ1  H N N 226 
LYS HZ2  H N N 227 
LYS HZ3  H N N 228 
LYS HXT  H N N 229 
MET N    N N N 230 
MET CA   C N S 231 
MET C    C N N 232 
MET O    O N N 233 
MET CB   C N N 234 
MET CG   C N N 235 
MET SD   S N N 236 
MET CE   C N N 237 
MET OXT  O N N 238 
MET H    H N N 239 
MET H2   H N N 240 
MET HA   H N N 241 
MET HB2  H N N 242 
MET HB3  H N N 243 
MET HG2  H N N 244 
MET HG3  H N N 245 
MET HE1  H N N 246 
MET HE2  H N N 247 
MET HE3  H N N 248 
MET HXT  H N N 249 
PHE N    N N N 250 
PHE CA   C N S 251 
PHE C    C N N 252 
PHE O    O N N 253 
PHE CB   C N N 254 
PHE CG   C Y N 255 
PHE CD1  C Y N 256 
PHE CD2  C Y N 257 
PHE CE1  C Y N 258 
PHE CE2  C Y N 259 
PHE CZ   C Y N 260 
PHE OXT  O N N 261 
PHE H    H N N 262 
PHE H2   H N N 263 
PHE HA   H N N 264 
PHE HB2  H N N 265 
PHE HB3  H N N 266 
PHE HD1  H N N 267 
PHE HD2  H N N 268 
PHE HE1  H N N 269 
PHE HE2  H N N 270 
PHE HZ   H N N 271 
PHE HXT  H N N 272 
PRO N    N N N 273 
PRO CA   C N S 274 
PRO C    C N N 275 
PRO O    O N N 276 
PRO CB   C N N 277 
PRO CG   C N N 278 
PRO CD   C N N 279 
PRO OXT  O N N 280 
PRO H    H N N 281 
PRO HA   H N N 282 
PRO HB2  H N N 283 
PRO HB3  H N N 284 
PRO HG2  H N N 285 
PRO HG3  H N N 286 
PRO HD2  H N N 287 
PRO HD3  H N N 288 
PRO HXT  H N N 289 
SER N    N N N 290 
SER CA   C N S 291 
SER C    C N N 292 
SER O    O N N 293 
SER CB   C N N 294 
SER OG   O N N 295 
SER OXT  O N N 296 
SER H    H N N 297 
SER H2   H N N 298 
SER HA   H N N 299 
SER HB2  H N N 300 
SER HB3  H N N 301 
SER HG   H N N 302 
SER HXT  H N N 303 
SO4 S    S N N 304 
SO4 O1   O N N 305 
SO4 O2   O N N 306 
SO4 O3   O N N 307 
SO4 O4   O N N 308 
THR N    N N N 309 
THR CA   C N S 310 
THR C    C N N 311 
THR O    O N N 312 
THR CB   C N R 313 
THR OG1  O N N 314 
THR CG2  C N N 315 
THR OXT  O N N 316 
THR H    H N N 317 
THR H2   H N N 318 
THR HA   H N N 319 
THR HB   H N N 320 
THR HG1  H N N 321 
THR HG21 H N N 322 
THR HG22 H N N 323 
THR HG23 H N N 324 
THR HXT  H N N 325 
TRP N    N N N 326 
TRP CA   C N S 327 
TRP C    C N N 328 
TRP O    O N N 329 
TRP CB   C N N 330 
TRP CG   C Y N 331 
TRP CD1  C Y N 332 
TRP CD2  C Y N 333 
TRP NE1  N Y N 334 
TRP CE2  C Y N 335 
TRP CE3  C Y N 336 
TRP CZ2  C Y N 337 
TRP CZ3  C Y N 338 
TRP CH2  C Y N 339 
TRP OXT  O N N 340 
TRP H    H N N 341 
TRP H2   H N N 342 
TRP HA   H N N 343 
TRP HB2  H N N 344 
TRP HB3  H N N 345 
TRP HD1  H N N 346 
TRP HE1  H N N 347 
TRP HE3  H N N 348 
TRP HZ2  H N N 349 
TRP HZ3  H N N 350 
TRP HH2  H N N 351 
TRP HXT  H N N 352 
TYR N    N N N 353 
TYR CA   C N S 354 
TYR C    C N N 355 
TYR O    O N N 356 
TYR CB   C N N 357 
TYR CG   C Y N 358 
TYR CD1  C Y N 359 
TYR CD2  C Y N 360 
TYR CE1  C Y N 361 
TYR CE2  C Y N 362 
TYR CZ   C Y N 363 
TYR OH   O N N 364 
TYR OXT  O N N 365 
TYR H    H N N 366 
TYR H2   H N N 367 
TYR HA   H N N 368 
TYR HB2  H N N 369 
TYR HB3  H N N 370 
TYR HD1  H N N 371 
TYR HD2  H N N 372 
TYR HE1  H N N 373 
TYR HE2  H N N 374 
TYR HH   H N N 375 
TYR HXT  H N N 376 
VAL N    N N N 377 
VAL CA   C N S 378 
VAL C    C N N 379 
VAL O    O N N 380 
VAL CB   C N N 381 
VAL CG1  C N N 382 
VAL CG2  C N N 383 
VAL OXT  O N N 384 
VAL H    H N N 385 
VAL H2   H N N 386 
VAL HA   H N N 387 
VAL HB   H N N 388 
VAL HG11 H N N 389 
VAL HG12 H N N 390 
VAL HG13 H N N 391 
VAL HG21 H N N 392 
VAL HG22 H N N 393 
VAL HG23 H N N 394 
VAL HXT  H N N 395 
# 
loop_
_chem_comp_bond.comp_id 
_chem_comp_bond.atom_id_1 
_chem_comp_bond.atom_id_2 
_chem_comp_bond.value_order 
_chem_comp_bond.pdbx_aromatic_flag 
_chem_comp_bond.pdbx_stereo_config 
_chem_comp_bond.pdbx_ordinal 
ALA N   CA   sing N N 1   
ALA N   H    sing N N 2   
ALA N   H2   sing N N 3   
ALA CA  C    sing N N 4   
ALA CA  CB   sing N N 5   
ALA CA  HA   sing N N 6   
ALA C   O    doub N N 7   
ALA C   OXT  sing N N 8   
ALA CB  HB1  sing N N 9   
ALA CB  HB2  sing N N 10  
ALA CB  HB3  sing N N 11  
ALA OXT HXT  sing N N 12  
ARG N   CA   sing N N 13  
ARG N   H    sing N N 14  
ARG N   H2   sing N N 15  
ARG CA  C    sing N N 16  
ARG CA  CB   sing N N 17  
ARG CA  HA   sing N N 18  
ARG C   O    doub N N 19  
ARG C   OXT  sing N N 20  
ARG CB  CG   sing N N 21  
ARG CB  HB2  sing N N 22  
ARG CB  HB3  sing N N 23  
ARG CG  CD   sing N N 24  
ARG CG  HG2  sing N N 25  
ARG CG  HG3  sing N N 26  
ARG CD  NE   sing N N 27  
ARG CD  HD2  sing N N 28  
ARG CD  HD3  sing N N 29  
ARG NE  CZ   sing N N 30  
ARG NE  HE   sing N N 31  
ARG CZ  NH1  sing N N 32  
ARG CZ  NH2  doub N N 33  
ARG NH1 HH11 sing N N 34  
ARG NH1 HH12 sing N N 35  
ARG NH2 HH21 sing N N 36  
ARG NH2 HH22 sing N N 37  
ARG OXT HXT  sing N N 38  
ASN N   CA   sing N N 39  
ASN N   H    sing N N 40  
ASN N   H2   sing N N 41  
ASN CA  C    sing N N 42  
ASN CA  CB   sing N N 43  
ASN CA  HA   sing N N 44  
ASN C   O    doub N N 45  
ASN C   OXT  sing N N 46  
ASN CB  CG   sing N N 47  
ASN CB  HB2  sing N N 48  
ASN CB  HB3  sing N N 49  
ASN CG  OD1  doub N N 50  
ASN CG  ND2  sing N N 51  
ASN ND2 HD21 sing N N 52  
ASN ND2 HD22 sing N N 53  
ASN OXT HXT  sing N N 54  
ASP N   CA   sing N N 55  
ASP N   H    sing N N 56  
ASP N   H2   sing N N 57  
ASP CA  C    sing N N 58  
ASP CA  CB   sing N N 59  
ASP CA  HA   sing N N 60  
ASP C   O    doub N N 61  
ASP C   OXT  sing N N 62  
ASP CB  CG   sing N N 63  
ASP CB  HB2  sing N N 64  
ASP CB  HB3  sing N N 65  
ASP CG  OD1  doub N N 66  
ASP CG  OD2  sing N N 67  
ASP OD2 HD2  sing N N 68  
ASP OXT HXT  sing N N 69  
CYS N   CA   sing N N 70  
CYS N   H    sing N N 71  
CYS N   H2   sing N N 72  
CYS CA  C    sing N N 73  
CYS CA  CB   sing N N 74  
CYS CA  HA   sing N N 75  
CYS C   O    doub N N 76  
CYS C   OXT  sing N N 77  
CYS CB  SG   sing N N 78  
CYS CB  HB2  sing N N 79  
CYS CB  HB3  sing N N 80  
CYS SG  HG   sing N N 81  
CYS OXT HXT  sing N N 82  
GLN N   CA   sing N N 83  
GLN N   H    sing N N 84  
GLN N   H2   sing N N 85  
GLN CA  C    sing N N 86  
GLN CA  CB   sing N N 87  
GLN CA  HA   sing N N 88  
GLN C   O    doub N N 89  
GLN C   OXT  sing N N 90  
GLN CB  CG   sing N N 91  
GLN CB  HB2  sing N N 92  
GLN CB  HB3  sing N N 93  
GLN CG  CD   sing N N 94  
GLN CG  HG2  sing N N 95  
GLN CG  HG3  sing N N 96  
GLN CD  OE1  doub N N 97  
GLN CD  NE2  sing N N 98  
GLN NE2 HE21 sing N N 99  
GLN NE2 HE22 sing N N 100 
GLN OXT HXT  sing N N 101 
GLU N   CA   sing N N 102 
GLU N   H    sing N N 103 
GLU N   H2   sing N N 104 
GLU CA  C    sing N N 105 
GLU CA  CB   sing N N 106 
GLU CA  HA   sing N N 107 
GLU C   O    doub N N 108 
GLU C   OXT  sing N N 109 
GLU CB  CG   sing N N 110 
GLU CB  HB2  sing N N 111 
GLU CB  HB3  sing N N 112 
GLU CG  CD   sing N N 113 
GLU CG  HG2  sing N N 114 
GLU CG  HG3  sing N N 115 
GLU CD  OE1  doub N N 116 
GLU CD  OE2  sing N N 117 
GLU OE2 HE2  sing N N 118 
GLU OXT HXT  sing N N 119 
GLY N   CA   sing N N 120 
GLY N   H    sing N N 121 
GLY N   H2   sing N N 122 
GLY CA  C    sing N N 123 
GLY CA  HA2  sing N N 124 
GLY CA  HA3  sing N N 125 
GLY C   O    doub N N 126 
GLY C   OXT  sing N N 127 
GLY OXT HXT  sing N N 128 
HIS N   CA   sing N N 129 
HIS N   H    sing N N 130 
HIS N   H2   sing N N 131 
HIS CA  C    sing N N 132 
HIS CA  CB   sing N N 133 
HIS CA  HA   sing N N 134 
HIS C   O    doub N N 135 
HIS C   OXT  sing N N 136 
HIS CB  CG   sing N N 137 
HIS CB  HB2  sing N N 138 
HIS CB  HB3  sing N N 139 
HIS CG  ND1  sing Y N 140 
HIS CG  CD2  doub Y N 141 
HIS ND1 CE1  doub Y N 142 
HIS ND1 HD1  sing N N 143 
HIS CD2 NE2  sing Y N 144 
HIS CD2 HD2  sing N N 145 
HIS CE1 NE2  sing Y N 146 
HIS CE1 HE1  sing N N 147 
HIS NE2 HE2  sing N N 148 
HIS OXT HXT  sing N N 149 
HOH O   H1   sing N N 150 
HOH O   H2   sing N N 151 
ILE N   CA   sing N N 152 
ILE N   H    sing N N 153 
ILE N   H2   sing N N 154 
ILE CA  C    sing N N 155 
ILE CA  CB   sing N N 156 
ILE CA  HA   sing N N 157 
ILE C   O    doub N N 158 
ILE C   OXT  sing N N 159 
ILE CB  CG1  sing N N 160 
ILE CB  CG2  sing N N 161 
ILE CB  HB   sing N N 162 
ILE CG1 CD1  sing N N 163 
ILE CG1 HG12 sing N N 164 
ILE CG1 HG13 sing N N 165 
ILE CG2 HG21 sing N N 166 
ILE CG2 HG22 sing N N 167 
ILE CG2 HG23 sing N N 168 
ILE CD1 HD11 sing N N 169 
ILE CD1 HD12 sing N N 170 
ILE CD1 HD13 sing N N 171 
ILE OXT HXT  sing N N 172 
LEU N   CA   sing N N 173 
LEU N   H    sing N N 174 
LEU N   H2   sing N N 175 
LEU CA  C    sing N N 176 
LEU CA  CB   sing N N 177 
LEU CA  HA   sing N N 178 
LEU C   O    doub N N 179 
LEU C   OXT  sing N N 180 
LEU CB  CG   sing N N 181 
LEU CB  HB2  sing N N 182 
LEU CB  HB3  sing N N 183 
LEU CG  CD1  sing N N 184 
LEU CG  CD2  sing N N 185 
LEU CG  HG   sing N N 186 
LEU CD1 HD11 sing N N 187 
LEU CD1 HD12 sing N N 188 
LEU CD1 HD13 sing N N 189 
LEU CD2 HD21 sing N N 190 
LEU CD2 HD22 sing N N 191 
LEU CD2 HD23 sing N N 192 
LEU OXT HXT  sing N N 193 
LYS N   CA   sing N N 194 
LYS N   H    sing N N 195 
LYS N   H2   sing N N 196 
LYS CA  C    sing N N 197 
LYS CA  CB   sing N N 198 
LYS CA  HA   sing N N 199 
LYS C   O    doub N N 200 
LYS C   OXT  sing N N 201 
LYS CB  CG   sing N N 202 
LYS CB  HB2  sing N N 203 
LYS CB  HB3  sing N N 204 
LYS CG  CD   sing N N 205 
LYS CG  HG2  sing N N 206 
LYS CG  HG3  sing N N 207 
LYS CD  CE   sing N N 208 
LYS CD  HD2  sing N N 209 
LYS CD  HD3  sing N N 210 
LYS CE  NZ   sing N N 211 
LYS CE  HE2  sing N N 212 
LYS CE  HE3  sing N N 213 
LYS NZ  HZ1  sing N N 214 
LYS NZ  HZ2  sing N N 215 
LYS NZ  HZ3  sing N N 216 
LYS OXT HXT  sing N N 217 
MET N   CA   sing N N 218 
MET N   H    sing N N 219 
MET N   H2   sing N N 220 
MET CA  C    sing N N 221 
MET CA  CB   sing N N 222 
MET CA  HA   sing N N 223 
MET C   O    doub N N 224 
MET C   OXT  sing N N 225 
MET CB  CG   sing N N 226 
MET CB  HB2  sing N N 227 
MET CB  HB3  sing N N 228 
MET CG  SD   sing N N 229 
MET CG  HG2  sing N N 230 
MET CG  HG3  sing N N 231 
MET SD  CE   sing N N 232 
MET CE  HE1  sing N N 233 
MET CE  HE2  sing N N 234 
MET CE  HE3  sing N N 235 
MET OXT HXT  sing N N 236 
PHE N   CA   sing N N 237 
PHE N   H    sing N N 238 
PHE N   H2   sing N N 239 
PHE CA  C    sing N N 240 
PHE CA  CB   sing N N 241 
PHE CA  HA   sing N N 242 
PHE C   O    doub N N 243 
PHE C   OXT  sing N N 244 
PHE CB  CG   sing N N 245 
PHE CB  HB2  sing N N 246 
PHE CB  HB3  sing N N 247 
PHE CG  CD1  doub Y N 248 
PHE CG  CD2  sing Y N 249 
PHE CD1 CE1  sing Y N 250 
PHE CD1 HD1  sing N N 251 
PHE CD2 CE2  doub Y N 252 
PHE CD2 HD2  sing N N 253 
PHE CE1 CZ   doub Y N 254 
PHE CE1 HE1  sing N N 255 
PHE CE2 CZ   sing Y N 256 
PHE CE2 HE2  sing N N 257 
PHE CZ  HZ   sing N N 258 
PHE OXT HXT  sing N N 259 
PRO N   CA   sing N N 260 
PRO N   CD   sing N N 261 
PRO N   H    sing N N 262 
PRO CA  C    sing N N 263 
PRO CA  CB   sing N N 264 
PRO CA  HA   sing N N 265 
PRO C   O    doub N N 266 
PRO C   OXT  sing N N 267 
PRO CB  CG   sing N N 268 
PRO CB  HB2  sing N N 269 
PRO CB  HB3  sing N N 270 
PRO CG  CD   sing N N 271 
PRO CG  HG2  sing N N 272 
PRO CG  HG3  sing N N 273 
PRO CD  HD2  sing N N 274 
PRO CD  HD3  sing N N 275 
PRO OXT HXT  sing N N 276 
SER N   CA   sing N N 277 
SER N   H    sing N N 278 
SER N   H2   sing N N 279 
SER CA  C    sing N N 280 
SER CA  CB   sing N N 281 
SER CA  HA   sing N N 282 
SER C   O    doub N N 283 
SER C   OXT  sing N N 284 
SER CB  OG   sing N N 285 
SER CB  HB2  sing N N 286 
SER CB  HB3  sing N N 287 
SER OG  HG   sing N N 288 
SER OXT HXT  sing N N 289 
SO4 S   O1   doub N N 290 
SO4 S   O2   doub N N 291 
SO4 S   O3   sing N N 292 
SO4 S   O4   sing N N 293 
THR N   CA   sing N N 294 
THR N   H    sing N N 295 
THR N   H2   sing N N 296 
THR CA  C    sing N N 297 
THR CA  CB   sing N N 298 
THR CA  HA   sing N N 299 
THR C   O    doub N N 300 
THR C   OXT  sing N N 301 
THR CB  OG1  sing N N 302 
THR CB  CG2  sing N N 303 
THR CB  HB   sing N N 304 
THR OG1 HG1  sing N N 305 
THR CG2 HG21 sing N N 306 
THR CG2 HG22 sing N N 307 
THR CG2 HG23 sing N N 308 
THR OXT HXT  sing N N 309 
TRP N   CA   sing N N 310 
TRP N   H    sing N N 311 
TRP N   H2   sing N N 312 
TRP CA  C    sing N N 313 
TRP CA  CB   sing N N 314 
TRP CA  HA   sing N N 315 
TRP C   O    doub N N 316 
TRP C   OXT  sing N N 317 
TRP CB  CG   sing N N 318 
TRP CB  HB2  sing N N 319 
TRP CB  HB3  sing N N 320 
TRP CG  CD1  doub Y N 321 
TRP CG  CD2  sing Y N 322 
TRP CD1 NE1  sing Y N 323 
TRP CD1 HD1  sing N N 324 
TRP CD2 CE2  doub Y N 325 
TRP CD2 CE3  sing Y N 326 
TRP NE1 CE2  sing Y N 327 
TRP NE1 HE1  sing N N 328 
TRP CE2 CZ2  sing Y N 329 
TRP CE3 CZ3  doub Y N 330 
TRP CE3 HE3  sing N N 331 
TRP CZ2 CH2  doub Y N 332 
TRP CZ2 HZ2  sing N N 333 
TRP CZ3 CH2  sing Y N 334 
TRP CZ3 HZ3  sing N N 335 
TRP CH2 HH2  sing N N 336 
TRP OXT HXT  sing N N 337 
TYR N   CA   sing N N 338 
TYR N   H    sing N N 339 
TYR N   H2   sing N N 340 
TYR CA  C    sing N N 341 
TYR CA  CB   sing N N 342 
TYR CA  HA   sing N N 343 
TYR C   O    doub N N 344 
TYR C   OXT  sing N N 345 
TYR CB  CG   sing N N 346 
TYR CB  HB2  sing N N 347 
TYR CB  HB3  sing N N 348 
TYR CG  CD1  doub Y N 349 
TYR CG  CD2  sing Y N 350 
TYR CD1 CE1  sing Y N 351 
TYR CD1 HD1  sing N N 352 
TYR CD2 CE2  doub Y N 353 
TYR CD2 HD2  sing N N 354 
TYR CE1 CZ   doub Y N 355 
TYR CE1 HE1  sing N N 356 
TYR CE2 CZ   sing Y N 357 
TYR CE2 HE2  sing N N 358 
TYR CZ  OH   sing N N 359 
TYR OH  HH   sing N N 360 
TYR OXT HXT  sing N N 361 
VAL N   CA   sing N N 362 
VAL N   H    sing N N 363 
VAL N   H2   sing N N 364 
VAL CA  C    sing N N 365 
VAL CA  CB   sing N N 366 
VAL CA  HA   sing N N 367 
VAL C   O    doub N N 368 
VAL C   OXT  sing N N 369 
VAL CB  CG1  sing N N 370 
VAL CB  CG2  sing N N 371 
VAL CB  HB   sing N N 372 
VAL CG1 HG11 sing N N 373 
VAL CG1 HG12 sing N N 374 
VAL CG1 HG13 sing N N 375 
VAL CG2 HG21 sing N N 376 
VAL CG2 HG22 sing N N 377 
VAL CG2 HG23 sing N N 378 
VAL OXT HXT  sing N N 379 
# 
_atom_sites.entry_id                    1TFP 
_atom_sites.fract_transf_matrix[1][1]   0.00852490 
_atom_sites.fract_transf_matrix[1][2]   0.01156377 
_atom_sites.fract_transf_matrix[1][3]   -0.00383234 
_atom_sites.fract_transf_matrix[2][1]   0.01212963 
_atom_sites.fract_transf_matrix[2][2]   -0.00214339 
_atom_sites.fract_transf_matrix[2][3]   -0.00832856 
_atom_sites.fract_transf_matrix[3][1]   -0.00339008 
_atom_sites.fract_transf_matrix[3][2]   0.00079512 
_atom_sites.fract_transf_matrix[3][3]   -0.00514191 
_atom_sites.fract_transf_vector[1]      0.071166 
_atom_sites.fract_transf_vector[2]      -0.321783 
_atom_sites.fract_transf_vector[3]      -0.045544 
# 
loop_
_atom_type.symbol 
C 
N 
O 
S 
# 
loop_
_atom_site.group_PDB 
_atom_site.id 
_atom_site.type_symbol 
_atom_site.label_atom_id 
_atom_site.label_alt_id 
_atom_site.label_comp_id 
_atom_site.label_asym_id 
_atom_site.label_entity_id 
_atom_site.label_seq_id 
_atom_site.pdbx_PDB_ins_code 
_atom_site.Cartn_x 
_atom_site.Cartn_y 
_atom_site.Cartn_z 
_atom_site.occupancy 
_atom_site.B_iso_or_equiv 
_atom_site.pdbx_formal_charge 
_atom_site.auth_seq_id 
_atom_site.auth_comp_id 
_atom_site.auth_asym_id 
_atom_site.auth_atom_id 
_atom_site.pdbx_PDB_model_num 
ATOM   1    N N   . CYS A 1 13  ? 9.854   19.710  -6.683  1.00 46.29  ? 10  CYS A N   1 
ATOM   2    C CA  . CYS A 1 13  ? 9.626   18.665  -7.725  1.00 42.15  ? 10  CYS A CA  1 
ATOM   3    C C   . CYS A 1 13  ? 8.123   18.365  -7.807  1.00 35.20  ? 10  CYS A C   1 
ATOM   4    O O   . CYS A 1 13  ? 7.353   18.774  -6.936  1.00 32.34  ? 10  CYS A O   1 
ATOM   5    C CB  . CYS A 1 13  ? 10.411  17.393  -7.362  1.00 49.24  ? 10  CYS A CB  1 
ATOM   6    S SG  . CYS A 1 13  ? 11.759  17.657  -6.125  1.00 69.60  ? 10  CYS A SG  1 
ATOM   7    N N   . PRO A 1 14  ? 7.670   17.762  -8.914  1.00 32.17  ? 11  PRO A N   1 
ATOM   8    C CA  . PRO A 1 14  ? 6.242   17.459  -9.011  1.00 27.50  ? 11  PRO A CA  1 
ATOM   9    C C   . PRO A 1 14  ? 5.835   16.337  -8.066  1.00 22.59  ? 11  PRO A C   1 
ATOM   10   O O   . PRO A 1 14  ? 4.706   16.301  -7.617  1.00 24.55  ? 11  PRO A O   1 
ATOM   11   C CB  . PRO A 1 14  ? 6.078   17.039  -10.476 1.00 27.81  ? 11  PRO A CB  1 
ATOM   12   C CG  . PRO A 1 14  ? 7.427   16.467  -10.838 1.00 22.56  ? 11  PRO A CG  1 
ATOM   13   C CD  . PRO A 1 14  ? 8.356   17.472  -10.189 1.00 31.65  ? 11  PRO A CD  1 
ATOM   14   N N   . LEU A 1 15  ? 6.753   15.419  -7.788  1.00 16.54  ? 12  LEU A N   1 
ATOM   15   C CA  . LEU A 1 15  ? 6.466   14.297  -6.908  1.00 17.94  ? 12  LEU A CA  1 
ATOM   16   C C   . LEU A 1 15  ? 7.389   14.285  -5.699  1.00 22.42  ? 12  LEU A C   1 
ATOM   17   O O   . LEU A 1 15  ? 8.599   14.050  -5.840  1.00 23.06  ? 12  LEU A O   1 
ATOM   18   C CB  . LEU A 1 15  ? 6.623   12.986  -7.669  1.00 14.28  ? 12  LEU A CB  1 
ATOM   19   C CG  . LEU A 1 15  ? 6.355   11.722  -6.866  1.00 11.65  ? 12  LEU A CG  1 
ATOM   20   C CD1 . LEU A 1 15  ? 4.895   11.713  -6.456  1.00 15.77  ? 12  LEU A CD1 1 
ATOM   21   C CD2 . LEU A 1 15  ? 6.695   10.514  -7.728  1.00 16.16  ? 12  LEU A CD2 1 
ATOM   22   N N   . MET A 1 16  ? 6.817   14.529  -4.522  1.00 22.41  ? 13  MET A N   1 
ATOM   23   C CA  . MET A 1 16  ? 7.573   14.540  -3.284  1.00 22.05  ? 13  MET A CA  1 
ATOM   24   C C   . MET A 1 16  ? 7.049   13.522  -2.287  1.00 23.87  ? 13  MET A C   1 
ATOM   25   O O   . MET A 1 16  ? 5.874   13.149  -2.310  1.00 27.78  ? 13  MET A O   1 
ATOM   26   C CB  . MET A 1 16  ? 7.569   15.923  -2.653  1.00 28.59  ? 13  MET A CB  1 
ATOM   27   C CG  . MET A 1 16  ? 8.598   16.870  -3.228  1.00 38.92  ? 13  MET A CG  1 
ATOM   28   S SD  . MET A 1 16  ? 8.349   18.524  -2.569  1.00 44.30  ? 13  MET A SD  1 
ATOM   29   C CE  . MET A 1 16  ? 6.495   18.578  -2.459  1.00 41.65  ? 13  MET A CE  1 
ATOM   30   N N   . VAL A 1 17  ? 7.950   13.087  -1.412  1.00 20.76  ? 14  VAL A N   1 
ATOM   31   C CA  . VAL A 1 17  ? 7.676   12.102  -0.375  1.00 9.16   ? 14  VAL A CA  1 
ATOM   32   C C   . VAL A 1 17  ? 8.060   12.714  0.975   1.00 11.96  ? 14  VAL A C   1 
ATOM   33   O O   . VAL A 1 17  ? 8.943   13.569  1.050   1.00 13.40  ? 14  VAL A O   1 
ATOM   34   C CB  . VAL A 1 17  ? 8.521   10.850  -0.638  1.00 2.00   ? 14  VAL A CB  1 
ATOM   35   C CG1 . VAL A 1 17  ? 8.795   10.093  0.619   1.00 6.68   ? 14  VAL A CG1 1 
ATOM   36   C CG2 . VAL A 1 17  ? 7.825   9.976   -1.636  1.00 4.25   ? 14  VAL A CG2 1 
ATOM   37   N N   . LYS A 1 18  ? 7.377   12.292  2.030   1.00 12.90  ? 15  LYS A N   1 
ATOM   38   C CA  . LYS A 1 18  ? 7.639   12.779  3.373   1.00 7.82   ? 15  LYS A CA  1 
ATOM   39   C C   . LYS A 1 18  ? 7.301   11.631  4.296   1.00 6.05   ? 15  LYS A C   1 
ATOM   40   O O   . LYS A 1 18  ? 6.142   11.426  4.612   1.00 10.35  ? 15  LYS A O   1 
ATOM   41   C CB  . LYS A 1 18  ? 6.754   13.977  3.681   1.00 2.00   ? 15  LYS A CB  1 
ATOM   42   C CG  . LYS A 1 18  ? 6.932   14.506  5.076   1.00 15.25  ? 15  LYS A CG  1 
ATOM   43   C CD  . LYS A 1 18  ? 8.402   14.838  5.392   1.00 26.45  ? 15  LYS A CD  1 
ATOM   44   C CE  . LYS A 1 18  ? 8.508   15.594  6.726   1.00 33.00  ? 15  LYS A CE  1 
ATOM   45   N NZ  . LYS A 1 18  ? 9.886   16.042  7.082   1.00 39.27  ? 15  LYS A NZ  1 
ATOM   46   N N   . VAL A 1 19  ? 8.316   10.890  4.720   1.00 2.05   ? 16  VAL A N   1 
ATOM   47   C CA  . VAL A 1 19  ? 8.135   9.719   5.568   1.00 2.41   ? 16  VAL A CA  1 
ATOM   48   C C   . VAL A 1 19  ? 8.416   9.969   7.066   1.00 4.76   ? 16  VAL A C   1 
ATOM   49   O O   . VAL A 1 19  ? 9.430   10.573  7.431   1.00 5.69   ? 16  VAL A O   1 
ATOM   50   C CB  . VAL A 1 19  ? 9.017   8.551   5.029   1.00 2.00   ? 16  VAL A CB  1 
ATOM   51   C CG1 . VAL A 1 19  ? 8.635   7.240   5.667   1.00 2.00   ? 16  VAL A CG1 1 
ATOM   52   C CG2 . VAL A 1 19  ? 8.865   8.433   3.524   1.00 2.00   ? 16  VAL A CG2 1 
ATOM   53   N N   . LEU A 1 20  ? 7.515   9.486   7.926   1.00 3.81   ? 17  LEU A N   1 
ATOM   54   C CA  . LEU A 1 20  ? 7.633   9.624   9.380   1.00 2.00   ? 17  LEU A CA  1 
ATOM   55   C C   . LEU A 1 20  ? 7.757   8.306   10.133  1.00 2.00   ? 17  LEU A C   1 
ATOM   56   O O   . LEU A 1 20  ? 7.043   7.357   9.849   1.00 7.32   ? 17  LEU A O   1 
ATOM   57   C CB  . LEU A 1 20  ? 6.433   10.381  9.921   1.00 2.00   ? 17  LEU A CB  1 
ATOM   58   C CG  . LEU A 1 20  ? 6.698   11.823  10.346  1.00 6.60   ? 17  LEU A CG  1 
ATOM   59   C CD1 . LEU A 1 20  ? 7.799   12.453  9.499   1.00 13.31  ? 17  LEU A CD1 1 
ATOM   60   C CD2 . LEU A 1 20  ? 5.419   12.610  10.226  1.00 11.38  ? 17  LEU A CD2 1 
ATOM   61   N N   . ASP A 1 21  ? 8.639   8.250   11.117  1.00 2.00   ? 18  ASP A N   1 
ATOM   62   C CA  . ASP A 1 21  ? 8.814   7.031   11.897  1.00 2.00   ? 18  ASP A CA  1 
ATOM   63   C C   . ASP A 1 21  ? 8.013   7.133   13.198  1.00 4.31   ? 18  ASP A C   1 
ATOM   64   O O   . ASP A 1 21  ? 8.402   7.843   14.132  1.00 2.00   ? 18  ASP A O   1 
ATOM   65   C CB  . ASP A 1 21  ? 10.293  6.813   12.182  1.00 6.46   ? 18  ASP A CB  1 
ATOM   66   C CG  . ASP A 1 21  ? 10.568  5.563   13.000  1.00 7.19   ? 18  ASP A CG  1 
ATOM   67   O OD1 . ASP A 1 21  ? 9.654   5.042   13.661  1.00 15.89  ? 18  ASP A OD1 1 
ATOM   68   O OD2 . ASP A 1 21  ? 11.726  5.109   13.004  1.00 3.26   ? 18  ASP A OD2 1 
ATOM   69   N N   . ALA A 1 22  ? 6.956   6.331   13.286  1.00 2.00   ? 19  ALA A N   1 
ATOM   70   C CA  . ALA A 1 22  ? 6.077   6.339   14.441  1.00 2.00   ? 19  ALA A CA  1 
ATOM   71   C C   . ALA A 1 22  ? 6.672   5.734   15.707  1.00 6.30   ? 19  ALA A C   1 
ATOM   72   O O   . ALA A 1 22  ? 6.198   6.026   16.809  1.00 10.68  ? 19  ALA A O   1 
ATOM   73   C CB  . ALA A 1 22  ? 4.789   5.663   14.104  1.00 2.00   ? 19  ALA A CB  1 
ATOM   74   N N   . VAL A 1 23  ? 7.674   4.871   15.556  1.00 5.87   ? 20  VAL A N   1 
ATOM   75   C CA  . VAL A 1 23  ? 8.333   4.226   16.698  1.00 2.00   ? 20  VAL A CA  1 
ATOM   76   C C   . VAL A 1 23  ? 9.392   5.126   17.343  1.00 11.23  ? 20  VAL A C   1 
ATOM   77   O O   . VAL A 1 23  ? 9.612   5.057   18.565  1.00 13.82  ? 20  VAL A O   1 
ATOM   78   C CB  . VAL A 1 23  ? 8.996   2.919   16.282  1.00 2.00   ? 20  VAL A CB  1 
ATOM   79   C CG1 . VAL A 1 23  ? 9.672   2.287   17.453  1.00 2.00   ? 20  VAL A CG1 1 
ATOM   80   C CG2 . VAL A 1 23  ? 7.976   1.981   15.735  1.00 2.00   ? 20  VAL A CG2 1 
ATOM   81   N N   . ARG A 1 24  ? 10.038  5.962   16.518  1.00 11.36  ? 21  ARG A N   1 
ATOM   82   C CA  . ARG A 1 24  ? 11.075  6.899   16.973  1.00 5.04   ? 21  ARG A CA  1 
ATOM   83   C C   . ARG A 1 24  ? 10.618  8.362   17.021  1.00 7.76   ? 21  ARG A C   1 
ATOM   84   O O   . ARG A 1 24  ? 11.323  9.214   17.529  1.00 11.95  ? 21  ARG A O   1 
ATOM   85   C CB  . ARG A 1 24  ? 12.298  6.796   16.089  1.00 2.01   ? 21  ARG A CB  1 
ATOM   86   C CG  . ARG A 1 24  ? 12.934  5.436   16.058  1.00 5.64   ? 21  ARG A CG  1 
ATOM   87   C CD  . ARG A 1 24  ? 14.108  5.459   15.120  1.00 4.76   ? 21  ARG A CD  1 
ATOM   88   N NE  . ARG A 1 24  ? 14.812  4.190   15.059  1.00 4.65   ? 21  ARG A NE  1 
ATOM   89   C CZ  . ARG A 1 24  ? 14.685  3.296   14.081  1.00 10.09  ? 21  ARG A CZ  1 
ATOM   90   N NH1 . ARG A 1 24  ? 13.871  3.503   13.060  1.00 2.00   ? 21  ARG A NH1 1 
ATOM   91   N NH2 . ARG A 1 24  ? 15.415  2.196   14.106  1.00 16.52  ? 21  ARG A NH2 1 
ATOM   92   N N   . GLY A 1 25  ? 9.455   8.657   16.457  1.00 11.33  ? 22  GLY A N   1 
ATOM   93   C CA  . GLY A 1 25  ? 8.943   10.009  16.492  1.00 8.88   ? 22  GLY A CA  1 
ATOM   94   C C   . GLY A 1 25  ? 9.881   10.968  15.820  1.00 8.03   ? 22  GLY A C   1 
ATOM   95   O O   . GLY A 1 25  ? 10.317  11.941  16.417  1.00 6.15   ? 22  GLY A O   1 
ATOM   96   N N   . SER A 1 26  ? 10.118  10.736  14.540  1.00 11.55  ? 23  SER A N   1 
ATOM   97   C CA  . SER A 1 26  ? 11.017  11.574  13.780  1.00 7.91   ? 23  SER A CA  1 
ATOM   98   C C   . SER A 1 26  ? 10.919  11.182  12.325  1.00 7.63   ? 23  SER A C   1 
ATOM   99   O O   . SER A 1 26  ? 10.437  10.092  12.008  1.00 5.16   ? 23  SER A O   1 
ATOM   100  C CB  . SER A 1 26  ? 12.424  11.272  14.225  1.00 11.56  ? 23  SER A CB  1 
ATOM   101  O OG  . SER A 1 26  ? 12.727  9.937   13.864  1.00 14.70  ? 23  SER A OG  1 
ATOM   102  N N   . PRO A 1 27  ? 11.426  12.039  11.418  1.00 8.21   ? 24  PRO A N   1 
ATOM   103  C CA  . PRO A 1 27  ? 11.373  11.713  9.995   1.00 7.52   ? 24  PRO A CA  1 
ATOM   104  C C   . PRO A 1 27  ? 12.116  10.399  9.829   1.00 5.69   ? 24  PRO A C   1 
ATOM   105  O O   . PRO A 1 27  ? 12.957  10.058  10.652  1.00 11.83  ? 24  PRO A O   1 
ATOM   106  C CB  . PRO A 1 27  ? 12.141  12.871  9.368   1.00 3.56   ? 24  PRO A CB  1 
ATOM   107  C CG  . PRO A 1 27  ? 11.808  13.999  10.257  1.00 4.24   ? 24  PRO A CG  1 
ATOM   108  C CD  . PRO A 1 27  ? 12.029  13.370  11.607  1.00 3.42   ? 24  PRO A CD  1 
ATOM   109  N N   . ALA A 1 28  ? 11.775  9.634   8.810   1.00 6.18   ? 25  ALA A N   1 
ATOM   110  C CA  . ALA A 1 28  ? 12.440  8.361   8.602   1.00 4.47   ? 25  ALA A CA  1 
ATOM   111  C C   . ALA A 1 28  ? 13.529  8.539   7.577   1.00 2.80   ? 25  ALA A C   1 
ATOM   112  O O   . ALA A 1 28  ? 13.277  8.939   6.439   1.00 2.00   ? 25  ALA A O   1 
ATOM   113  C CB  . ALA A 1 28  ? 11.446  7.312   8.140   1.00 10.07  ? 25  ALA A CB  1 
ATOM   114  N N   . ALA A 1 29  ? 14.751  8.264   7.994   1.00 7.19   ? 26  ALA A N   1 
ATOM   115  C CA  . ALA A 1 29  ? 15.892  8.398   7.104   1.00 8.31   ? 26  ALA A CA  1 
ATOM   116  C C   . ALA A 1 29  ? 16.299  7.061   6.525   1.00 4.84   ? 26  ALA A C   1 
ATOM   117  O O   . ALA A 1 29  ? 16.114  6.027   7.149   1.00 15.72  ? 26  ALA A O   1 
ATOM   118  C CB  . ALA A 1 29  ? 17.042  9.017   7.838   1.00 6.05   ? 26  ALA A CB  1 
ATOM   119  N N   . ASN A 1 30  ? 16.837  7.087   5.320   1.00 5.88   ? 27  ASN A N   1 
ATOM   120  C CA  . ASN A 1 30  ? 17.298  5.884   4.637   1.00 8.53   ? 27  ASN A CA  1 
ATOM   121  C C   . ASN A 1 30  ? 16.245  4.843   4.252   1.00 10.17  ? 27  ASN A C   1 
ATOM   122  O O   . ASN A 1 30  ? 16.592  3.690   3.973   1.00 19.55  ? 27  ASN A O   1 
ATOM   123  C CB  . ASN A 1 30  ? 18.422  5.215   5.431   1.00 8.20   ? 27  ASN A CB  1 
ATOM   124  C CG  . ASN A 1 30  ? 19.586  4.804   4.553   1.00 19.42  ? 27  ASN A CG  1 
ATOM   125  O OD1 . ASN A 1 30  ? 20.602  5.495   4.491   1.00 32.62  ? 27  ASN A OD1 1 
ATOM   126  N ND2 . ASN A 1 30  ? 19.434  3.700   3.841   1.00 18.50  ? 27  ASN A ND2 1 
ATOM   127  N N   . VAL A 1 31  ? 14.968  5.214   4.235   1.00 5.67   ? 28  VAL A N   1 
ATOM   128  C CA  . VAL A 1 31  ? 13.953  4.244   3.834   1.00 8.51   ? 28  VAL A CA  1 
ATOM   129  C C   . VAL A 1 31  ? 13.940  4.330   2.314   1.00 8.71   ? 28  VAL A C   1 
ATOM   130  O O   . VAL A 1 31  ? 13.845  5.429   1.754   1.00 12.31  ? 28  VAL A O   1 
ATOM   131  C CB  . VAL A 1 31  ? 12.536  4.521   4.474   1.00 10.51  ? 28  VAL A CB  1 
ATOM   132  C CG1 . VAL A 1 31  ? 12.621  5.604   5.537   1.00 9.97   ? 28  VAL A CG1 1 
ATOM   133  C CG2 . VAL A 1 31  ? 11.488  4.862   3.425   1.00 2.00   ? 28  VAL A CG2 1 
ATOM   134  N N   . ALA A 1 32  ? 14.111  3.193   1.649   1.00 2.00   ? 29  ALA A N   1 
ATOM   135  C CA  . ALA A 1 32  ? 14.150  3.184   0.192   1.00 3.10   ? 29  ALA A CA  1 
ATOM   136  C C   . ALA A 1 32  ? 12.785  3.371   -0.463  1.00 6.99   ? 29  ALA A C   1 
ATOM   137  O O   . ALA A 1 32  ? 11.854  2.626   -0.179  1.00 18.47  ? 29  ALA A O   1 
ATOM   138  C CB  . ALA A 1 32  ? 14.801  1.913   -0.294  1.00 6.31   ? 29  ALA A CB  1 
ATOM   139  N N   . VAL A 1 33  ? 12.674  4.347   -1.354  1.00 8.24   ? 30  VAL A N   1 
ATOM   140  C CA  . VAL A 1 33  ? 11.419  4.639   -2.054  1.00 8.34   ? 30  VAL A CA  1 
ATOM   141  C C   . VAL A 1 33  ? 11.579  4.279   -3.529  1.00 12.82  ? 30  VAL A C   1 
ATOM   142  O O   . VAL A 1 33  ? 12.536  4.713   -4.157  1.00 15.71  ? 30  VAL A O   1 
ATOM   143  C CB  . VAL A 1 33  ? 11.064  6.145   -1.953  1.00 2.03   ? 30  VAL A CB  1 
ATOM   144  C CG1 . VAL A 1 33  ? 9.914   6.499   -2.862  1.00 2.00   ? 30  VAL A CG1 1 
ATOM   145  C CG2 . VAL A 1 33  ? 10.707  6.491   -0.539  1.00 4.96   ? 30  VAL A CG2 1 
ATOM   146  N N   . LYS A 1 34  ? 10.649  3.511   -4.088  1.00 14.49  ? 31  LYS A N   1 
ATOM   147  C CA  . LYS A 1 34  ? 10.722  3.123   -5.492  1.00 15.01  ? 31  LYS A CA  1 
ATOM   148  C C   . LYS A 1 34  ? 9.457   3.558   -6.213  1.00 18.14  ? 31  LYS A C   1 
ATOM   149  O O   . LYS A 1 34  ? 8.362   3.232   -5.769  1.00 26.76  ? 31  LYS A O   1 
ATOM   150  C CB  . LYS A 1 34  ? 10.834  1.604   -5.622  1.00 16.58  ? 31  LYS A CB  1 
ATOM   151  C CG  . LYS A 1 34  ? 12.022  0.972   -4.953  1.00 23.32  ? 31  LYS A CG  1 
ATOM   152  C CD  . LYS A 1 34  ? 11.966  -0.532  -5.163  1.00 35.36  ? 31  LYS A CD  1 
ATOM   153  C CE  . LYS A 1 34  ? 13.114  -1.253  -4.473  1.00 44.95  ? 31  LYS A CE  1 
ATOM   154  N NZ  . LYS A 1 34  ? 13.081  -1.108  -2.993  1.00 49.42  ? 31  LYS A NZ  1 
ATOM   155  N N   . VAL A 1 35  ? 9.601   4.263   -7.329  1.00 16.85  ? 32  VAL A N   1 
ATOM   156  C CA  . VAL A 1 35  ? 8.446   4.701   -8.110  1.00 14.36  ? 32  VAL A CA  1 
ATOM   157  C C   . VAL A 1 35  ? 8.346   3.948   -9.430  1.00 16.74  ? 32  VAL A C   1 
ATOM   158  O O   . VAL A 1 35  ? 9.358   3.625   -10.048 1.00 24.24  ? 32  VAL A O   1 
ATOM   159  C CB  . VAL A 1 35  ? 8.505   6.205   -8.413  1.00 11.09  ? 32  VAL A CB  1 
ATOM   160  C CG1 . VAL A 1 35  ? 7.288   6.625   -9.246  1.00 9.18   ? 32  VAL A CG1 1 
ATOM   161  C CG2 . VAL A 1 35  ? 8.550   6.990   -7.103  1.00 13.63  ? 32  VAL A CG2 1 
ATOM   162  N N   . PHE A 1 36  ? 7.128   3.674   -9.872  1.00 18.87  ? 33  PHE A N   1 
ATOM   163  C CA  . PHE A 1 36  ? 6.922   2.970   -11.132 1.00 18.12  ? 33  PHE A CA  1 
ATOM   164  C C   . PHE A 1 36  ? 5.860   3.664   -11.937 1.00 21.02  ? 33  PHE A C   1 
ATOM   165  O O   . PHE A 1 36  ? 5.043   4.410   -11.393 1.00 24.37  ? 33  PHE A O   1 
ATOM   166  C CB  . PHE A 1 36  ? 6.455   1.552   -10.889 1.00 6.66   ? 33  PHE A CB  1 
ATOM   167  C CG  . PHE A 1 36  ? 7.332   0.792   -9.988  1.00 6.94   ? 33  PHE A CG  1 
ATOM   168  C CD1 . PHE A 1 36  ? 7.275   0.998   -8.614  1.00 12.35  ? 33  PHE A CD1 1 
ATOM   169  C CD2 . PHE A 1 36  ? 8.204   -0.149  -10.498 1.00 7.84   ? 33  PHE A CD2 1 
ATOM   170  C CE1 . PHE A 1 36  ? 8.079   0.272   -7.748  1.00 10.66  ? 33  PHE A CE1 1 
ATOM   171  C CE2 . PHE A 1 36  ? 9.013   -0.889  -9.650  1.00 8.30   ? 33  PHE A CE2 1 
ATOM   172  C CZ  . PHE A 1 36  ? 8.952   -0.677  -8.266  1.00 10.51  ? 33  PHE A CZ  1 
ATOM   173  N N   . LYS A 1 37  ? 5.848   3.370   -13.230 1.00 28.15  ? 34  LYS A N   1 
ATOM   174  C CA  . LYS A 1 37  ? 4.871   3.936   -14.157 1.00 35.69  ? 34  LYS A CA  1 
ATOM   175  C C   . LYS A 1 37  ? 4.257   2.742   -14.889 1.00 36.71  ? 34  LYS A C   1 
ATOM   176  O O   . LYS A 1 37  ? 4.962   1.810   -15.277 1.00 36.24  ? 34  LYS A O   1 
ATOM   177  C CB  . LYS A 1 37  ? 5.556   4.888   -15.144 1.00 35.68  ? 34  LYS A CB  1 
ATOM   178  C CG  . LYS A 1 37  ? 4.614   5.732   -15.983 1.00 42.30  ? 34  LYS A CG  1 
ATOM   179  C CD  . LYS A 1 37  ? 5.404   6.725   -16.857 1.00 50.73  ? 34  LYS A CD  1 
ATOM   180  C CE  . LYS A 1 37  ? 4.501   7.563   -17.770 1.00 48.51  ? 34  LYS A CE  1 
ATOM   181  N NZ  . LYS A 1 37  ? 3.620   8.517   -17.024 1.00 52.25  ? 34  LYS A NZ  1 
ATOM   182  N N   . LYS A 1 38  ? 2.937   2.711   -14.972 1.00 39.99  ? 35  LYS A N   1 
ATOM   183  C CA  . LYS A 1 38  ? 2.273   1.613   -15.644 1.00 46.81  ? 35  LYS A CA  1 
ATOM   184  C C   . LYS A 1 38  ? 2.286   1.884   -17.140 1.00 52.48  ? 35  LYS A C   1 
ATOM   185  O O   . LYS A 1 38  ? 1.649   2.826   -17.624 1.00 55.76  ? 35  LYS A O   1 
ATOM   186  C CB  . LYS A 1 38  ? 0.841   1.445   -15.120 1.00 50.83  ? 35  LYS A CB  1 
ATOM   187  C CG  . LYS A 1 38  ? 0.019   0.405   -15.859 1.00 56.51  ? 35  LYS A CG  1 
ATOM   188  C CD  . LYS A 1 38  ? -1.428  0.391   -15.394 1.00 59.17  ? 35  LYS A CD  1 
ATOM   189  C CE  . LYS A 1 38  ? -1.589  -0.436  -14.139 1.00 65.19  ? 35  LYS A CE  1 
ATOM   190  N NZ  . LYS A 1 38  ? -1.310  -1.871  -14.422 1.00 69.39  ? 35  LYS A NZ  1 
ATOM   191  N N   . ALA A 1 39  ? 3.095   1.111   -17.854 1.00 58.12  ? 36  ALA A N   1 
ATOM   192  C CA  . ALA A 1 39  ? 3.200   1.234   -19.300 1.00 65.58  ? 36  ALA A CA  1 
ATOM   193  C C   . ALA A 1 39  ? 1.891   0.754   -19.934 1.00 70.83  ? 36  ALA A C   1 
ATOM   194  O O   . ALA A 1 39  ? 1.135   0.008   -19.307 1.00 72.04  ? 36  ALA A O   1 
ATOM   195  C CB  . ALA A 1 39  ? 4.368   0.396   -19.806 1.00 65.33  ? 36  ALA A CB  1 
ATOM   196  N N   . ALA A 1 40  ? 1.645   1.143   -21.187 1.00 75.49  ? 37  ALA A N   1 
ATOM   197  C CA  . ALA A 1 40  ? 0.426   0.743   -21.903 1.00 76.70  ? 37  ALA A CA  1 
ATOM   198  C C   . ALA A 1 40  ? 0.297   -0.776  -22.020 1.00 76.29  ? 37  ALA A C   1 
ATOM   199  O O   . ALA A 1 40  ? -0.763  -1.293  -22.359 1.00 75.20  ? 37  ALA A O   1 
ATOM   200  C CB  . ALA A 1 40  ? 0.389   1.384   -23.280 1.00 76.30  ? 37  ALA A CB  1 
ATOM   201  N N   . ASP A 1 41  ? 1.383   -1.482  -21.716 1.00 78.18  ? 38  ASP A N   1 
ATOM   202  C CA  . ASP A 1 41  ? 1.415   -2.941  -21.756 1.00 82.30  ? 38  ASP A CA  1 
ATOM   203  C C   . ASP A 1 41  ? 0.828   -3.520  -20.468 1.00 82.80  ? 38  ASP A C   1 
ATOM   204  O O   . ASP A 1 41  ? 0.809   -4.738  -20.284 1.00 83.38  ? 38  ASP A O   1 
ATOM   205  C CB  . ASP A 1 41  ? 2.856   -3.443  -21.889 1.00 87.96  ? 38  ASP A CB  1 
ATOM   206  C CG  . ASP A 1 41  ? 3.743   -2.495  -22.682 1.00 95.47  ? 38  ASP A CG  1 
ATOM   207  O OD1 . ASP A 1 41  ? 3.255   -1.878  -23.655 1.00 99.31  ? 38  ASP A OD1 1 
ATOM   208  O OD2 . ASP A 1 41  ? 4.937   -2.367  -22.325 1.00 98.21  ? 38  ASP A OD2 1 
ATOM   209  N N   . GLY A 1 42  ? 0.400   -2.639  -19.563 1.00 82.08  ? 39  GLY A N   1 
ATOM   210  C CA  . GLY A 1 42  ? -0.166  -3.068  -18.293 1.00 77.80  ? 39  GLY A CA  1 
ATOM   211  C C   . GLY A 1 42  ? 0.928   -3.545  -17.359 1.00 73.99  ? 39  GLY A C   1 
ATOM   212  O O   . GLY A 1 42  ? 0.669   -4.168  -16.330 1.00 74.70  ? 39  GLY A O   1 
ATOM   213  N N   . THR A 1 43  ? 2.156   -3.183  -17.704 1.00 69.18  ? 40  THR A N   1 
ATOM   214  C CA  . THR A 1 43  ? 3.330   -3.575  -16.951 1.00 62.90  ? 40  THR A CA  1 
ATOM   215  C C   . THR A 1 43  ? 3.967   -2.381  -16.241 1.00 56.24  ? 40  THR A C   1 
ATOM   216  O O   . THR A 1 43  ? 3.973   -1.268  -16.767 1.00 57.06  ? 40  THR A O   1 
ATOM   217  C CB  . THR A 1 43  ? 4.346   -4.216  -17.907 1.00 65.35  ? 40  THR A CB  1 
ATOM   218  O OG1 . THR A 1 43  ? 5.507   -4.621  -17.180 1.00 74.79  ? 40  THR A OG1 1 
ATOM   219  C CG2 . THR A 1 43  ? 4.744   -3.240  -19.002 1.00 63.72  ? 40  THR A CG2 1 
ATOM   220  N N   . TRP A 1 44  ? 4.503   -2.617  -15.047 1.00 49.18  ? 41  TRP A N   1 
ATOM   221  C CA  . TRP A 1 44  ? 5.150   -1.562  -14.265 1.00 45.14  ? 41  TRP A CA  1 
ATOM   222  C C   . TRP A 1 44  ? 6.619   -1.330  -14.631 1.00 43.16  ? 41  TRP A C   1 
ATOM   223  O O   . TRP A 1 44  ? 7.498   -2.123  -14.293 1.00 40.76  ? 41  TRP A O   1 
ATOM   224  C CB  . TRP A 1 44  ? 5.026   -1.838  -12.753 1.00 40.37  ? 41  TRP A CB  1 
ATOM   225  C CG  . TRP A 1 44  ? 3.638   -1.645  -12.234 1.00 36.66  ? 41  TRP A CG  1 
ATOM   226  C CD1 . TRP A 1 44  ? 2.759   -2.621  -11.886 1.00 37.89  ? 41  TRP A CD1 1 
ATOM   227  C CD2 . TRP A 1 44  ? 2.945   -0.399  -12.059 1.00 34.06  ? 41  TRP A CD2 1 
ATOM   228  N NE1 . TRP A 1 44  ? 1.558   -2.066  -11.520 1.00 40.11  ? 41  TRP A NE1 1 
ATOM   229  C CE2 . TRP A 1 44  ? 1.642   -0.704  -11.624 1.00 33.69  ? 41  TRP A CE2 1 
ATOM   230  C CE3 . TRP A 1 44  ? 3.293   0.941   -12.249 1.00 39.50  ? 41  TRP A CE3 1 
ATOM   231  C CZ2 . TRP A 1 44  ? 0.690   0.286   -11.352 1.00 36.32  ? 41  TRP A CZ2 1 
ATOM   232  C CZ3 . TRP A 1 44  ? 2.338   1.928   -11.977 1.00 44.71  ? 41  TRP A CZ3 1 
ATOM   233  C CH2 . TRP A 1 44  ? 1.054   1.590   -11.545 1.00 38.63  ? 41  TRP A CH2 1 
ATOM   234  N N   . GLN A 1 45  ? 6.880   -0.223  -15.308 1.00 43.85  ? 42  GLN A N   1 
ATOM   235  C CA  . GLN A 1 45  ? 8.231   0.128   -15.705 1.00 43.69  ? 42  GLN A CA  1 
ATOM   236  C C   . GLN A 1 45  ? 8.832   0.898   -14.541 1.00 41.90  ? 42  GLN A C   1 
ATOM   237  O O   . GLN A 1 45  ? 8.136   1.656   -13.859 1.00 40.70  ? 42  GLN A O   1 
ATOM   238  C CB  . GLN A 1 45  ? 8.203   1.039   -16.938 1.00 53.14  ? 42  GLN A CB  1 
ATOM   239  C CG  . GLN A 1 45  ? 9.178   0.660   -18.049 1.00 69.01  ? 42  GLN A CG  1 
ATOM   240  C CD  . GLN A 1 45  ? 8.633   -0.407  -19.001 1.00 79.30  ? 42  GLN A CD  1 
ATOM   241  O OE1 . GLN A 1 45  ? 7.428   -0.672  -19.043 1.00 85.07  ? 42  GLN A OE1 1 
ATOM   242  N NE2 . GLN A 1 45  ? 9.521   -1.001  -19.793 1.00 81.95  ? 42  GLN A NE2 1 
ATOM   243  N N   . ASP A 1 46  ? 10.105  0.652   -14.272 1.00 41.67  ? 43  ASP A N   1 
ATOM   244  C CA  . ASP A 1 46  ? 10.803  1.365   -13.212 1.00 42.36  ? 43  ASP A CA  1 
ATOM   245  C C   . ASP A 1 46  ? 10.818  2.849   -13.641 1.00 38.75  ? 43  ASP A C   1 
ATOM   246  O O   . ASP A 1 46  ? 11.007  3.140   -14.818 1.00 42.66  ? 43  ASP A O   1 
ATOM   247  C CB  . ASP A 1 46  ? 12.219  0.805   -13.080 1.00 47.24  ? 43  ASP A CB  1 
ATOM   248  C CG  . ASP A 1 46  ? 13.087  1.627   -12.151 1.00 61.68  ? 43  ASP A CG  1 
ATOM   249  O OD1 . ASP A 1 46  ? 12.805  1.653   -10.926 1.00 66.41  ? 43  ASP A OD1 1 
ATOM   250  O OD2 . ASP A 1 46  ? 14.047  2.256   -12.654 1.00 67.54  ? 43  ASP A OD2 1 
ATOM   251  N N   . PHE A 1 47  ? 10.602  3.776   -12.707 1.00 33.05  ? 44  PHE A N   1 
ATOM   252  C CA  . PHE A 1 47  ? 10.558  5.213   -13.027 1.00 27.58  ? 44  PHE A CA  1 
ATOM   253  C C   . PHE A 1 47  ? 11.596  6.053   -12.273 1.00 27.73  ? 44  PHE A C   1 
ATOM   254  O O   . PHE A 1 47  ? 12.435  6.708   -12.882 1.00 31.80  ? 44  PHE A O   1 
ATOM   255  C CB  . PHE A 1 47  ? 9.142   5.745   -12.756 1.00 28.68  ? 44  PHE A CB  1 
ATOM   256  C CG  . PHE A 1 47  ? 8.949   7.210   -13.073 1.00 23.65  ? 44  PHE A CG  1 
ATOM   257  C CD1 . PHE A 1 47  ? 8.533   7.617   -14.337 1.00 22.01  ? 44  PHE A CD1 1 
ATOM   258  C CD2 . PHE A 1 47  ? 9.097   8.175   -12.078 1.00 23.23  ? 44  PHE A CD2 1 
ATOM   259  C CE1 . PHE A 1 47  ? 8.268   8.964   -14.602 1.00 23.48  ? 44  PHE A CE1 1 
ATOM   260  C CE2 . PHE A 1 47  ? 8.835   9.522   -12.333 1.00 20.44  ? 44  PHE A CE2 1 
ATOM   261  C CZ  . PHE A 1 47  ? 8.417   9.917   -13.594 1.00 20.27  ? 44  PHE A CZ  1 
ATOM   262  N N   . ALA A 1 48  ? 11.490  6.100   -10.951 1.00 24.64  ? 45  ALA A N   1 
ATOM   263  C CA  . ALA A 1 48  ? 12.447  6.853   -10.150 1.00 19.37  ? 45  ALA A CA  1 
ATOM   264  C C   . ALA A 1 48  ? 12.826  5.966   -8.977  1.00 17.96  ? 45  ALA A C   1 
ATOM   265  O O   . ALA A 1 48  ? 12.423  4.809   -8.924  1.00 22.01  ? 45  ALA A O   1 
ATOM   266  C CB  . ALA A 1 48  ? 11.852  8.153   -9.674  1.00 13.04  ? 45  ALA A CB  1 
ATOM   267  N N   . THR A 1 49  ? 13.631  6.483   -8.063  1.00 17.69  ? 46  THR A N   1 
ATOM   268  C CA  . THR A 1 49  ? 14.072  5.713   -6.910  1.00 21.57  ? 46  THR A CA  1 
ATOM   269  C C   . THR A 1 49  ? 15.047  6.565   -6.098  1.00 25.44  ? 46  THR A C   1 
ATOM   270  O O   . THR A 1 49  ? 15.779  7.383   -6.662  1.00 30.68  ? 46  THR A O   1 
ATOM   271  C CB  . THR A 1 49  ? 14.767  4.396   -7.342  1.00 21.63  ? 46  THR A CB  1 
ATOM   272  O OG1 . THR A 1 49  ? 15.285  3.713   -6.193  1.00 29.48  ? 46  THR A OG1 1 
ATOM   273  C CG2 . THR A 1 49  ? 15.910  4.682   -8.311  1.00 34.18  ? 46  THR A CG2 1 
ATOM   274  N N   . GLY A 1 50  ? 15.011  6.404   -4.775  1.00 24.66  ? 47  GLY A N   1 
ATOM   275  C CA  . GLY A 1 50  ? 15.884  7.151   -3.893  1.00 22.86  ? 47  GLY A CA  1 
ATOM   276  C C   . GLY A 1 50  ? 15.848  6.582   -2.491  1.00 20.63  ? 47  GLY A C   1 
ATOM   277  O O   . GLY A 1 50  ? 15.413  5.447   -2.290  1.00 23.37  ? 47  GLY A O   1 
ATOM   278  N N   . LYS A 1 51  ? 16.347  7.353   -1.532  1.00 16.07  ? 48  LYS A N   1 
ATOM   279  C CA  . LYS A 1 51  ? 16.359  6.954   -0.128  1.00 15.85  ? 48  LYS A CA  1 
ATOM   280  C C   . LYS A 1 51  ? 16.186  8.226   0.689   1.00 14.83  ? 48  LYS A C   1 
ATOM   281  O O   . LYS A 1 51  ? 16.951  9.167   0.517   1.00 20.57  ? 48  LYS A O   1 
ATOM   282  C CB  . LYS A 1 51  ? 17.675  6.277   0.255   1.00 9.60   ? 48  LYS A CB  1 
ATOM   283  C CG  . LYS A 1 51  ? 17.772  4.818   -0.120  1.00 12.28  ? 48  LYS A CG  1 
ATOM   284  C CD  . LYS A 1 51  ? 19.086  4.241   0.351   1.00 23.46  ? 48  LYS A CD  1 
ATOM   285  C CE  . LYS A 1 51  ? 19.123  2.720   0.227   1.00 32.94  ? 48  LYS A CE  1 
ATOM   286  N NZ  . LYS A 1 51  ? 18.281  2.023   1.262   1.00 43.50  ? 48  LYS A NZ  1 
ATOM   287  N N   . THR A 1 52  ? 15.174  8.263   1.552   1.00 12.09  ? 49  THR A N   1 
ATOM   288  C CA  . THR A 1 52  ? 14.908  9.443   2.366   1.00 10.79  ? 49  THR A CA  1 
ATOM   289  C C   . THR A 1 52  ? 16.143  10.003  3.072   1.00 12.04  ? 49  THR A C   1 
ATOM   290  O O   . THR A 1 52  ? 17.066  9.273   3.440   1.00 14.50  ? 49  THR A O   1 
ATOM   291  C CB  . THR A 1 52  ? 13.795  9.174   3.396   1.00 8.37   ? 49  THR A CB  1 
ATOM   292  O OG1 . THR A 1 52  ? 14.094  7.983   4.133   1.00 14.96  ? 49  THR A OG1 1 
ATOM   293  C CG2 . THR A 1 52  ? 12.483  8.998   2.696   1.00 5.10   ? 49  THR A CG2 1 
ATOM   294  N N   . THR A 1 53  ? 16.165  11.314  3.227   1.00 12.38  ? 50  THR A N   1 
ATOM   295  C CA  . THR A 1 53  ? 17.268  11.984  3.880   1.00 10.90  ? 50  THR A CA  1 
ATOM   296  C C   . THR A 1 53  ? 16.878  12.052  5.336   1.00 15.66  ? 50  THR A C   1 
ATOM   297  O O   . THR A 1 53  ? 15.831  11.546  5.715   1.00 16.09  ? 50  THR A O   1 
ATOM   298  C CB  . THR A 1 53  ? 17.433  13.411  3.333   1.00 8.37   ? 50  THR A CB  1 
ATOM   299  O OG1 . THR A 1 53  ? 16.215  14.145  3.539   1.00 14.45  ? 50  THR A OG1 1 
ATOM   300  C CG2 . THR A 1 53  ? 17.748  13.377  1.832   1.00 2.00   ? 50  THR A CG2 1 
ATOM   301  N N   . GLU A 1 54  ? 17.681  12.747  6.130   1.00 24.85  ? 51  GLU A N   1 
ATOM   302  C CA  . GLU A 1 54  ? 17.436  12.911  7.558   1.00 24.21  ? 51  GLU A CA  1 
ATOM   303  C C   . GLU A 1 54  ? 16.123  13.619  7.862   1.00 24.33  ? 51  GLU A C   1 
ATOM   304  O O   . GLU A 1 54  ? 15.815  13.866  9.022   1.00 29.47  ? 51  GLU A O   1 
ATOM   305  C CB  . GLU A 1 54  ? 18.569  13.709  8.185   1.00 30.29  ? 51  GLU A CB  1 
ATOM   306  C CG  . GLU A 1 54  ? 18.716  15.093  7.602   1.00 40.54  ? 51  GLU A CG  1 
ATOM   307  C CD  . GLU A 1 54  ? 19.529  16.002  8.479   1.00 55.10  ? 51  GLU A CD  1 
ATOM   308  O OE1 . GLU A 1 54  ? 19.414  15.896  9.721   1.00 62.41  ? 51  GLU A OE1 1 
ATOM   309  O OE2 . GLU A 1 54  ? 20.270  16.838  7.928   1.00 62.08  ? 51  GLU A OE2 1 
ATOM   310  N N   . PHE A 1 55  ? 15.407  14.048  6.827   1.00 21.38  ? 52  PHE A N   1 
ATOM   311  C CA  . PHE A 1 55  ? 14.115  14.705  7.017   1.00 23.55  ? 52  PHE A CA  1 
ATOM   312  C C   . PHE A 1 55  ? 12.982  13.880  6.387   1.00 22.12  ? 52  PHE A C   1 
ATOM   313  O O   . PHE A 1 55  ? 11.865  14.368  6.171   1.00 20.98  ? 52  PHE A O   1 
ATOM   314  C CB  . PHE A 1 55  ? 14.148  16.127  6.448   1.00 28.52  ? 52  PHE A CB  1 
ATOM   315  C CG  . PHE A 1 55  ? 15.006  17.060  7.236   1.00 35.05  ? 52  PHE A CG  1 
ATOM   316  C CD1 . PHE A 1 55  ? 14.618  17.463  8.506   1.00 42.81  ? 52  PHE A CD1 1 
ATOM   317  C CD2 . PHE A 1 55  ? 16.221  17.506  6.732   1.00 41.48  ? 52  PHE A CD2 1 
ATOM   318  C CE1 . PHE A 1 55  ? 15.427  18.298  9.271   1.00 44.90  ? 52  PHE A CE1 1 
ATOM   319  C CE2 . PHE A 1 55  ? 17.041  18.342  7.485   1.00 41.84  ? 52  PHE A CE2 1 
ATOM   320  C CZ  . PHE A 1 55  ? 16.642  18.737  8.760   1.00 44.89  ? 52  PHE A CZ  1 
ATOM   321  N N   . GLY A 1 56  ? 13.271  12.612  6.116   1.00 16.73  ? 53  GLY A N   1 
ATOM   322  C CA  . GLY A 1 56  ? 12.272  11.747  5.523   1.00 14.72  ? 53  GLY A CA  1 
ATOM   323  C C   . GLY A 1 56  ? 11.804  12.244  4.170   1.00 10.70  ? 53  GLY A C   1 
ATOM   324  O O   . GLY A 1 56  ? 10.671  11.987  3.779   1.00 11.18  ? 53  GLY A O   1 
ATOM   325  N N   . GLU A 1 57  ? 12.676  12.961  3.468   1.00 9.90   ? 54  GLU A N   1 
ATOM   326  C CA  . GLU A 1 57  ? 12.377  13.489  2.139   1.00 11.40  ? 54  GLU A CA  1 
ATOM   327  C C   . GLU A 1 57  ? 13.418  13.027  1.139   1.00 11.85  ? 54  GLU A C   1 
ATOM   328  O O   . GLU A 1 57  ? 14.540  12.685  1.506   1.00 15.33  ? 54  GLU A O   1 
ATOM   329  C CB  . GLU A 1 57  ? 12.380  15.005  2.148   1.00 12.22  ? 54  GLU A CB  1 
ATOM   330  C CG  . GLU A 1 57  ? 11.321  15.617  3.008   1.00 27.22  ? 54  GLU A CG  1 
ATOM   331  C CD  . GLU A 1 57  ? 11.642  17.051  3.344   1.00 39.06  ? 54  GLU A CD  1 
ATOM   332  O OE1 . GLU A 1 57  ? 12.303  17.722  2.518   1.00 49.21  ? 54  GLU A OE1 1 
ATOM   333  O OE2 . GLU A 1 57  ? 11.258  17.505  4.444   1.00 43.33  ? 54  GLU A OE2 1 
ATOM   334  N N   . ILE A 1 58  ? 13.033  13.016  -0.130  1.00 14.55  ? 55  ILE A N   1 
ATOM   335  C CA  . ILE A 1 58  ? 13.915  12.632  -1.224  1.00 17.94  ? 55  ILE A CA  1 
ATOM   336  C C   . ILE A 1 58  ? 13.920  13.893  -2.067  1.00 27.27  ? 55  ILE A C   1 
ATOM   337  O O   . ILE A 1 58  ? 12.860  14.499  -2.266  1.00 34.86  ? 55  ILE A O   1 
ATOM   338  C CB  . ILE A 1 58  ? 13.330  11.462  -2.049  1.00 9.14   ? 55  ILE A CB  1 
ATOM   339  C CG1 . ILE A 1 58  ? 13.310  10.191  -1.207  1.00 3.48   ? 55  ILE A CG1 1 
ATOM   340  C CG2 . ILE A 1 58  ? 14.131  11.247  -3.317  1.00 6.09   ? 55  ILE A CG2 1 
ATOM   341  C CD1 . ILE A 1 58  ? 12.764  9.014   -1.937  1.00 10.07  ? 55  ILE A CD1 1 
ATOM   342  N N   . HIS A 1 59  ? 15.099  14.340  -2.490  1.00 37.22  ? 56  HIS A N   1 
ATOM   343  C CA  . HIS A 1 59  ? 15.182  15.556  -3.290  1.00 46.14  ? 56  HIS A CA  1 
ATOM   344  C C   . HIS A 1 59  ? 15.571  15.322  -4.727  1.00 46.07  ? 56  HIS A C   1 
ATOM   345  O O   . HIS A 1 59  ? 16.602  14.712  -5.016  1.00 51.19  ? 56  HIS A O   1 
ATOM   346  C CB  . HIS A 1 59  ? 16.083  16.586  -2.625  1.00 57.04  ? 56  HIS A CB  1 
ATOM   347  C CG  . HIS A 1 59  ? 15.437  17.249  -1.454  1.00 74.68  ? 56  HIS A CG  1 
ATOM   348  N ND1 . HIS A 1 59  ? 15.954  17.190  -0.174  1.00 82.93  ? 56  HIS A ND1 1 
ATOM   349  C CD2 . HIS A 1 59  ? 14.275  17.938  -1.357  1.00 81.34  ? 56  HIS A CD2 1 
ATOM   350  C CE1 . HIS A 1 59  ? 15.137  17.811  0.657   1.00 86.90  ? 56  HIS A CE1 1 
ATOM   351  N NE2 . HIS A 1 59  ? 14.108  18.275  -0.036  1.00 87.84  ? 56  HIS A NE2 1 
ATOM   352  N N   . GLU A 1 60  ? 14.716  15.811  -5.617  1.00 42.02  ? 57  GLU A N   1 
ATOM   353  C CA  . GLU A 1 60  ? 14.900  15.658  -7.050  1.00 43.09  ? 57  GLU A CA  1 
ATOM   354  C C   . GLU A 1 60  ? 14.695  14.208  -7.454  1.00 43.45  ? 57  GLU A C   1 
ATOM   355  O O   . GLU A 1 60  ? 15.611  13.559  -7.967  1.00 50.69  ? 57  GLU A O   1 
ATOM   356  C CB  . GLU A 1 60  ? 16.277  16.155  -7.500  1.00 48.50  ? 57  GLU A CB  1 
ATOM   357  C CG  . GLU A 1 60  ? 16.323  17.641  -7.837  1.00 57.32  ? 57  GLU A CG  1 
ATOM   358  C CD  . GLU A 1 60  ? 17.716  18.118  -8.223  1.00 63.00  ? 57  GLU A CD  1 
ATOM   359  O OE1 . GLU A 1 60  ? 18.484  17.325  -8.823  1.00 67.95  ? 57  GLU A OE1 1 
ATOM   360  O OE2 . GLU A 1 60  ? 18.042  19.291  -7.924  1.00 62.02  ? 57  GLU A OE2 1 
ATOM   361  N N   . LEU A 1 61  ? 13.497  13.695  -7.176  1.00 41.25  ? 58  LEU A N   1 
ATOM   362  C CA  . LEU A 1 61  ? 13.149  12.320  -7.533  1.00 39.36  ? 58  LEU A CA  1 
ATOM   363  C C   . LEU A 1 61  ? 12.981  12.307  -9.046  1.00 39.88  ? 58  LEU A C   1 
ATOM   364  O O   . LEU A 1 61  ? 13.637  11.532  -9.749  1.00 46.37  ? 58  LEU A O   1 
ATOM   365  C CB  . LEU A 1 61  ? 11.822  11.900  -6.874  1.00 38.01  ? 58  LEU A CB  1 
ATOM   366  C CG  . LEU A 1 61  ? 11.755  10.780  -5.823  1.00 33.14  ? 58  LEU A CG  1 
ATOM   367  C CD1 . LEU A 1 61  ? 10.303  10.554  -5.424  1.00 27.75  ? 58  LEU A CD1 1 
ATOM   368  C CD2 . LEU A 1 61  ? 12.354  9.489   -6.364  1.00 31.00  ? 58  LEU A CD2 1 
ATOM   369  N N   . THR A 1 62  ? 12.124  13.208  -9.531  1.00 36.62  ? 59  THR A N   1 
ATOM   370  C CA  . THR A 1 62  ? 11.833  13.336  -10.953 1.00 34.05  ? 59  THR A CA  1 
ATOM   371  C C   . THR A 1 62  ? 11.671  14.815  -11.312 1.00 34.01  ? 59  THR A C   1 
ATOM   372  O O   . THR A 1 62  ? 11.550  15.659  -10.415 1.00 37.34  ? 59  THR A O   1 
ATOM   373  C CB  . THR A 1 62  ? 10.562  12.537  -11.327 1.00 30.78  ? 59  THR A CB  1 
ATOM   374  O OG1 . THR A 1 62  ? 10.318  12.655  -12.733 1.00 37.88  ? 59  THR A OG1 1 
ATOM   375  C CG2 . THR A 1 62  ? 9.348   13.038  -10.558 1.00 21.48  ? 59  THR A CG2 1 
ATOM   376  N N   . THR A 1 63  ? 11.690  15.119  -12.610 1.00 33.32  ? 60  THR A N   1 
ATOM   377  C CA  . THR A 1 63  ? 11.570  16.495  -13.107 1.00 37.13  ? 60  THR A CA  1 
ATOM   378  C C   . THR A 1 63  ? 10.171  16.812  -13.610 1.00 37.24  ? 60  THR A C   1 
ATOM   379  O O   . THR A 1 63  ? 9.479   15.933  -14.122 1.00 31.36  ? 60  THR A O   1 
ATOM   380  C CB  . THR A 1 63  ? 12.536  16.770  -14.284 1.00 37.31  ? 60  THR A CB  1 
ATOM   381  O OG1 . THR A 1 63  ? 12.071  16.092  -15.460 1.00 33.04  ? 60  THR A OG1 1 
ATOM   382  C CG2 . THR A 1 63  ? 13.940  16.283  -13.957 1.00 41.71  ? 60  THR A CG2 1 
ATOM   383  N N   . GLU A 1 64  ? 9.804   18.089  -13.571 1.00 39.85  ? 61  GLU A N   1 
ATOM   384  C CA  . GLU A 1 64  ? 8.483   18.496  -14.026 1.00 44.36  ? 61  GLU A CA  1 
ATOM   385  C C   . GLU A 1 64  ? 8.218   18.001  -15.434 1.00 44.69  ? 61  GLU A C   1 
ATOM   386  O O   . GLU A 1 64  ? 7.094   17.655  -15.778 1.00 46.27  ? 61  GLU A O   1 
ATOM   387  C CB  . GLU A 1 64  ? 8.319   20.015  -13.962 1.00 49.42  ? 61  GLU A CB  1 
ATOM   388  C CG  . GLU A 1 64  ? 7.497   20.512  -12.764 1.00 64.58  ? 61  GLU A CG  1 
ATOM   389  C CD  . GLU A 1 64  ? 5.974   20.375  -12.943 1.00 72.17  ? 61  GLU A CD  1 
ATOM   390  O OE1 . GLU A 1 64  ? 5.513   19.472  -13.682 1.00 75.84  ? 61  GLU A OE1 1 
ATOM   391  O OE2 . GLU A 1 64  ? 5.229   21.179  -12.333 1.00 76.95  ? 61  GLU A OE2 1 
ATOM   392  N N   . GLU A 1 65  ? 9.275   17.925  -16.232 1.00 47.46  ? 62  GLU A N   1 
ATOM   393  C CA  . GLU A 1 65  ? 9.147   17.470  -17.612 1.00 50.13  ? 62  GLU A CA  1 
ATOM   394  C C   . GLU A 1 65  ? 9.188   15.962  -17.764 1.00 48.43  ? 62  GLU A C   1 
ATOM   395  O O   . GLU A 1 65  ? 8.717   15.425  -18.759 1.00 54.79  ? 62  GLU A O   1 
ATOM   396  C CB  . GLU A 1 65  ? 10.209  18.120  -18.516 1.00 55.85  ? 62  GLU A CB  1 
ATOM   397  C CG  . GLU A 1 65  ? 11.526  18.525  -17.831 1.00 64.20  ? 62  GLU A CG  1 
ATOM   398  C CD  . GLU A 1 65  ? 11.614  20.027  -17.523 1.00 68.67  ? 62  GLU A CD  1 
ATOM   399  O OE1 . GLU A 1 65  ? 11.720  20.837  -18.478 1.00 71.46  ? 62  GLU A OE1 1 
ATOM   400  O OE2 . GLU A 1 65  ? 11.597  20.393  -16.324 1.00 68.99  ? 62  GLU A OE2 1 
ATOM   401  N N   . GLN A 1 66  ? 9.729   15.281  -16.768 1.00 46.65  ? 63  GLN A N   1 
ATOM   402  C CA  . GLN A 1 66  ? 9.841   13.830  -16.811 1.00 48.13  ? 63  GLN A CA  1 
ATOM   403  C C   . GLN A 1 66  ? 8.571   13.150  -16.257 1.00 44.45  ? 63  GLN A C   1 
ATOM   404  O O   . GLN A 1 66  ? 8.174   12.065  -16.717 1.00 35.99  ? 63  GLN A O   1 
ATOM   405  C CB  . GLN A 1 66  ? 11.089  13.410  -16.011 1.00 54.26  ? 63  GLN A CB  1 
ATOM   406  C CG  . GLN A 1 66  ? 11.488  11.950  -16.115 1.00 61.67  ? 63  GLN A CG  1 
ATOM   407  C CD  . GLN A 1 66  ? 11.893  11.548  -17.521 1.00 70.00  ? 63  GLN A CD  1 
ATOM   408  O OE1 . GLN A 1 66  ? 11.741  12.316  -18.476 1.00 75.53  ? 63  GLN A OE1 1 
ATOM   409  N NE2 . GLN A 1 66  ? 12.411  10.334  -17.657 1.00 76.12  ? 63  GLN A NE2 1 
ATOM   410  N N   . PHE A 1 67  ? 7.937   13.810  -15.286 1.00 43.14  ? 64  PHE A N   1 
ATOM   411  C CA  . PHE A 1 67  ? 6.730   13.302  -14.626 1.00 41.21  ? 64  PHE A CA  1 
ATOM   412  C C   . PHE A 1 67  ? 5.465   13.660  -15.414 1.00 38.41  ? 64  PHE A C   1 
ATOM   413  O O   . PHE A 1 67  ? 4.860   14.716  -15.194 1.00 34.95  ? 64  PHE A O   1 
ATOM   414  C CB  . PHE A 1 67  ? 6.652   13.854  -13.189 1.00 39.54  ? 64  PHE A CB  1 
ATOM   415  C CG  . PHE A 1 67  ? 5.517   13.290  -12.378 1.00 33.98  ? 64  PHE A CG  1 
ATOM   416  C CD1 . PHE A 1 67  ? 5.514   11.947  -12.000 1.00 33.39  ? 64  PHE A CD1 1 
ATOM   417  C CD2 . PHE A 1 67  ? 4.455   14.105  -11.988 1.00 28.81  ? 64  PHE A CD2 1 
ATOM   418  C CE1 . PHE A 1 67  ? 4.460   11.420  -11.254 1.00 33.40  ? 64  PHE A CE1 1 
ATOM   419  C CE2 . PHE A 1 67  ? 3.401   13.591  -11.246 1.00 29.66  ? 64  PHE A CE2 1 
ATOM   420  C CZ  . PHE A 1 67  ? 3.403   12.244  -10.872 1.00 35.14  ? 64  PHE A CZ  1 
ATOM   421  N N   . VAL A 1 68  ? 5.050   12.744  -16.289 1.00 35.97  ? 65  VAL A N   1 
ATOM   422  C CA  . VAL A 1 68  ? 3.879   12.937  -17.147 1.00 35.69  ? 65  VAL A CA  1 
ATOM   423  C C   . VAL A 1 68  ? 2.591   12.235  -16.705 1.00 41.01  ? 65  VAL A C   1 
ATOM   424  O O   . VAL A 1 68  ? 2.577   11.517  -15.718 1.00 44.65  ? 65  VAL A O   1 
ATOM   425  C CB  . VAL A 1 68  ? 4.200   12.506  -18.578 1.00 29.38  ? 65  VAL A CB  1 
ATOM   426  C CG1 . VAL A 1 68  ? 5.185   13.460  -19.203 1.00 34.18  ? 65  VAL A CG1 1 
ATOM   427  C CG2 . VAL A 1 68  ? 4.768   11.108  -18.569 1.00 25.80  ? 65  VAL A CG2 1 
ATOM   428  N N   . GLU A 1 69  ? 1.486   12.530  -17.393 1.00 49.75  ? 66  GLU A N   1 
ATOM   429  C CA  . GLU A 1 69  ? 0.171   11.915  -17.095 1.00 53.60  ? 66  GLU A CA  1 
ATOM   430  C C   . GLU A 1 69  ? 0.352   10.401  -17.138 1.00 49.62  ? 66  GLU A C   1 
ATOM   431  O O   . GLU A 1 69  ? 0.787   9.851   -18.155 1.00 52.18  ? 66  GLU A O   1 
ATOM   432  C CB  . GLU A 1 69  ? -0.905  12.306  -18.141 1.00 65.26  ? 66  GLU A CB  1 
ATOM   433  C CG  . GLU A 1 69  ? -0.883  13.779  -18.620 1.00 85.84  ? 66  GLU A CG  1 
ATOM   434  C CD  . GLU A 1 69  ? -1.984  14.112  -19.649 1.00 96.33  ? 66  GLU A CD  1 
ATOM   435  O OE1 . GLU A 1 69  ? -2.181  13.298  -20.577 1.00 104.18 ? 66  GLU A OE1 1 
ATOM   436  O OE2 . GLU A 1 69  ? -2.629  15.184  -19.537 1.00 98.36  ? 66  GLU A OE2 1 
ATOM   437  N N   . GLY A 1 70  ? 0.036   9.722   -16.043 1.00 45.02  ? 67  GLY A N   1 
ATOM   438  C CA  . GLY A 1 70  ? 0.171   8.273   -16.022 1.00 35.32  ? 67  GLY A CA  1 
ATOM   439  C C   . GLY A 1 70  ? -0.135  7.688   -14.656 1.00 29.13  ? 67  GLY A C   1 
ATOM   440  O O   . GLY A 1 70  ? -0.312  8.410   -13.674 1.00 25.21  ? 67  GLY A O   1 
ATOM   441  N N   . VAL A 1 71  ? -0.258  6.372   -14.611 1.00 24.19  ? 68  VAL A N   1 
ATOM   442  C CA  . VAL A 1 71  ? -0.535  5.671   -13.370 1.00 22.88  ? 68  VAL A CA  1 
ATOM   443  C C   . VAL A 1 71  ? 0.815   5.385   -12.742 1.00 23.36  ? 68  VAL A C   1 
ATOM   444  O O   . VAL A 1 71  ? 1.701   4.818   -13.388 1.00 22.61  ? 68  VAL A O   1 
ATOM   445  C CB  . VAL A 1 71  ? -1.272  4.344   -13.625 1.00 21.18  ? 68  VAL A CB  1 
ATOM   446  C CG1 . VAL A 1 71  ? -1.516  3.627   -12.327 1.00 18.34  ? 68  VAL A CG1 1 
ATOM   447  C CG2 . VAL A 1 71  ? -2.580  4.603   -14.349 1.00 20.03  ? 68  VAL A CG2 1 
ATOM   448  N N   . TYR A 1 72  ? 0.978   5.808   -11.497 1.00 20.32  ? 69  TYR A N   1 
ATOM   449  C CA  . TYR A 1 72  ? 2.241   5.627   -10.798 1.00 13.49  ? 69  TYR A CA  1 
ATOM   450  C C   . TYR A 1 72  ? 2.093   4.757   -9.572  1.00 13.81  ? 69  TYR A C   1 
ATOM   451  O O   . TYR A 1 72  ? 1.008   4.654   -8.999  1.00 19.70  ? 69  TYR A O   1 
ATOM   452  C CB  . TYR A 1 72  ? 2.785   6.994   -10.375 1.00 15.64  ? 69  TYR A CB  1 
ATOM   453  C CG  . TYR A 1 72  ? 3.263   7.835   -11.533 1.00 21.29  ? 69  TYR A CG  1 
ATOM   454  C CD1 . TYR A 1 72  ? 2.379   8.611   -12.286 1.00 20.57  ? 69  TYR A CD1 1 
ATOM   455  C CD2 . TYR A 1 72  ? 4.598   7.818   -11.907 1.00 24.52  ? 69  TYR A CD2 1 
ATOM   456  C CE1 . TYR A 1 72  ? 2.824   9.335   -13.386 1.00 18.73  ? 69  TYR A CE1 1 
ATOM   457  C CE2 . TYR A 1 72  ? 5.047   8.536   -12.996 1.00 25.66  ? 69  TYR A CE2 1 
ATOM   458  C CZ  . TYR A 1 72  ? 4.163   9.289   -13.731 1.00 21.85  ? 69  TYR A CZ  1 
ATOM   459  O OH  . TYR A 1 72  ? 4.660   9.988   -14.806 1.00 31.09  ? 69  TYR A OH  1 
ATOM   460  N N   . ARG A 1 73  ? 3.179   4.123   -9.166  1.00 8.73   ? 70  ARG A N   1 
ATOM   461  C CA  . ARG A 1 73  ? 3.147   3.306   -7.969  1.00 13.65  ? 70  ARG A CA  1 
ATOM   462  C C   . ARG A 1 73  ? 4.325   3.695   -7.098  1.00 17.49  ? 70  ARG A C   1 
ATOM   463  O O   . ARG A 1 73  ? 5.473   3.619   -7.531  1.00 29.24  ? 70  ARG A O   1 
ATOM   464  C CB  . ARG A 1 73  ? 3.221   1.832   -8.308  1.00 17.39  ? 70  ARG A CB  1 
ATOM   465  C CG  . ARG A 1 73  ? 3.322   0.979   -7.081  1.00 27.82  ? 70  ARG A CG  1 
ATOM   466  C CD  . ARG A 1 73  ? 3.057   -0.462  -7.410  1.00 43.12  ? 70  ARG A CD  1 
ATOM   467  N NE  . ARG A 1 73  ? 4.189   -1.288  -7.025  1.00 54.78  ? 70  ARG A NE  1 
ATOM   468  C CZ  . ARG A 1 73  ? 5.086   -1.768  -7.877  1.00 63.29  ? 70  ARG A CZ  1 
ATOM   469  N NH1 . ARG A 1 73  ? 4.988   -1.517  -9.180  1.00 68.97  ? 70  ARG A NH1 1 
ATOM   470  N NH2 . ARG A 1 73  ? 6.100   -2.489  -7.419  1.00 75.12  ? 70  ARG A NH2 1 
ATOM   471  N N   . VAL A 1 74  ? 4.041   4.162   -5.893  1.00 12.17  ? 71  VAL A N   1 
ATOM   472  C CA  . VAL A 1 74  ? 5.081   4.578   -4.968  1.00 6.05   ? 71  VAL A CA  1 
ATOM   473  C C   . VAL A 1 74  ? 5.185   3.503   -3.887  1.00 14.43  ? 71  VAL A C   1 
ATOM   474  O O   . VAL A 1 74  ? 4.259   3.324   -3.088  1.00 17.41  ? 71  VAL A O   1 
ATOM   475  C CB  . VAL A 1 74  ? 4.721   5.939   -4.339  1.00 7.88   ? 71  VAL A CB  1 
ATOM   476  C CG1 . VAL A 1 74  ? 5.834   6.431   -3.406  1.00 2.00   ? 71  VAL A CG1 1 
ATOM   477  C CG2 . VAL A 1 74  ? 4.430   6.955   -5.432  1.00 3.27   ? 71  VAL A CG2 1 
ATOM   478  N N   . GLU A 1 75  ? 6.298   2.771   -3.888  1.00 14.42  ? 72  GLU A N   1 
ATOM   479  C CA  . GLU A 1 75  ? 6.550   1.691   -2.933  1.00 13.28  ? 72  GLU A CA  1 
ATOM   480  C C   . GLU A 1 75  ? 7.526   2.121   -1.840  1.00 19.99  ? 72  GLU A C   1 
ATOM   481  O O   . GLU A 1 75  ? 8.653   2.546   -2.130  1.00 27.35  ? 72  GLU A O   1 
ATOM   482  C CB  . GLU A 1 75  ? 7.137   0.491   -3.665  1.00 11.12  ? 72  GLU A CB  1 
ATOM   483  C CG  . GLU A 1 75  ? 7.640   -0.617  -2.767  1.00 13.90  ? 72  GLU A CG  1 
ATOM   484  C CD  . GLU A 1 75  ? 8.423   -1.636  -3.546  1.00 19.96  ? 72  GLU A CD  1 
ATOM   485  O OE1 . GLU A 1 75  ? 7.847   -2.237  -4.475  1.00 19.40  ? 72  GLU A OE1 1 
ATOM   486  O OE2 . GLU A 1 75  ? 9.621   -1.815  -3.251  1.00 20.69  ? 72  GLU A OE2 1 
ATOM   487  N N   . PHE A 1 76  ? 7.108   1.993   -0.585  1.00 17.55  ? 73  PHE A N   1 
ATOM   488  C CA  . PHE A 1 76  ? 7.957   2.363   0.537   1.00 14.49  ? 73  PHE A CA  1 
ATOM   489  C C   . PHE A 1 76  ? 8.633   1.096   1.041   1.00 13.90  ? 73  PHE A C   1 
ATOM   490  O O   . PHE A 1 76  ? 8.171   0.485   2.006   1.00 21.95  ? 73  PHE A O   1 
ATOM   491  C CB  . PHE A 1 76  ? 7.100   3.018   1.633   1.00 12.14  ? 73  PHE A CB  1 
ATOM   492  C CG  . PHE A 1 76  ? 6.549   4.362   1.243   1.00 2.00   ? 73  PHE A CG  1 
ATOM   493  C CD1 . PHE A 1 76  ? 7.326   5.503   1.351   1.00 2.00   ? 73  PHE A CD1 1 
ATOM   494  C CD2 . PHE A 1 76  ? 5.256   4.484   0.748   1.00 10.01  ? 73  PHE A CD2 1 
ATOM   495  C CE1 . PHE A 1 76  ? 6.833   6.742   0.960   1.00 3.50   ? 73  PHE A CE1 1 
ATOM   496  C CE2 . PHE A 1 76  ? 4.753   5.725   0.354   1.00 7.43   ? 73  PHE A CE2 1 
ATOM   497  C CZ  . PHE A 1 76  ? 5.543   6.853   0.465   1.00 3.56   ? 73  PHE A CZ  1 
ATOM   498  N N   . ASP A 1 77  ? 9.718   0.693   0.392   1.00 15.17  ? 74  ASP A N   1 
ATOM   499  C CA  . ASP A 1 77  ? 10.409  -0.539  0.770   1.00 20.40  ? 74  ASP A CA  1 
ATOM   500  C C   . ASP A 1 77  ? 11.097  -0.457  2.119   1.00 16.78  ? 74  ASP A C   1 
ATOM   501  O O   . ASP A 1 77  ? 12.238  -0.029  2.245   1.00 25.29  ? 74  ASP A O   1 
ATOM   502  C CB  . ASP A 1 77  ? 11.396  -0.967  -0.308  1.00 28.41  ? 74  ASP A CB  1 
ATOM   503  C CG  . ASP A 1 77  ? 11.856  -2.388  -0.128  1.00 38.06  ? 74  ASP A CG  1 
ATOM   504  O OD1 . ASP A 1 77  ? 12.474  -2.676  0.917   1.00 45.26  ? 74  ASP A OD1 1 
ATOM   505  O OD2 . ASP A 1 77  ? 11.592  -3.219  -1.027  1.00 48.79  ? 74  ASP A OD2 1 
ATOM   506  N N   . THR A 1 78  ? 10.428  -1.026  3.100   1.00 12.48  ? 75  THR A N   1 
ATOM   507  C CA  . THR A 1 78  ? 10.872  -1.016  4.484   1.00 14.35  ? 75  THR A CA  1 
ATOM   508  C C   . THR A 1 78  ? 11.183  -2.395  5.034   1.00 14.50  ? 75  THR A C   1 
ATOM   509  O O   . THR A 1 78  ? 11.199  -2.590  6.243   1.00 13.29  ? 75  THR A O   1 
ATOM   510  C CB  . THR A 1 78  ? 9.731   -0.467  5.324   1.00 7.15   ? 75  THR A CB  1 
ATOM   511  O OG1 . THR A 1 78  ? 8.503   -0.817  4.678   1.00 5.73   ? 75  THR A OG1 1 
ATOM   512  C CG2 . THR A 1 78  ? 9.763   1.051   5.394   1.00 18.04  ? 75  THR A CG2 1 
ATOM   513  N N   . SER A 1 79  ? 11.349  -3.363  4.146   1.00 16.69  ? 76  SER A N   1 
ATOM   514  C CA  . SER A 1 79  ? 11.619  -4.733  4.550   1.00 18.19  ? 76  SER A CA  1 
ATOM   515  C C   . SER A 1 79  ? 12.532  -4.835  5.770   1.00 23.00  ? 76  SER A C   1 
ATOM   516  O O   . SER A 1 79  ? 12.200  -5.491  6.759   1.00 29.19  ? 76  SER A O   1 
ATOM   517  C CB  . SER A 1 79  ? 12.246  -5.500  3.382   1.00 22.20  ? 76  SER A CB  1 
ATOM   518  O OG  . SER A 1 79  ? 11.445  -5.440  2.212   1.00 28.36  ? 76  SER A OG  1 
ATOM   519  N N   . SER A 1 80  ? 13.648  -4.124  5.714   1.00 25.57  ? 77  SER A N   1 
ATOM   520  C CA  . SER A 1 80  ? 14.638  -4.157  6.780   1.00 25.38  ? 77  SER A CA  1 
ATOM   521  C C   . SER A 1 80  ? 14.785  -2.870  7.580   1.00 21.19  ? 77  SER A C   1 
ATOM   522  O O   . SER A 1 80  ? 15.678  -2.770  8.416   1.00 24.45  ? 77  SER A O   1 
ATOM   523  C CB  . SER A 1 80  ? 15.984  -4.474  6.166   1.00 32.58  ? 77  SER A CB  1 
ATOM   524  O OG  . SER A 1 80  ? 16.282  -3.513  5.165   1.00 51.79  ? 77  SER A OG  1 
ATOM   525  N N   . TYR A 1 81  ? 13.925  -1.888  7.329   1.00 18.66  ? 78  TYR A N   1 
ATOM   526  C CA  . TYR A 1 81  ? 14.003  -0.608  8.025   1.00 4.89   ? 78  TYR A CA  1 
ATOM   527  C C   . TYR A 1 81  ? 14.090  -0.747  9.539   1.00 5.07   ? 78  TYR A C   1 
ATOM   528  O O   . TYR A 1 81  ? 14.788  0.023   10.179  1.00 13.15  ? 78  TYR A O   1 
ATOM   529  C CB  . TYR A 1 81  ? 12.828  0.278   7.630   1.00 2.00   ? 78  TYR A CB  1 
ATOM   530  C CG  . TYR A 1 81  ? 12.764  1.577   8.374   1.00 2.00   ? 78  TYR A CG  1 
ATOM   531  C CD1 . TYR A 1 81  ? 13.488  2.677   7.944   1.00 2.33   ? 78  TYR A CD1 1 
ATOM   532  C CD2 . TYR A 1 81  ? 11.984  1.707   9.526   1.00 2.00   ? 78  TYR A CD2 1 
ATOM   533  C CE1 . TYR A 1 81  ? 13.445  3.885   8.640   1.00 2.00   ? 78  TYR A CE1 1 
ATOM   534  C CE2 . TYR A 1 81  ? 11.925  2.904   10.228  1.00 6.40   ? 78  TYR A CE2 1 
ATOM   535  C CZ  . TYR A 1 81  ? 12.658  3.989   9.777   1.00 11.08  ? 78  TYR A CZ  1 
ATOM   536  O OH  . TYR A 1 81  ? 12.577  5.186   10.439  1.00 14.72  ? 78  TYR A OH  1 
ATOM   537  N N   . TRP A 1 82  ? 13.429  -1.749  10.112  1.00 4.96   ? 79  TRP A N   1 
ATOM   538  C CA  . TRP A 1 82  ? 13.470  -1.923  11.564  1.00 9.91   ? 79  TRP A CA  1 
ATOM   539  C C   . TRP A 1 82  ? 14.384  -3.070  11.991  1.00 14.87  ? 79  TRP A C   1 
ATOM   540  O O   . TRP A 1 82  ? 14.203  -3.656  13.075  1.00 11.74  ? 79  TRP A O   1 
ATOM   541  C CB  . TRP A 1 82  ? 12.073  -2.186  12.123  1.00 8.33   ? 79  TRP A CB  1 
ATOM   542  C CG  . TRP A 1 82  ? 10.996  -1.383  11.505  1.00 6.94   ? 79  TRP A CG  1 
ATOM   543  C CD1 . TRP A 1 82  ? 10.212  -1.749  10.451  1.00 3.56   ? 79  TRP A CD1 1 
ATOM   544  C CD2 . TRP A 1 82  ? 10.554  -0.085  11.908  1.00 7.90   ? 79  TRP A CD2 1 
ATOM   545  N NE1 . TRP A 1 82  ? 9.310   -0.757  10.170  1.00 7.47   ? 79  TRP A NE1 1 
ATOM   546  C CE2 . TRP A 1 82  ? 9.493   0.276   11.052  1.00 8.95   ? 79  TRP A CE2 1 
ATOM   547  C CE3 . TRP A 1 82  ? 10.944  0.804   12.914  1.00 12.26  ? 79  TRP A CE3 1 
ATOM   548  C CZ2 . TRP A 1 82  ? 8.818   1.493   11.167  1.00 5.49   ? 79  TRP A CZ2 1 
ATOM   549  C CZ3 . TRP A 1 82  ? 10.271  2.009   13.028  1.00 13.73  ? 79  TRP A CZ3 1 
ATOM   550  C CH2 . TRP A 1 82  ? 9.219   2.342   12.159  1.00 11.56  ? 79  TRP A CH2 1 
ATOM   551  N N   . LYS A 1 83  ? 15.367  -3.388  11.155  1.00 15.23  ? 80  LYS A N   1 
ATOM   552  C CA  . LYS A 1 83  ? 16.279  -4.479  11.455  1.00 19.06  ? 80  LYS A CA  1 
ATOM   553  C C   . LYS A 1 83  ? 17.107  -4.244  12.728  1.00 20.70  ? 80  LYS A C   1 
ATOM   554  O O   . LYS A 1 83  ? 17.165  -5.113  13.596  1.00 27.70  ? 80  LYS A O   1 
ATOM   555  C CB  . LYS A 1 83  ? 17.173  -4.778  10.251  1.00 16.44  ? 80  LYS A CB  1 
ATOM   556  C CG  . LYS A 1 83  ? 17.756  -6.172  10.280  1.00 30.71  ? 80  LYS A CG  1 
ATOM   557  C CD  . LYS A 1 83  ? 18.622  -6.450  9.069   1.00 42.90  ? 80  LYS A CD  1 
ATOM   558  C CE  . LYS A 1 83  ? 17.983  -7.468  8.134   1.00 52.76  ? 80  LYS A CE  1 
ATOM   559  N NZ  . LYS A 1 83  ? 16.720  -6.970  7.535   1.00 55.02  ? 80  LYS A NZ  1 
ATOM   560  N N   . GLY A 1 84  ? 17.678  -3.056  12.884  1.00 18.78  ? 81  GLY A N   1 
ATOM   561  C CA  . GLY A 1 84  ? 18.469  -2.788  14.076  1.00 16.32  ? 81  GLY A CA  1 
ATOM   562  C C   . GLY A 1 84  ? 17.727  -2.762  15.406  1.00 11.47  ? 81  GLY A C   1 
ATOM   563  O O   . GLY A 1 84  ? 18.355  -2.851  16.454  1.00 17.04  ? 81  GLY A O   1 
ATOM   564  N N   . LEU A 1 85  ? 16.405  -2.613  15.366  1.00 12.58  ? 82  LEU A N   1 
ATOM   565  C CA  . LEU A 1 85  ? 15.544  -2.564  16.560  1.00 12.34  ? 82  LEU A CA  1 
ATOM   566  C C   . LEU A 1 85  ? 15.040  -3.941  16.972  1.00 16.20  ? 82  LEU A C   1 
ATOM   567  O O   . LEU A 1 85  ? 14.556  -4.129  18.099  1.00 16.33  ? 82  LEU A O   1 
ATOM   568  C CB  . LEU A 1 85  ? 14.310  -1.719  16.269  1.00 11.33  ? 82  LEU A CB  1 
ATOM   569  C CG  . LEU A 1 85  ? 14.206  -0.234  16.596  1.00 4.67   ? 82  LEU A CG  1 
ATOM   570  C CD1 . LEU A 1 85  ? 15.548  0.388   16.804  1.00 2.00   ? 82  LEU A CD1 1 
ATOM   571  C CD2 . LEU A 1 85  ? 13.450  0.410   15.453  1.00 5.17   ? 82  LEU A CD2 1 
ATOM   572  N N   . GLY A 1 86  ? 15.091  -4.871  16.017  1.00 19.29  ? 83  GLY A N   1 
ATOM   573  C CA  . GLY A 1 86  ? 14.618  -6.227  16.233  1.00 22.39  ? 83  GLY A CA  1 
ATOM   574  C C   . GLY A 1 86  ? 13.110  -6.207  16.313  1.00 30.00  ? 83  GLY A C   1 
ATOM   575  O O   . GLY A 1 86  ? 12.529  -6.900  17.134  1.00 32.61  ? 83  GLY A O   1 
ATOM   576  N N   . LEU A 1 87  ? 12.474  -5.479  15.398  1.00 39.75  ? 84  LEU A N   1 
ATOM   577  C CA  . LEU A 1 87  ? 11.027  -5.336  15.425  1.00 43.52  ? 84  LEU A CA  1 
ATOM   578  C C   . LEU A 1 87  ? 10.092  -6.059  14.471  1.00 55.31  ? 84  LEU A C   1 
ATOM   579  O O   . LEU A 1 87  ? 9.127   -6.671  14.939  1.00 65.40  ? 84  LEU A O   1 
ATOM   580  C CB  . LEU A 1 87  ? 10.660  -3.854  15.438  1.00 32.38  ? 84  LEU A CB  1 
ATOM   581  C CG  . LEU A 1 87  ? 10.995  -3.172  16.757  1.00 16.31  ? 84  LEU A CG  1 
ATOM   582  C CD1 . LEU A 1 87  ? 10.444  -1.768  16.768  1.00 18.68  ? 84  LEU A CD1 1 
ATOM   583  C CD2 . LEU A 1 87  ? 10.384  -3.992  17.862  1.00 15.80  ? 84  LEU A CD2 1 
ATOM   584  N N   . SER A 1 88  ? 10.307  -5.980  13.152  1.00 53.29  ? 85  SER A N   1 
ATOM   585  C CA  . SER A 1 88  ? 9.368   -6.648  12.241  1.00 52.96  ? 85  SER A CA  1 
ATOM   586  C C   . SER A 1 88  ? 9.839   -7.935  11.620  1.00 53.32  ? 85  SER A C   1 
ATOM   587  O O   . SER A 1 88  ? 10.358  -7.963  10.503  1.00 57.18  ? 85  SER A O   1 
ATOM   588  C CB  . SER A 1 88  ? 8.853   -5.721  11.139  1.00 53.70  ? 85  SER A CB  1 
ATOM   589  O OG  . SER A 1 88  ? 7.788   -6.327  10.411  1.00 48.23  ? 85  SER A OG  1 
ATOM   590  N N   . PRO A 1 89  ? 9.481   -9.045  12.251  1.00 53.21  ? 86  PRO A N   1 
ATOM   591  C CA  . PRO A 1 89  ? 9.918   -10.311 11.695  1.00 52.27  ? 86  PRO A CA  1 
ATOM   592  C C   . PRO A 1 89  ? 9.070   -10.726 10.487  1.00 50.58  ? 86  PRO A C   1 
ATOM   593  O O   . PRO A 1 89  ? 9.473   -11.606 9.734   1.00 57.04  ? 86  PRO A O   1 
ATOM   594  C CB  . PRO A 1 89  ? 9.778   -11.240 12.880  1.00 60.82  ? 86  PRO A CB  1 
ATOM   595  C CG  . PRO A 1 89  ? 8.488   -10.777 13.471  1.00 61.30  ? 86  PRO A CG  1 
ATOM   596  C CD  . PRO A 1 89  ? 8.595   -9.258  13.410  1.00 54.69  ? 86  PRO A CD  1 
ATOM   597  N N   . PHE A 1 90  ? 7.948   -10.049 10.232  1.00 49.26  ? 87  PHE A N   1 
ATOM   598  C CA  . PHE A 1 90  ? 7.135   -10.416 9.063   1.00 50.59  ? 87  PHE A CA  1 
ATOM   599  C C   . PHE A 1 90  ? 7.475   -9.640  7.811   1.00 49.68  ? 87  PHE A C   1 
ATOM   600  O O   . PHE A 1 90  ? 6.910   -9.853  6.742   1.00 47.59  ? 87  PHE A O   1 
ATOM   601  C CB  . PHE A 1 90  ? 5.618   -10.352 9.340   1.00 51.44  ? 87  PHE A CB  1 
ATOM   602  C CG  . PHE A 1 90  ? 5.183   -11.303 10.401  1.00 58.30  ? 87  PHE A CG  1 
ATOM   603  C CD1 . PHE A 1 90  ? 5.417   -12.668 10.262  1.00 59.98  ? 87  PHE A CD1 1 
ATOM   604  C CD2 . PHE A 1 90  ? 4.740   -10.821 11.625  1.00 65.56  ? 87  PHE A CD2 1 
ATOM   605  C CE1 . PHE A 1 90  ? 5.228   -13.543 11.329  1.00 62.13  ? 87  PHE A CE1 1 
ATOM   606  C CE2 . PHE A 1 90  ? 4.543   -11.683 12.711  1.00 65.54  ? 87  PHE A CE2 1 
ATOM   607  C CZ  . PHE A 1 90  ? 4.795   -13.043 12.566  1.00 64.88  ? 87  PHE A CZ  1 
ATOM   608  N N   . HIS A 1 91  ? 8.450   -8.752  7.932   1.00 49.06  ? 88  HIS A N   1 
ATOM   609  C CA  . HIS A 1 91  ? 8.908   -7.975  6.787   1.00 52.20  ? 88  HIS A CA  1 
ATOM   610  C C   . HIS A 1 91  ? 7.844   -7.256  5.956   1.00 49.28  ? 88  HIS A C   1 
ATOM   611  O O   . HIS A 1 91  ? 7.710   -7.481  4.766   1.00 51.17  ? 88  HIS A O   1 
ATOM   612  C CB  . HIS A 1 91  ? 9.747   -8.865  5.889   1.00 56.08  ? 88  HIS A CB  1 
ATOM   613  C CG  . HIS A 1 91  ? 10.978  -9.395  6.556   1.00 58.36  ? 88  HIS A CG  1 
ATOM   614  N ND1 . HIS A 1 91  ? 11.543  -8.774  7.644   1.00 59.78  ? 88  HIS A ND1 1 
ATOM   615  C CD2 . HIS A 1 91  ? 11.750  -10.467 6.282   1.00 59.72  ? 88  HIS A CD2 1 
ATOM   616  C CE1 . HIS A 1 91  ? 12.609  -9.440  8.022   1.00 58.20  ? 88  HIS A CE1 1 
ATOM   617  N NE2 . HIS A 1 91  ? 12.758  -10.477 7.212   1.00 60.25  ? 88  HIS A NE2 1 
ATOM   618  N N   . GLU A 1 92  ? 7.234   -6.270  6.584   1.00 48.16  ? 89  GLU A N   1 
ATOM   619  C CA  . GLU A 1 92  ? 6.177   -5.499  5.967   1.00 45.47  ? 89  GLU A CA  1 
ATOM   620  C C   . GLU A 1 92  ? 6.596   -4.239  5.201   1.00 43.80  ? 89  GLU A C   1 
ATOM   621  O O   . GLU A 1 92  ? 7.546   -3.536  5.580   1.00 49.82  ? 89  GLU A O   1 
ATOM   622  C CB  . GLU A 1 92  ? 5.215   -5.078  7.036   1.00 53.04  ? 89  GLU A CB  1 
ATOM   623  C CG  . GLU A 1 92  ? 3.980   -5.918  7.147   1.00 57.82  ? 89  GLU A CG  1 
ATOM   624  C CD  . GLU A 1 92  ? 2.728   -5.052  7.258   1.00 59.79  ? 89  GLU A CD  1 
ATOM   625  O OE1 . GLU A 1 92  ? 2.834   -3.802  7.221   1.00 61.37  ? 89  GLU A OE1 1 
ATOM   626  O OE2 . GLU A 1 92  ? 1.637   -5.642  7.358   1.00 65.91  ? 89  GLU A OE2 1 
ATOM   627  N N   . TYR A 1 93  ? 5.834   -3.923  4.155   1.00 34.49  ? 90  TYR A N   1 
ATOM   628  C CA  . TYR A 1 93  ? 6.013   -2.695  3.348   1.00 26.04  ? 90  TYR A CA  1 
ATOM   629  C C   . TYR A 1 93  ? 4.751   -2.450  2.525   1.00 22.70  ? 90  TYR A C   1 
ATOM   630  O O   . TYR A 1 93  ? 3.909   -3.340  2.429   1.00 24.62  ? 90  TYR A O   1 
ATOM   631  C CB  . TYR A 1 93  ? 7.293   -2.744  2.509   1.00 23.88  ? 90  TYR A CB  1 
ATOM   632  C CG  . TYR A 1 93  ? 7.309   -3.648  1.315   1.00 14.88  ? 90  TYR A CG  1 
ATOM   633  C CD1 . TYR A 1 93  ? 6.640   -3.298  0.142   1.00 26.83  ? 90  TYR A CD1 1 
ATOM   634  C CD2 . TYR A 1 93  ? 8.044   -4.815  1.325   1.00 16.60  ? 90  TYR A CD2 1 
ATOM   635  C CE1 . TYR A 1 93  ? 6.708   -4.090  -1.001  1.00 28.73  ? 90  TYR A CE1 1 
ATOM   636  C CE2 . TYR A 1 93  ? 8.124   -5.622  0.183   1.00 31.11  ? 90  TYR A CE2 1 
ATOM   637  C CZ  . TYR A 1 93  ? 7.449   -5.248  -0.976  1.00 31.07  ? 90  TYR A CZ  1 
ATOM   638  O OH  . TYR A 1 93  ? 7.527   -6.032  -2.107  1.00 39.03  ? 90  TYR A OH  1 
ATOM   639  N N   . ALA A 1 94  ? 4.635   -1.281  1.901   1.00 16.08  ? 91  ALA A N   1 
ATOM   640  C CA  . ALA A 1 94  ? 3.426   -0.943  1.159   1.00 6.98   ? 91  ALA A CA  1 
ATOM   641  C C   . ALA A 1 94  ? 3.588   -0.129  -0.119  1.00 8.04   ? 91  ALA A C   1 
ATOM   642  O O   . ALA A 1 94  ? 4.627   0.475   -0.342  1.00 17.54  ? 91  ALA A O   1 
ATOM   643  C CB  . ALA A 1 94  ? 2.472   -0.232  2.085   1.00 5.64   ? 91  ALA A CB  1 
ATOM   644  N N   . ASP A 1 95  ? 2.523   -0.098  -0.923  1.00 10.63  ? 92  ASP A N   1 
ATOM   645  C CA  . ASP A 1 95  ? 2.460   0.614   -2.198  1.00 11.57  ? 92  ASP A CA  1 
ATOM   646  C C   . ASP A 1 95  ? 1.270   1.562   -2.188  1.00 14.97  ? 92  ASP A C   1 
ATOM   647  O O   . ASP A 1 95  ? 0.310   1.365   -1.446  1.00 21.13  ? 92  ASP A O   1 
ATOM   648  C CB  . ASP A 1 95  ? 2.168   -0.337  -3.369  1.00 16.47  ? 92  ASP A CB  1 
ATOM   649  C CG  . ASP A 1 95  ? 3.298   -1.293  -3.666  1.00 37.30  ? 92  ASP A CG  1 
ATOM   650  O OD1 . ASP A 1 95  ? 4.402   -0.824  -4.010  1.00 46.35  ? 92  ASP A OD1 1 
ATOM   651  O OD2 . ASP A 1 95  ? 3.072   -2.523  -3.589  1.00 45.23  ? 92  ASP A OD2 1 
ATOM   652  N N   . VAL A 1 96  ? 1.311   2.550   -3.069  1.00 11.71  ? 93  VAL A N   1 
ATOM   653  C CA  . VAL A 1 96  ? 0.223   3.489   -3.241  1.00 4.59   ? 93  VAL A CA  1 
ATOM   654  C C   . VAL A 1 96  ? 0.182   3.554   -4.744  1.00 5.89   ? 93  VAL A C   1 
ATOM   655  O O   . VAL A 1 96  ? 1.228   3.544   -5.388  1.00 12.36  ? 93  VAL A O   1 
ATOM   656  C CB  . VAL A 1 96  ? 0.550   4.881   -2.740  1.00 3.21   ? 93  VAL A CB  1 
ATOM   657  C CG1 . VAL A 1 96  ? -0.723  5.688   -2.611  1.00 5.38   ? 93  VAL A CG1 1 
ATOM   658  C CG2 . VAL A 1 96  ? 1.261   4.806   -1.425  1.00 17.48  ? 93  VAL A CG2 1 
ATOM   659  N N   . VAL A 1 97  ? -1.006  3.553   -5.316  1.00 2.00   ? 94  VAL A N   1 
ATOM   660  C CA  . VAL A 1 97  ? -1.117  3.605   -6.751  1.00 3.09   ? 94  VAL A CA  1 
ATOM   661  C C   . VAL A 1 97  ? -2.160  4.660   -7.092  1.00 8.77   ? 94  VAL A C   1 
ATOM   662  O O   . VAL A 1 97  ? -3.348  4.494   -6.833  1.00 9.52   ? 94  VAL A O   1 
ATOM   663  C CB  . VAL A 1 97  ? -1.493  2.225   -7.296  1.00 2.00   ? 94  VAL A CB  1 
ATOM   664  C CG1 . VAL A 1 97  ? -1.605  2.251   -8.799  1.00 2.00   ? 94  VAL A CG1 1 
ATOM   665  C CG2 . VAL A 1 97  ? -0.468  1.216   -6.870  1.00 2.00   ? 94  VAL A CG2 1 
ATOM   666  N N   . PHE A 1 98  ? -1.693  5.805   -7.557  1.00 13.32  ? 95  PHE A N   1 
ATOM   667  C CA  . PHE A 1 98  ? -2.597  6.882   -7.924  1.00 18.32  ? 95  PHE A CA  1 
ATOM   668  C C   . PHE A 1 98  ? -2.412  7.199   -9.422  1.00 25.54  ? 95  PHE A C   1 
ATOM   669  O O   . PHE A 1 98  ? -1.436  6.769   -10.051 1.00 25.32  ? 95  PHE A O   1 
ATOM   670  C CB  . PHE A 1 98  ? -2.330  8.122   -7.057  1.00 10.41  ? 95  PHE A CB  1 
ATOM   671  C CG  . PHE A 1 98  ? -0.886  8.598   -7.115  1.00 10.73  ? 95  PHE A CG  1 
ATOM   672  C CD1 . PHE A 1 98  ? 0.125   7.820   -6.547  1.00 11.74  ? 95  PHE A CD1 1 
ATOM   673  C CD2 . PHE A 1 98  ? -0.586  9.813   -7.735  1.00 14.98  ? 95  PHE A CD2 1 
ATOM   674  C CE1 . PHE A 1 98  ? 1.451   8.259   -6.601  1.00 15.01  ? 95  PHE A CE1 1 
ATOM   675  C CE2 . PHE A 1 98  ? 0.741   10.252  -7.791  1.00 13.27  ? 95  PHE A CE2 1 
ATOM   676  C CZ  . PHE A 1 98  ? 1.759   9.474   -7.223  1.00 15.52  ? 95  PHE A CZ  1 
ATOM   677  N N   . THR A 1 99  ? -3.373  7.928   -9.977  1.00 34.56  ? 96  THR A N   1 
ATOM   678  C CA  . THR A 1 99  ? -3.322  8.368   -11.393 1.00 49.60  ? 96  THR A CA  1 
ATOM   679  C C   . THR A 1 99  ? -2.901  9.849   -11.400 1.00 52.45  ? 96  THR A C   1 
ATOM   680  O O   . THR A 1 99  ? -3.658  10.724  -10.944 1.00 53.94  ? 96  THR A O   1 
ATOM   681  C CB  . THR A 1 99  ? -4.681  8.142   -12.064 1.00 56.27  ? 96  THR A CB  1 
ATOM   682  O OG1 . THR A 1 99  ? -4.921  6.745   -12.216 1.00 61.07  ? 96  THR A OG1 1 
ATOM   683  C CG2 . THR A 1 99  ? -4.768  8.765   -13.460 1.00 62.77  ? 96  THR A CG2 1 
ATOM   684  N N   . ALA A 1 100 ? -1.696  10.059  -11.932 1.00 56.28  ? 97  ALA A N   1 
ATOM   685  C CA  . ALA A 1 100 ? -0.981  11.364  -11.904 1.00 61.98  ? 97  ALA A CA  1 
ATOM   686  C C   . ALA A 1 100 ? -1.137  12.202  -13.191 1.00 70.12  ? 97  ALA A C   1 
ATOM   687  O O   . ALA A 1 100 ? -0.530  11.899  -14.228 1.00 76.96  ? 97  ALA A O   1 
ATOM   688  C CB  . ALA A 1 100 ? 0.526   11.128  -11.753 1.00 59.18  ? 97  ALA A CB  1 
ATOM   689  N N   . ASN A 1 101 ? -1.942  13.244  -13.055 1.00 78.56  ? 98  ASN A N   1 
ATOM   690  C CA  . ASN A 1 101 ? -2.151  14.280  -14.092 1.00 90.63  ? 98  ASN A CA  1 
ATOM   691  C C   . ASN A 1 101 ? -3.005  13.790  -15.283 1.00 97.51  ? 98  ASN A C   1 
ATOM   692  O O   . ASN A 1 101 ? -2.597  13.958  -16.459 1.00 100.07 ? 98  ASN A O   1 
ATOM   693  C CB  . ASN A 1 101 ? -0.792  14.794  -14.556 1.00 95.10  ? 98  ASN A CB  1 
ATOM   694  C CG  . ASN A 1 101 ? 0.015   15.381  -13.388 1.00 97.96  ? 98  ASN A CG  1 
ATOM   695  O OD1 . ASN A 1 101 ? -0.430  16.335  -12.744 1.00 95.41  ? 98  ASN A OD1 1 
ATOM   696  N ND2 . ASN A 1 101 ? 1.183   14.861  -13.063 1.00 99.30  ? 98  ASN A ND2 1 
ATOM   697  N N   . ASP A 1 102 ? -4.137  13.241  -14.847 1.00 105.30 ? 99  ASP A N   1 
ATOM   698  C CA  . ASP A 1 102 ? -5.376  13.061  -15.712 1.00 115.42 ? 99  ASP A CA  1 
ATOM   699  C C   . ASP A 1 102 ? -6.339  14.261  -15.746 1.00 119.32 ? 99  ASP A C   1 
ATOM   700  O O   . ASP A 1 102 ? -7.556  14.106  -15.926 1.00 120.61 ? 99  ASP A O   1 
ATOM   701  C CB  . ASP A 1 102 ? -6.090  11.820  -15.115 1.00 121.68 ? 99  ASP A CB  1 
ATOM   702  C CG  . ASP A 1 102 ? -7.319  12.152  -14.241 1.00 128.67 ? 99  ASP A CG  1 
ATOM   703  O OD1 . ASP A 1 102 ? -7.159  12.682  -13.073 1.00 132.58 ? 99  ASP A OD1 1 
ATOM   704  O OD2 . ASP A 1 102 ? -8.515  11.894  -14.663 1.00 133.13 ? 99  ASP A OD2 1 
ATOM   705  N N   . SER A 1 103 ? -5.716  15.428  -15.548 1.00 120.70 ? 100 SER A N   1 
ATOM   706  C CA  . SER A 1 103 ? -6.393  16.744  -15.544 1.00 119.15 ? 100 SER A CA  1 
ATOM   707  C C   . SER A 1 103 ? -5.386  17.874  -15.258 1.00 117.47 ? 100 SER A C   1 
ATOM   708  O O   . SER A 1 103 ? -5.273  18.367  -14.126 1.00 115.63 ? 100 SER A O   1 
ATOM   709  C CB  . SER A 1 103 ? -7.483  16.786  -14.473 1.00 118.19 ? 100 SER A CB  1 
ATOM   710  O OG  . SER A 1 103 ? -8.293  17.942  -14.654 1.00 118.26 ? 100 SER A OG  1 
ATOM   711  N N   . GLY A 1 104 ? -4.675  18.256  -16.302 1.00 116.46 ? 101 GLY A N   1 
ATOM   712  C CA  . GLY A 1 104 ? -3.681  19.340  -16.235 1.00 114.88 ? 101 GLY A CA  1 
ATOM   713  C C   . GLY A 1 104 ? -2.343  18.823  -15.748 1.00 113.96 ? 101 GLY A C   1 
ATOM   714  O O   . GLY A 1 104 ? -1.931  17.718  -16.103 1.00 115.30 ? 101 GLY A O   1 
ATOM   715  N N   . HIS A 1 105 ? -1.623  19.654  -15.001 1.00 113.06 ? 102 HIS A N   1 
ATOM   716  C CA  . HIS A 1 105 ? -0.308  19.302  -14.445 1.00 110.76 ? 102 HIS A CA  1 
ATOM   717  C C   . HIS A 1 105 ? -0.371  19.674  -12.972 1.00 103.08 ? 102 HIS A C   1 
ATOM   718  O O   . HIS A 1 105 ? -0.798  20.782  -12.637 1.00 105.54 ? 102 HIS A O   1 
ATOM   719  C CB  . HIS A 1 105 ? 0.799   20.133  -15.106 1.00 119.16 ? 102 HIS A CB  1 
ATOM   720  C CG  . HIS A 1 105 ? 1.274   19.602  -16.432 1.00 128.69 ? 102 HIS A CG  1 
ATOM   721  N ND1 . HIS A 1 105 ? 1.028   18.312  -16.855 1.00 132.32 ? 102 HIS A ND1 1 
ATOM   722  C CD2 . HIS A 1 105 ? 2.011   20.184  -17.409 1.00 132.99 ? 102 HIS A CD2 1 
ATOM   723  C CE1 . HIS A 1 105 ? 1.602   18.119  -18.037 1.00 135.53 ? 102 HIS A CE1 1 
ATOM   724  N NE2 . HIS A 1 105 ? 2.199   19.242  -18.390 1.00 137.65 ? 102 HIS A NE2 1 
ATOM   725  N N   . ARG A 1 106 ? 0.080   18.780  -12.097 1.00 89.47  ? 103 ARG A N   1 
ATOM   726  C CA  . ARG A 1 106 ? 0.034   19.054  -10.670 1.00 72.10  ? 103 ARG A CA  1 
ATOM   727  C C   . ARG A 1 106 ? 1.255   18.636  -9.894  1.00 61.34  ? 103 ARG A C   1 
ATOM   728  O O   . ARG A 1 106 ? 2.292   18.312  -10.469 1.00 59.57  ? 103 ARG A O   1 
ATOM   729  C CB  . ARG A 1 106 ? -1.175  18.373  -10.066 1.00 73.48  ? 103 ARG A CB  1 
ATOM   730  C CG  . ARG A 1 106 ? -2.308  19.300  -9.943  1.00 76.51  ? 103 ARG A CG  1 
ATOM   731  C CD  . ARG A 1 106 ? -3.588  18.569  -10.044 1.00 87.35  ? 103 ARG A CD  1 
ATOM   732  N NE  . ARG A 1 106 ? -4.655  19.537  -10.214 1.00 104.63 ? 103 ARG A NE  1 
ATOM   733  C CZ  . ARG A 1 106 ? -5.919  19.225  -10.452 1.00 114.06 ? 103 ARG A CZ  1 
ATOM   734  N NH1 . ARG A 1 106 ? -6.286  17.951  -10.549 1.00 118.26 ? 103 ARG A NH1 1 
ATOM   735  N NH2 . ARG A 1 106 ? -6.820  20.191  -10.587 1.00 122.71 ? 103 ARG A NH2 1 
ATOM   736  N N   . HIS A 1 107 ? 1.140   18.737  -8.572  1.00 52.84  ? 104 HIS A N   1 
ATOM   737  C CA  . HIS A 1 107 ? 2.204   18.346  -7.654  1.00 47.83  ? 104 HIS A CA  1 
ATOM   738  C C   . HIS A 1 107 ? 1.585   17.383  -6.642  1.00 38.40  ? 104 HIS A C   1 
ATOM   739  O O   . HIS A 1 107 ? 0.442   17.543  -6.231  1.00 35.46  ? 104 HIS A O   1 
ATOM   740  C CB  . HIS A 1 107 ? 2.806   19.561  -6.925  1.00 57.71  ? 104 HIS A CB  1 
ATOM   741  C CG  . HIS A 1 107 ? 3.821   20.329  -7.738  1.00 66.46  ? 104 HIS A CG  1 
ATOM   742  N ND1 . HIS A 1 107 ? 4.669   21.252  -7.165  1.00 69.69  ? 104 HIS A ND1 1 
ATOM   743  C CD2 . HIS A 1 107 ? 4.105   20.314  -9.059  1.00 70.56  ? 104 HIS A CD2 1 
ATOM   744  C CE1 . HIS A 1 107 ? 5.442   21.776  -8.110  1.00 72.59  ? 104 HIS A CE1 1 
ATOM   745  N NE2 . HIS A 1 107 ? 5.123   21.227  -9.262  1.00 70.31  ? 104 HIS A NE2 1 
ATOM   746  N N   . TYR A 1 108 ? 2.335   16.355  -6.282  1.00 32.41  ? 105 TYR A N   1 
ATOM   747  C CA  . TYR A 1 108 ? 1.874   15.348  -5.354  1.00 24.30  ? 105 TYR A CA  1 
ATOM   748  C C   . TYR A 1 108 ? 2.852   15.150  -4.226  1.00 23.03  ? 105 TYR A C   1 
ATOM   749  O O   . TYR A 1 108 ? 4.059   15.191  -4.432  1.00 24.49  ? 105 TYR A O   1 
ATOM   750  C CB  . TYR A 1 108 ? 1.733   14.006  -6.074  1.00 27.39  ? 105 TYR A CB  1 
ATOM   751  C CG  . TYR A 1 108 ? 0.743   14.064  -7.197  1.00 30.79  ? 105 TYR A CG  1 
ATOM   752  C CD1 . TYR A 1 108 ? 1.032   14.786  -8.349  1.00 31.18  ? 105 TYR A CD1 1 
ATOM   753  C CD2 . TYR A 1 108 ? -0.527  13.514  -7.058  1.00 29.99  ? 105 TYR A CD2 1 
ATOM   754  C CE1 . TYR A 1 108 ? 0.082   14.980  -9.324  1.00 34.64  ? 105 TYR A CE1 1 
ATOM   755  C CE2 . TYR A 1 108 ? -1.487  13.699  -8.037  1.00 34.07  ? 105 TYR A CE2 1 
ATOM   756  C CZ  . TYR A 1 108 ? -1.176  14.443  -9.161  1.00 31.73  ? 105 TYR A CZ  1 
ATOM   757  O OH  . TYR A 1 108 ? -2.129  14.705  -10.109 1.00 36.79  ? 105 TYR A OH  1 
ATOM   758  N N   . THR A 1 109 ? 2.325   14.930  -3.031  1.00 20.03  ? 106 THR A N   1 
ATOM   759  C CA  . THR A 1 109 ? 3.161   14.640  -1.888  1.00 15.00  ? 106 THR A CA  1 
ATOM   760  C C   . THR A 1 109 ? 2.576   13.395  -1.230  1.00 18.00  ? 106 THR A C   1 
ATOM   761  O O   . THR A 1 109 ? 1.431   13.410  -0.767  1.00 22.13  ? 106 THR A O   1 
ATOM   762  C CB  . THR A 1 109 ? 3.194   15.781  -0.892  1.00 10.25  ? 106 THR A CB  1 
ATOM   763  O OG1 . THR A 1 109 ? 3.629   16.971  -1.557  1.00 17.12  ? 106 THR A OG1 1 
ATOM   764  C CG2 . THR A 1 109 ? 4.160   15.451  0.234   1.00 2.41   ? 106 THR A CG2 1 
ATOM   765  N N   . ILE A 1 110 ? 3.309   12.289  -1.319  1.00 17.29  ? 107 ILE A N   1 
ATOM   766  C CA  . ILE A 1 110 ? 2.894   11.035  -0.715  1.00 10.52  ? 107 ILE A CA  1 
ATOM   767  C C   . ILE A 1 110 ? 3.529   11.018  0.665   1.00 11.13  ? 107 ILE A C   1 
ATOM   768  O O   . ILE A 1 110 ? 4.748   10.881  0.793   1.00 13.25  ? 107 ILE A O   1 
ATOM   769  C CB  . ILE A 1 110 ? 3.393   9.828   -1.519  1.00 10.22  ? 107 ILE A CB  1 
ATOM   770  C CG1 . ILE A 1 110 ? 2.911   9.919   -2.968  1.00 14.04  ? 107 ILE A CG1 1 
ATOM   771  C CG2 . ILE A 1 110 ? 2.889   8.546   -0.890  1.00 13.65  ? 107 ILE A CG2 1 
ATOM   772  C CD1 . ILE A 1 110 ? 1.398   9.935   -3.113  1.00 16.79  ? 107 ILE A CD1 1 
ATOM   773  N N   . ALA A 1 111 ? 2.712   11.320  1.669   1.00 9.76   ? 108 ALA A N   1 
ATOM   774  C CA  . ALA A 1 111 ? 3.127   11.352  3.066   1.00 5.80   ? 108 ALA A CA  1 
ATOM   775  C C   . ALA A 1 111 ? 2.850   9.989   3.700   1.00 7.75   ? 108 ALA A C   1 
ATOM   776  O O   . ALA A 1 111 ? 1.703   9.557   3.764   1.00 11.93  ? 108 ALA A O   1 
ATOM   777  C CB  . ALA A 1 111 ? 2.358   12.432  3.792   1.00 2.00   ? 108 ALA A CB  1 
ATOM   778  N N   . ALA A 1 112 ? 3.893   9.329   4.188   1.00 10.06  ? 109 ALA A N   1 
ATOM   779  C CA  . ALA A 1 112 ? 3.769   8.003   4.788   1.00 8.80   ? 109 ALA A CA  1 
ATOM   780  C C   . ALA A 1 112 ? 4.185   7.984   6.270   1.00 10.71  ? 109 ALA A C   1 
ATOM   781  O O   . ALA A 1 112 ? 5.032   8.775   6.688   1.00 16.78  ? 109 ALA A O   1 
ATOM   782  C CB  . ALA A 1 112 ? 4.598   6.996   3.971   1.00 2.59   ? 109 ALA A CB  1 
ATOM   783  N N   . LEU A 1 113 ? 3.570   7.100   7.059   1.00 10.30  ? 110 LEU A N   1 
ATOM   784  C CA  . LEU A 1 113 ? 3.867   6.953   8.493   1.00 5.34   ? 110 LEU A CA  1 
ATOM   785  C C   . LEU A 1 113 ? 4.121   5.482   8.744   1.00 2.15   ? 110 LEU A C   1 
ATOM   786  O O   . LEU A 1 113 ? 3.249   4.654   8.530   1.00 3.94   ? 110 LEU A O   1 
ATOM   787  C CB  . LEU A 1 113 ? 2.701   7.441   9.331   1.00 2.00   ? 110 LEU A CB  1 
ATOM   788  C CG  . LEU A 1 113 ? 2.799   7.352   10.839  1.00 2.00   ? 110 LEU A CG  1 
ATOM   789  C CD1 . LEU A 1 113 ? 4.059   7.940   11.314  1.00 9.80   ? 110 LEU A CD1 1 
ATOM   790  C CD2 . LEU A 1 113 ? 1.656   8.125   11.399  1.00 2.00   ? 110 LEU A CD2 1 
ATOM   791  N N   . LEU A 1 114 ? 5.332   5.180   9.190   1.00 3.94   ? 111 LEU A N   1 
ATOM   792  C CA  . LEU A 1 114 ? 5.792   3.821   9.403   1.00 3.03   ? 111 LEU A CA  1 
ATOM   793  C C   . LEU A 1 114 ? 5.816   3.304   10.847  1.00 6.14   ? 111 LEU A C   1 
ATOM   794  O O   . LEU A 1 114 ? 6.244   4.006   11.770  1.00 11.93  ? 111 LEU A O   1 
ATOM   795  C CB  . LEU A 1 114 ? 7.203   3.683   8.809   1.00 2.00   ? 111 LEU A CB  1 
ATOM   796  C CG  . LEU A 1 114 ? 7.524   4.336   7.468   1.00 2.00   ? 111 LEU A CG  1 
ATOM   797  C CD1 . LEU A 1 114 ? 8.957   4.110   7.088   1.00 2.00   ? 111 LEU A CD1 1 
ATOM   798  C CD2 . LEU A 1 114 ? 6.620   3.787   6.403   1.00 5.85   ? 111 LEU A CD2 1 
ATOM   799  N N   . SER A 1 115 ? 5.423   2.043   10.999  1.00 2.57   ? 112 SER A N   1 
ATOM   800  C CA  . SER A 1 115 ? 5.414   1.307   12.264  1.00 4.47   ? 112 SER A CA  1 
ATOM   801  C C   . SER A 1 115 ? 5.709   -0.124  11.823  1.00 6.23   ? 112 SER A C   1 
ATOM   802  O O   . SER A 1 115 ? 5.420   -0.476  10.670  1.00 8.94   ? 112 SER A O   1 
ATOM   803  C CB  . SER A 1 115 ? 4.033   1.333   12.920  1.00 2.10   ? 112 SER A CB  1 
ATOM   804  O OG  . SER A 1 115 ? 3.640   2.649   13.238  1.00 7.36   ? 112 SER A OG  1 
ATOM   805  N N   . PRO A 1 116 ? 6.276   -0.967  12.714  1.00 2.78   ? 113 PRO A N   1 
ATOM   806  C CA  . PRO A 1 116 ? 6.594   -2.358  12.379  1.00 2.00   ? 113 PRO A CA  1 
ATOM   807  C C   . PRO A 1 116 ? 5.446   -3.081  11.674  1.00 4.12   ? 113 PRO A C   1 
ATOM   808  O O   . PRO A 1 116 ? 5.669   -3.736  10.658  1.00 9.04   ? 113 PRO A O   1 
ATOM   809  C CB  . PRO A 1 116 ? 6.878   -2.970  13.743  1.00 2.00   ? 113 PRO A CB  1 
ATOM   810  C CG  . PRO A 1 116 ? 7.532   -1.868  14.452  1.00 4.36   ? 113 PRO A CG  1 
ATOM   811  C CD  . PRO A 1 116 ? 6.668   -0.676  14.103  1.00 4.37   ? 113 PRO A CD  1 
ATOM   812  N N   . PHE A 1 117 ? 4.219   -2.916  12.173  1.00 5.69   ? 114 PHE A N   1 
ATOM   813  C CA  . PHE A 1 117 ? 3.056   -3.575  11.582  1.00 2.00   ? 114 PHE A CA  1 
ATOM   814  C C   . PHE A 1 117 ? 1.990   -2.730  10.886  1.00 4.98   ? 114 PHE A C   1 
ATOM   815  O O   . PHE A 1 117 ? 1.022   -3.276  10.357  1.00 8.53   ? 114 PHE A O   1 
ATOM   816  C CB  . PHE A 1 117 ? 2.388   -4.442  12.626  1.00 2.00   ? 114 PHE A CB  1 
ATOM   817  C CG  . PHE A 1 117 ? 3.171   -5.660  12.955  1.00 5.77   ? 114 PHE A CG  1 
ATOM   818  C CD1 . PHE A 1 117 ? 4.270   -5.587  13.806  1.00 10.48  ? 114 PHE A CD1 1 
ATOM   819  C CD2 . PHE A 1 117 ? 2.836   -6.886  12.396  1.00 9.05   ? 114 PHE A CD2 1 
ATOM   820  C CE1 . PHE A 1 117 ? 5.031   -6.724  14.089  1.00 14.41  ? 114 PHE A CE1 1 
ATOM   821  C CE2 . PHE A 1 117 ? 3.588   -8.024  12.670  1.00 12.64  ? 114 PHE A CE2 1 
ATOM   822  C CZ  . PHE A 1 117 ? 4.688   -7.944  13.520  1.00 12.56  ? 114 PHE A CZ  1 
ATOM   823  N N   . SER A 1 118 ? 2.137   -1.413  10.864  1.00 4.02   ? 115 SER A N   1 
ATOM   824  C CA  . SER A 1 118 ? 1.117   -0.600  10.225  1.00 5.80   ? 115 SER A CA  1 
ATOM   825  C C   . SER A 1 118 ? 1.646   0.530   9.354   1.00 11.37  ? 115 SER A C   1 
ATOM   826  O O   . SER A 1 118 ? 2.534   1.266   9.768   1.00 22.15  ? 115 SER A O   1 
ATOM   827  C CB  . SER A 1 118 ? 0.154   -0.057  11.261  1.00 7.77   ? 115 SER A CB  1 
ATOM   828  O OG  . SER A 1 118 ? -0.892  0.658   10.625  1.00 28.63  ? 115 SER A OG  1 
ATOM   829  N N   . TYR A 1 119 ? 1.019   0.711   8.192   1.00 16.50  ? 116 TYR A N   1 
ATOM   830  C CA  . TYR A 1 119 ? 1.403   1.703   7.187   1.00 15.02  ? 116 TYR A CA  1 
ATOM   831  C C   . TYR A 1 119 ? 0.261   2.579   6.750   1.00 16.53  ? 116 TYR A C   1 
ATOM   832  O O   . TYR A 1 119 ? -0.867  2.107   6.640   1.00 22.81  ? 116 TYR A O   1 
ATOM   833  C CB  . TYR A 1 119 ? 1.918   0.968   5.947   1.00 23.62  ? 116 TYR A CB  1 
ATOM   834  C CG  . TYR A 1 119 ? 3.221   0.290   6.191   1.00 36.62  ? 116 TYR A CG  1 
ATOM   835  C CD1 . TYR A 1 119 ? 3.339   -0.687  7.182   1.00 40.48  ? 116 TYR A CD1 1 
ATOM   836  C CD2 . TYR A 1 119 ? 4.377   0.743   5.558   1.00 48.09  ? 116 TYR A CD2 1 
ATOM   837  C CE1 . TYR A 1 119 ? 4.565   -1.181  7.564   1.00 51.75  ? 116 TYR A CE1 1 
ATOM   838  C CE2 . TYR A 1 119 ? 5.616   0.256   5.925   1.00 58.15  ? 116 TYR A CE2 1 
ATOM   839  C CZ  . TYR A 1 119 ? 5.694   -0.704  6.946   1.00 61.95  ? 116 TYR A CZ  1 
ATOM   840  O OH  . TYR A 1 119 ? 6.891   -1.120  7.430   1.00 64.03  ? 116 TYR A OH  1 
ATOM   841  N N   . SER A 1 120 ? 0.551   3.842   6.465   1.00 14.56  ? 117 SER A N   1 
ATOM   842  C CA  . SER A 1 120 ? -0.320  4.986   6.436   1.00 13.01  ? 117 SER A CA  1 
ATOM   843  C C   . SER A 1 120 ? 0.291   5.844   5.359   1.00 11.69  ? 117 SER A C   1 
ATOM   844  O O   . SER A 1 120 ? 1.415   6.320   5.494   1.00 11.87  ? 117 SER A O   1 
ATOM   845  C CB  . SER A 1 120 ? -0.683  5.862   7.625   1.00 18.60  ? 117 SER A CB  1 
ATOM   846  O OG  . SER A 1 120 ? -1.469  6.961   7.195   1.00 33.23  ? 117 SER A OG  1 
ATOM   847  N N   . THR A 1 121 ? -0.442  6.023   4.278   1.00 9.26   ? 118 THR A N   1 
ATOM   848  C CA  . THR A 1 121 ? 0.042   6.814   3.173   1.00 9.90   ? 118 THR A CA  1 
ATOM   849  C C   . THR A 1 121 ? -1.094  7.748   2.784   1.00 12.60  ? 118 THR A C   1 
ATOM   850  O O   . THR A 1 121 ? -2.227  7.323   2.569   1.00 9.08   ? 118 THR A O   1 
ATOM   851  C CB  . THR A 1 121 ? 0.464   5.915   1.977   1.00 6.17   ? 118 THR A CB  1 
ATOM   852  O OG1 . THR A 1 121 ? -0.689  5.277   1.419   1.00 17.93  ? 118 THR A OG1 1 
ATOM   853  C CG2 . THR A 1 121 ? 1.421   4.827   2.436   1.00 2.00   ? 118 THR A CG2 1 
ATOM   854  N N   . THR A 1 122 ? -0.789  9.034   2.769   1.00 15.50  ? 119 THR A N   1 
ATOM   855  C CA  . THR A 1 122 ? -1.750  10.055  2.420   1.00 13.38  ? 119 THR A CA  1 
ATOM   856  C C   . THR A 1 122 ? -1.192  10.808  1.238   1.00 14.33  ? 119 THR A C   1 
ATOM   857  O O   . THR A 1 122 ? -0.004  11.117  1.189   1.00 17.81  ? 119 THR A O   1 
ATOM   858  C CB  . THR A 1 122 ? -1.929  11.033  3.573   1.00 11.02  ? 119 THR A CB  1 
ATOM   859  O OG1 . THR A 1 122 ? -2.250  10.300  4.757   1.00 20.38  ? 119 THR A OG1 1 
ATOM   860  C CG2 . THR A 1 122 ? -3.025  12.019  3.278   1.00 7.39   ? 119 THR A CG2 1 
ATOM   861  N N   . ALA A 1 123 ? -2.037  11.075  0.261   1.00 17.25  ? 120 ALA A N   1 
ATOM   862  C CA  . ALA A 1 123 ? -1.591  11.801  -0.904  1.00 19.45  ? 120 ALA A CA  1 
ATOM   863  C C   . ALA A 1 123 ? -2.175  13.190  -0.794  1.00 24.33  ? 120 ALA A C   1 
ATOM   864  O O   . ALA A 1 123 ? -3.387  13.337  -0.597  1.00 27.33  ? 120 ALA A O   1 
ATOM   865  C CB  . ALA A 1 123 ? -2.083  11.130  -2.149  1.00 19.25  ? 120 ALA A CB  1 
ATOM   866  N N   . VAL A 1 124 ? -1.300  14.198  -0.805  1.00 25.20  ? 121 VAL A N   1 
ATOM   867  C CA  . VAL A 1 124 ? -1.717  15.599  -0.742  1.00 19.65  ? 121 VAL A CA  1 
ATOM   868  C C   . VAL A 1 124 ? -1.514  16.156  -2.135  1.00 16.82  ? 121 VAL A C   1 
ATOM   869  O O   . VAL A 1 124 ? -0.385  16.423  -2.542  1.00 15.85  ? 121 VAL A O   1 
ATOM   870  C CB  . VAL A 1 124 ? -0.856  16.399  0.224   1.00 14.57  ? 121 VAL A CB  1 
ATOM   871  C CG1 . VAL A 1 124 ? -1.270  17.846  0.180   1.00 22.90  ? 121 VAL A CG1 1 
ATOM   872  C CG2 . VAL A 1 124 ? -0.991  15.852  1.623   1.00 15.22  ? 121 VAL A CG2 1 
ATOM   873  N N   . VAL A 1 125 ? -2.602  16.261  -2.883  1.00 23.13  ? 122 VAL A N   1 
ATOM   874  C CA  . VAL A 1 125 ? -2.548  16.744  -4.255  1.00 27.37  ? 122 VAL A CA  1 
ATOM   875  C C   . VAL A 1 125 ? -2.776  18.232  -4.260  1.00 35.91  ? 122 VAL A C   1 
ATOM   876  O O   . VAL A 1 125 ? -3.694  18.721  -3.601  1.00 39.37  ? 122 VAL A O   1 
ATOM   877  C CB  . VAL A 1 125 ? -3.600  16.065  -5.127  1.00 19.29  ? 122 VAL A CB  1 
ATOM   878  C CG1 . VAL A 1 125 ? -3.437  16.499  -6.575  1.00 21.49  ? 122 VAL A CG1 1 
ATOM   879  C CG2 . VAL A 1 125 ? -3.471  14.563  -5.004  1.00 14.73  ? 122 VAL A CG2 1 
ATOM   880  N N   . SER A 1 126 ? -1.954  18.941  -5.029  1.00 46.09  ? 123 SER A N   1 
ATOM   881  C CA  . SER A 1 126 ? -2.029  20.389  -5.114  1.00 56.27  ? 123 SER A CA  1 
ATOM   882  C C   . SER A 1 126 ? -1.429  20.930  -6.408  1.00 58.36  ? 123 SER A C   1 
ATOM   883  O O   . SER A 1 126 ? -2.095  21.765  -7.057  1.00 65.81  ? 123 SER A O   1 
ATOM   884  C CB  . SER A 1 126 ? -1.324  21.003  -3.896  1.00 63.24  ? 123 SER A CB  1 
ATOM   885  O OG  . SER A 1 126 ? -0.226  20.205  -3.462  1.00 70.37  ? 123 SER A OG  1 
ATOM   886  N N   . CYS B 1 13  ? -10.698 -18.408 8.837   1.00 46.98  ? 10  CYS B N   1 
ATOM   887  C CA  . CYS B 1 13  ? -9.676  -18.615 7.776   1.00 41.50  ? 10  CYS B CA  1 
ATOM   888  C C   . CYS B 1 13  ? -8.317  -18.090 8.271   1.00 35.80  ? 10  CYS B C   1 
ATOM   889  O O   . CYS B 1 13  ? -8.241  -17.399 9.300   1.00 31.91  ? 10  CYS B O   1 
ATOM   890  C CB  . CYS B 1 13  ? -10.095 -17.880 6.485   1.00 45.52  ? 10  CYS B CB  1 
ATOM   891  S SG  . CYS B 1 13  ? -11.745 -17.114 6.515   1.00 51.46  ? 10  CYS B SG  1 
ATOM   892  N N   . PRO B 1 14  ? -7.226  -18.499 7.603   1.00 27.22  ? 11  PRO B N   1 
ATOM   893  C CA  . PRO B 1 14  ? -5.899  -18.045 7.996   1.00 24.68  ? 11  PRO B CA  1 
ATOM   894  C C   . PRO B 1 14  ? -5.674  -16.582 7.625   1.00 20.58  ? 11  PRO B C   1 
ATOM   895  O O   . PRO B 1 14  ? -5.048  -15.845 8.375   1.00 20.66  ? 11  PRO B O   1 
ATOM   896  C CB  . PRO B 1 14  ? -4.984  -18.983 7.215   1.00 26.94  ? 11  PRO B CB  1 
ATOM   897  C CG  . PRO B 1 14  ? -5.783  -19.293 6.001   1.00 20.60  ? 11  PRO B CG  1 
ATOM   898  C CD  . PRO B 1 14  ? -7.122  -19.557 6.587   1.00 26.55  ? 11  PRO B CD  1 
ATOM   899  N N   . LEU B 1 15  ? -6.224  -16.150 6.495   1.00 15.16  ? 12  LEU B N   1 
ATOM   900  C CA  . LEU B 1 15  ? -6.066  -14.768 6.048   1.00 14.01  ? 12  LEU B CA  1 
ATOM   901  C C   . LEU B 1 15  ? -7.403  -14.022 6.024   1.00 17.68  ? 12  LEU B C   1 
ATOM   902  O O   . LEU B 1 15  ? -8.256  -14.302 5.176   1.00 22.21  ? 12  LEU B O   1 
ATOM   903  C CB  . LEU B 1 15  ? -5.448  -14.769 4.658   1.00 9.85   ? 12  LEU B CB  1 
ATOM   904  C CG  . LEU B 1 15  ? -5.175  -13.434 4.007   1.00 2.41   ? 12  LEU B CG  1 
ATOM   905  C CD1 . LEU B 1 15  ? -4.154  -12.683 4.819   1.00 9.29   ? 12  LEU B CD1 1 
ATOM   906  C CD2 . LEU B 1 15  ? -4.660  -13.683 2.617   1.00 6.49   ? 12  LEU B CD2 1 
ATOM   907  N N   . MET B 1 16  ? -7.587  -13.090 6.958   1.00 18.33  ? 13  MET B N   1 
ATOM   908  C CA  . MET B 1 16  ? -8.823  -12.304 7.058   1.00 20.56  ? 13  MET B CA  1 
ATOM   909  C C   . MET B 1 16  ? -8.603  -10.815 6.849   1.00 19.46  ? 13  MET B C   1 
ATOM   910  O O   . MET B 1 16  ? -7.599  -10.247 7.260   1.00 25.58  ? 13  MET B O   1 
ATOM   911  C CB  . MET B 1 16  ? -9.507  -12.520 8.407   1.00 25.79  ? 13  MET B CB  1 
ATOM   912  C CG  . MET B 1 16  ? -10.047 -13.923 8.606   1.00 41.38  ? 13  MET B CG  1 
ATOM   913  S SD  . MET B 1 16  ? -10.612 -14.278 10.280  1.00 41.13  ? 13  MET B SD  1 
ATOM   914  C CE  . MET B 1 16  ? -9.235  -13.715 11.214  1.00 41.37  ? 13  MET B CE  1 
ATOM   915  N N   . VAL B 1 17  ? -9.602  -10.175 6.268   1.00 18.69  ? 14  VAL B N   1 
ATOM   916  C CA  . VAL B 1 17  ? -9.563  -8.760  5.961   1.00 9.80   ? 14  VAL B CA  1 
ATOM   917  C C   . VAL B 1 17  ? -10.669 -8.071  6.751   1.00 12.81  ? 14  VAL B C   1 
ATOM   918  O O   . VAL B 1 17  ? -11.667 -8.701  7.094   1.00 19.38  ? 14  VAL B O   1 
ATOM   919  C CB  . VAL B 1 17  ? -9.781  -8.578  4.451   1.00 2.00   ? 14  VAL B CB  1 
ATOM   920  C CG1 . VAL B 1 17  ? -10.227 -7.186  4.126   1.00 10.56  ? 14  VAL B CG1 1 
ATOM   921  C CG2 . VAL B 1 17  ? -8.507  -8.904  3.709   1.00 2.00   ? 14  VAL B CG2 1 
ATOM   922  N N   . LYS B 1 18  ? -10.462 -6.806  7.097   1.00 10.59  ? 15  LYS B N   1 
ATOM   923  C CA  . LYS B 1 18  ? -11.461 -6.031  7.831   1.00 8.92   ? 15  LYS B CA  1 
ATOM   924  C C   . LYS B 1 18  ? -11.293 -4.582  7.365   1.00 10.29  ? 15  LYS B C   1 
ATOM   925  O O   . LYS B 1 18  ? -10.385 -3.871  7.823   1.00 9.12   ? 15  LYS B O   1 
ATOM   926  C CB  . LYS B 1 18  ? -11.264 -6.174  9.345   1.00 5.36   ? 15  LYS B CB  1 
ATOM   927  C CG  . LYS B 1 18  ? -12.246 -5.372  10.187  1.00 10.66  ? 15  LYS B CG  1 
ATOM   928  C CD  . LYS B 1 18  ? -13.685 -5.746  9.896   1.00 17.36  ? 15  LYS B CD  1 
ATOM   929  C CE  . LYS B 1 18  ? -14.630 -5.176  10.943  1.00 23.13  ? 15  LYS B CE  1 
ATOM   930  N NZ  . LYS B 1 18  ? -16.066 -5.587  10.776  1.00 32.37  ? 15  LYS B NZ  1 
ATOM   931  N N   . VAL B 1 19  ? -12.160 -4.176  6.433   1.00 5.55   ? 16  VAL B N   1 
ATOM   932  C CA  . VAL B 1 19  ? -12.126 -2.856  5.827   1.00 2.00   ? 16  VAL B CA  1 
ATOM   933  C C   . VAL B 1 19  ? -13.128 -1.870  6.416   1.00 2.47   ? 16  VAL B C   1 
ATOM   934  O O   . VAL B 1 19  ? -14.328 -2.132  6.451   1.00 2.00   ? 16  VAL B O   1 
ATOM   935  C CB  . VAL B 1 19  ? -12.334 -2.964  4.307   1.00 2.00   ? 16  VAL B CB  1 
ATOM   936  C CG1 . VAL B 1 19  ? -12.076 -1.645  3.645   1.00 2.30   ? 16  VAL B CG1 1 
ATOM   937  C CG2 . VAL B 1 19  ? -11.408 -4.007  3.723   1.00 2.00   ? 16  VAL B CG2 1 
ATOM   938  N N   . LEU B 1 20  ? -12.607 -0.721  6.842   1.00 3.98   ? 17  LEU B N   1 
ATOM   939  C CA  . LEU B 1 20  ? -13.382 0.363   7.436   1.00 2.00   ? 17  LEU B CA  1 
ATOM   940  C C   . LEU B 1 20  ? -13.425 1.628   6.571   1.00 2.33   ? 17  LEU B C   1 
ATOM   941  O O   . LEU B 1 20  ? -12.429 2.010   5.967   1.00 5.19   ? 17  LEU B O   1 
ATOM   942  C CB  . LEU B 1 20  ? -12.801 0.708   8.793   1.00 2.00   ? 17  LEU B CB  1 
ATOM   943  C CG  . LEU B 1 20  ? -13.602 0.251   9.998   1.00 2.00   ? 17  LEU B CG  1 
ATOM   944  C CD1 . LEU B 1 20  ? -14.333 -1.010  9.663   1.00 12.55  ? 17  LEU B CD1 1 
ATOM   945  C CD2 . LEU B 1 20  ? -12.678 0.045   11.183  1.00 4.60   ? 17  LEU B CD2 1 
ATOM   946  N N   . ASP B 1 21  ? -14.583 2.282   6.550   1.00 3.71   ? 18  ASP B N   1 
ATOM   947  C CA  . ASP B 1 21  ? -14.827 3.501   5.777   1.00 2.00   ? 18  ASP B CA  1 
ATOM   948  C C   . ASP B 1 21  ? -14.732 4.669   6.736   1.00 2.00   ? 18  ASP B C   1 
ATOM   949  O O   . ASP B 1 21  ? -15.629 4.871   7.542   1.00 7.28   ? 18  ASP B O   1 
ATOM   950  C CB  . ASP B 1 21  ? -16.238 3.427   5.169   1.00 2.43   ? 18  ASP B CB  1 
ATOM   951  C CG  . ASP B 1 21  ? -16.555 4.579   4.253   1.00 4.40   ? 18  ASP B CG  1 
ATOM   952  O OD1 . ASP B 1 21  ? -16.022 5.672   4.502   1.00 7.96   ? 18  ASP B OD1 1 
ATOM   953  O OD2 . ASP B 1 21  ? -17.361 4.398   3.305   1.00 2.00   ? 18  ASP B OD2 1 
ATOM   954  N N   . ALA B 1 22  ? -13.671 5.461   6.622   1.00 4.21   ? 19  ALA B N   1 
ATOM   955  C CA  . ALA B 1 22  ? -13.453 6.610   7.498   1.00 2.00   ? 19  ALA B CA  1 
ATOM   956  C C   . ALA B 1 22  ? -14.316 7.843   7.220   1.00 5.95   ? 19  ALA B C   1 
ATOM   957  O O   . ALA B 1 22  ? -14.423 8.724   8.079   1.00 7.70   ? 19  ALA B O   1 
ATOM   958  C CB  . ALA B 1 22  ? -12.006 6.990   7.494   1.00 2.00   ? 19  ALA B CB  1 
ATOM   959  N N   . VAL B 1 23  ? -14.891 7.930   6.022   1.00 7.22   ? 20  VAL B N   1 
ATOM   960  C CA  . VAL B 1 23  ? -15.754 9.052   5.650   1.00 5.00   ? 20  VAL B CA  1 
ATOM   961  C C   . VAL B 1 23  ? -17.218 8.794   6.052   1.00 12.01  ? 20  VAL B C   1 
ATOM   962  O O   . VAL B 1 23  ? -17.946 9.730   6.408   1.00 17.28  ? 20  VAL B O   1 
ATOM   963  C CB  . VAL B 1 23  ? -15.682 9.333   4.140   1.00 2.00   ? 20  VAL B CB  1 
ATOM   964  C CG1 . VAL B 1 23  ? -16.574 10.468  3.769   1.00 2.00   ? 20  VAL B CG1 1 
ATOM   965  C CG2 . VAL B 1 23  ? -14.295 9.670   3.750   1.00 2.00   ? 20  VAL B CG2 1 
ATOM   966  N N   . ARG B 1 24  ? -17.629 7.521   6.018   1.00 11.72  ? 21  ARG B N   1 
ATOM   967  C CA  . ARG B 1 24  ? -18.992 7.109   6.360   1.00 4.80   ? 21  ARG B CA  1 
ATOM   968  C C   . ARG B 1 24  ? -19.075 6.556   7.764   1.00 6.00   ? 21  ARG B C   1 
ATOM   969  O O   . ARG B 1 24  ? -20.150 6.505   8.349   1.00 7.51   ? 21  ARG B O   1 
ATOM   970  C CB  . ARG B 1 24  ? -19.505 6.059   5.380   1.00 2.58   ? 21  ARG B CB  1 
ATOM   971  C CG  . ARG B 1 24  ? -19.725 6.591   3.979   1.00 7.53   ? 21  ARG B CG  1 
ATOM   972  C CD  . ARG B 1 24  ? -20.391 5.574   3.106   1.00 7.73   ? 21  ARG B CD  1 
ATOM   973  N NE  . ARG B 1 24  ? -20.602 6.069   1.749   1.00 11.16  ? 21  ARG B NE  1 
ATOM   974  C CZ  . ARG B 1 24  ? -19.755 5.859   0.744   1.00 19.95  ? 21  ARG B CZ  1 
ATOM   975  N NH1 . ARG B 1 24  ? -18.629 5.174   0.950   1.00 19.08  ? 21  ARG B NH1 1 
ATOM   976  N NH2 . ARG B 1 24  ? -20.070 6.275   -0.480  1.00 19.71  ? 21  ARG B NH2 1 
ATOM   977  N N   . GLY B 1 25  ? -17.936 6.133   8.297   1.00 10.01  ? 22  GLY B N   1 
ATOM   978  C CA  . GLY B 1 25  ? -17.896 5.588   9.643   1.00 9.57   ? 22  GLY B CA  1 
ATOM   979  C C   . GLY B 1 25  ? -18.630 4.276   9.787   1.00 9.24   ? 22  GLY B C   1 
ATOM   980  O O   . GLY B 1 25  ? -19.505 4.133   10.640  1.00 13.35  ? 22  GLY B O   1 
ATOM   981  N N   . SER B 1 26  ? -18.231 3.297   8.992   1.00 3.52   ? 23  SER B N   1 
ATOM   982  C CA  . SER B 1 26  ? -18.857 1.994   9.026   1.00 6.07   ? 23  SER B CA  1 
ATOM   983  C C   . SER B 1 26  ? -17.974 1.052   8.234   1.00 7.19   ? 23  SER B C   1 
ATOM   984  O O   . SER B 1 26  ? -17.065 1.499   7.540   1.00 9.98   ? 23  SER B O   1 
ATOM   985  C CB  . SER B 1 26  ? -20.203 2.087   8.334   1.00 11.64  ? 23  SER B CB  1 
ATOM   986  O OG  . SER B 1 26  ? -20.013 2.467   6.981   1.00 21.02  ? 23  SER B OG  1 
ATOM   987  N N   . PRO B 1 27  ? -18.206 -0.262  8.333   1.00 2.00   ? 24  PRO B N   1 
ATOM   988  C CA  . PRO B 1 27  ? -17.402 -1.230  7.593   1.00 4.93   ? 24  PRO B CA  1 
ATOM   989  C C   . PRO B 1 27  ? -17.580 -0.911  6.126   1.00 8.03   ? 24  PRO B C   1 
ATOM   990  O O   . PRO B 1 27  ? -18.627 -0.404  5.746   1.00 15.08  ? 24  PRO B O   1 
ATOM   991  C CB  . PRO B 1 27  ? -18.071 -2.541  7.947   1.00 2.00   ? 24  PRO B CB  1 
ATOM   992  C CG  . PRO B 1 27  ? -18.477 -2.307  9.316   1.00 5.34   ? 24  PRO B CG  1 
ATOM   993  C CD  . PRO B 1 27  ? -19.124 -0.962  9.231   1.00 2.37   ? 24  PRO B CD  1 
ATOM   994  N N   . ALA B 1 28  ? -16.579 -1.208  5.302   1.00 6.08   ? 25  ALA B N   1 
ATOM   995  C CA  . ALA B 1 28  ? -16.662 -0.902  3.876   1.00 2.82   ? 25  ALA B CA  1 
ATOM   996  C C   . ALA B 1 28  ? -17.189 -2.074  3.098   1.00 2.00   ? 25  ALA B C   1 
ATOM   997  O O   . ALA B 1 28  ? -16.623 -3.150  3.118   1.00 4.72   ? 25  ALA B O   1 
ATOM   998  C CB  . ALA B 1 28  ? -15.305 -0.483  3.341   1.00 10.02  ? 25  ALA B CB  1 
ATOM   999  N N   . ALA B 1 29  ? -18.286 -1.881  2.394   1.00 7.26   ? 26  ALA B N   1 
ATOM   1000 C CA  . ALA B 1 29  ? -18.823 -2.998  1.644   1.00 6.57   ? 26  ALA B CA  1 
ATOM   1001 C C   . ALA B 1 29  ? -18.504 -2.896  0.177   1.00 6.60   ? 26  ALA B C   1 
ATOM   1002 O O   . ALA B 1 29  ? -18.395 -1.809  -0.388  1.00 8.71   ? 26  ALA B O   1 
ATOM   1003 C CB  . ALA B 1 29  ? -20.316 -3.118  1.853   1.00 2.00   ? 26  ALA B CB  1 
ATOM   1004 N N   . ASN B 1 30  ? -18.314 -4.052  -0.427  1.00 5.99   ? 27  ASN B N   1 
ATOM   1005 C CA  . ASN B 1 30  ? -18.048 -4.133  -1.829  1.00 5.38   ? 27  ASN B CA  1 
ATOM   1006 C C   . ASN B 1 30  ? -16.721 -3.599  -2.311  1.00 7.87   ? 27  ASN B C   1 
ATOM   1007 O O   . ASN B 1 30  ? -16.578 -3.307  -3.503  1.00 16.65  ? 27  ASN B O   1 
ATOM   1008 C CB  . ASN B 1 30  ? -19.181 -3.486  -2.596  1.00 2.00   ? 27  ASN B CB  1 
ATOM   1009 C CG  . ASN B 1 30  ? -19.638 -4.330  -3.720  1.00 14.30  ? 27  ASN B CG  1 
ATOM   1010 O OD1 . ASN B 1 30  ? -20.684 -4.974  -3.643  1.00 23.90  ? 27  ASN B OD1 1 
ATOM   1011 N ND2 . ASN B 1 30  ? -18.837 -4.387  -4.772  1.00 22.26  ? 27  ASN B ND2 1 
ATOM   1012 N N   . VAL B 1 31  ? -15.743 -3.463  -1.420  1.00 6.19   ? 28  VAL B N   1 
ATOM   1013 C CA  . VAL B 1 31  ? -14.427 -3.006  -1.877  1.00 8.44   ? 28  VAL B CA  1 
ATOM   1014 C C   . VAL B 1 31  ? -13.691 -4.269  -2.294  1.00 7.38   ? 28  VAL B C   1 
ATOM   1015 O O   . VAL B 1 31  ? -13.652 -5.263  -1.559  1.00 12.94  ? 28  VAL B O   1 
ATOM   1016 C CB  . VAL B 1 31  ? -13.584 -2.173  -0.826  1.00 2.00   ? 28  VAL B CB  1 
ATOM   1017 C CG1 . VAL B 1 31  ? -14.407 -1.786  0.374   1.00 4.98   ? 28  VAL B CG1 1 
ATOM   1018 C CG2 . VAL B 1 31  ? -12.331 -2.906  -0.423  1.00 3.96   ? 28  VAL B CG2 1 
ATOM   1019 N N   . ALA B 1 32  ? -13.171 -4.242  -3.510  1.00 3.82   ? 29  ALA B N   1 
ATOM   1020 C CA  . ALA B 1 32  ? -12.460 -5.367  -4.052  1.00 2.00   ? 29  ALA B CA  1 
ATOM   1021 C C   . ALA B 1 32  ? -11.133 -5.579  -3.350  1.00 7.63   ? 29  ALA B C   1 
ATOM   1022 O O   . ALA B 1 32  ? -10.415 -4.630  -3.064  1.00 9.49   ? 29  ALA B O   1 
ATOM   1023 C CB  . ALA B 1 32  ? -12.240 -5.174  -5.535  1.00 4.18   ? 29  ALA B CB  1 
ATOM   1024 N N   . VAL B 1 33  ? -10.847 -6.846  -3.065  1.00 14.38  ? 30  VAL B N   1 
ATOM   1025 C CA  . VAL B 1 33  ? -9.622  -7.299  -2.423  1.00 9.41   ? 30  VAL B CA  1 
ATOM   1026 C C   . VAL B 1 33  ? -9.023  -8.373  -3.333  1.00 10.62  ? 30  VAL B C   1 
ATOM   1027 O O   . VAL B 1 33  ? -9.719  -9.302  -3.754  1.00 9.02   ? 30  VAL B O   1 
ATOM   1028 C CB  . VAL B 1 33  ? -9.921  -7.926  -1.053  1.00 3.92   ? 30  VAL B CB  1 
ATOM   1029 C CG1 . VAL B 1 33  ? -8.673  -8.569  -0.480  1.00 7.04   ? 30  VAL B CG1 1 
ATOM   1030 C CG2 . VAL B 1 33  ? -10.473 -6.870  -0.097  1.00 5.97   ? 30  VAL B CG2 1 
ATOM   1031 N N   . LYS B 1 34  ? -7.747  -8.213  -3.665  1.00 10.87  ? 31  LYS B N   1 
ATOM   1032 C CA  . LYS B 1 34  ? -7.034  -9.149  -4.518  1.00 11.07  ? 31  LYS B CA  1 
ATOM   1033 C C   . LYS B 1 34  ? -5.758  -9.579  -3.813  1.00 15.47  ? 31  LYS B C   1 
ATOM   1034 O O   . LYS B 1 34  ? -4.936  -8.728  -3.463  1.00 18.85  ? 31  LYS B O   1 
ATOM   1035 C CB  . LYS B 1 34  ? -6.622  -8.473  -5.811  1.00 11.84  ? 31  LYS B CB  1 
ATOM   1036 C CG  . LYS B 1 34  ? -7.731  -7.887  -6.620  1.00 20.16  ? 31  LYS B CG  1 
ATOM   1037 C CD  . LYS B 1 34  ? -7.114  -7.322  -7.893  1.00 37.63  ? 31  LYS B CD  1 
ATOM   1038 C CE  . LYS B 1 34  ? -8.136  -6.646  -8.794  1.00 45.73  ? 31  LYS B CE  1 
ATOM   1039 N NZ  . LYS B 1 34  ? -8.829  -5.514  -8.111  1.00 54.95  ? 31  LYS B NZ  1 
ATOM   1040 N N   . VAL B 1 35  ? -5.581  -10.889 -3.629  1.00 15.51  ? 32  VAL B N   1 
ATOM   1041 C CA  . VAL B 1 35  ? -4.384  -11.430 -2.970  1.00 14.93  ? 32  VAL B CA  1 
ATOM   1042 C C   . VAL B 1 35  ? -3.444  -12.036 -4.012  1.00 17.51  ? 32  VAL B C   1 
ATOM   1043 O O   . VAL B 1 35  ? -3.903  -12.607 -5.003  1.00 19.87  ? 32  VAL B O   1 
ATOM   1044 C CB  . VAL B 1 35  ? -4.734  -12.524 -1.917  1.00 5.31   ? 32  VAL B CB  1 
ATOM   1045 C CG1 . VAL B 1 35  ? -3.479  -13.167 -1.385  1.00 2.00   ? 32  VAL B CG1 1 
ATOM   1046 C CG2 . VAL B 1 35  ? -5.516  -11.926 -0.758  1.00 5.97   ? 32  VAL B CG2 1 
ATOM   1047 N N   . PHE B 1 36  ? -2.138  -11.894 -3.792  1.00 17.72  ? 33  PHE B N   1 
ATOM   1048 C CA  . PHE B 1 36  ? -1.124  -12.441 -4.697  1.00 17.37  ? 33  PHE B CA  1 
ATOM   1049 C C   . PHE B 1 36  ? -0.075  -13.189 -3.899  1.00 20.69  ? 33  PHE B C   1 
ATOM   1050 O O   . PHE B 1 36  ? 0.150   -12.891 -2.723  1.00 24.29  ? 33  PHE B O   1 
ATOM   1051 C CB  . PHE B 1 36  ? -0.398  -11.335 -5.460  1.00 10.18  ? 33  PHE B CB  1 
ATOM   1052 C CG  . PHE B 1 36  ? -1.289  -10.433 -6.226  1.00 10.00  ? 33  PHE B CG  1 
ATOM   1053 C CD1 . PHE B 1 36  ? -2.072  -9.485  -5.567  1.00 20.79  ? 33  PHE B CD1 1 
ATOM   1054 C CD2 . PHE B 1 36  ? -1.372  -10.530 -7.601  1.00 9.75   ? 33  PHE B CD2 1 
ATOM   1055 C CE1 . PHE B 1 36  ? -2.901  -8.619  -6.274  1.00 14.63  ? 33  PHE B CE1 1 
ATOM   1056 C CE2 . PHE B 1 36  ? -2.194  -9.674  -8.315  1.00 9.35   ? 33  PHE B CE2 1 
ATOM   1057 C CZ  . PHE B 1 36  ? -2.972  -8.725  -7.648  1.00 9.37   ? 33  PHE B CZ  1 
ATOM   1058 N N   . LYS B 1 37  ? 0.606   -14.113 -4.566  1.00 25.03  ? 34  LYS B N   1 
ATOM   1059 C CA  . LYS B 1 37  ? 1.666   -14.898 -3.950  1.00 31.48  ? 34  LYS B CA  1 
ATOM   1060 C C   . LYS B 1 37  ? 2.876   -14.721 -4.853  1.00 33.32  ? 34  LYS B C   1 
ATOM   1061 O O   . LYS B 1 37  ? 2.749   -14.791 -6.071  1.00 33.44  ? 34  LYS B O   1 
ATOM   1062 C CB  . LYS B 1 37  ? 1.266   -16.375 -3.883  1.00 32.26  ? 34  LYS B CB  1 
ATOM   1063 C CG  . LYS B 1 37  ? 2.161   -17.231 -2.999  1.00 39.60  ? 34  LYS B CG  1 
ATOM   1064 C CD  . LYS B 1 37  ? 1.697   -18.679 -2.940  1.00 42.24  ? 34  LYS B CD  1 
ATOM   1065 C CE  . LYS B 1 37  ? 2.645   -19.542 -2.121  1.00 45.16  ? 34  LYS B CE  1 
ATOM   1066 N NZ  . LYS B 1 37  ? 2.630   -19.194 -0.673  1.00 50.57  ? 34  LYS B NZ  1 
ATOM   1067 N N   . LYS B 1 38  ? 4.024   -14.395 -4.271  1.00 39.05  ? 35  LYS B N   1 
ATOM   1068 C CA  . LYS B 1 38  ? 5.230   -14.213 -5.064  1.00 49.01  ? 35  LYS B CA  1 
ATOM   1069 C C   . LYS B 1 38  ? 5.862   -15.563 -5.373  1.00 53.88  ? 35  LYS B C   1 
ATOM   1070 O O   . LYS B 1 38  ? 6.341   -16.267 -4.478  1.00 54.88  ? 35  LYS B O   1 
ATOM   1071 C CB  . LYS B 1 38  ? 6.238   -13.296 -4.357  1.00 52.31  ? 35  LYS B CB  1 
ATOM   1072 C CG  . LYS B 1 38  ? 7.570   -13.138 -5.096  1.00 56.89  ? 35  LYS B CG  1 
ATOM   1073 C CD  . LYS B 1 38  ? 8.585   -12.340 -4.282  1.00 61.71  ? 35  LYS B CD  1 
ATOM   1074 C CE  . LYS B 1 38  ? 8.349   -10.839 -4.406  1.00 67.17  ? 35  LYS B CE  1 
ATOM   1075 N NZ  . LYS B 1 38  ? 8.651   -10.353 -5.780  1.00 67.39  ? 35  LYS B NZ  1 
ATOM   1076 N N   . ALA B 1 39  ? 5.788   -15.945 -6.642  1.00 59.28  ? 36  ALA B N   1 
ATOM   1077 C CA  . ALA B 1 39  ? 6.359   -17.194 -7.110  1.00 63.93  ? 36  ALA B CA  1 
ATOM   1078 C C   . ALA B 1 39  ? 7.874   -17.072 -7.041  1.00 68.95  ? 36  ALA B C   1 
ATOM   1079 O O   . ALA B 1 39  ? 8.410   -15.965 -7.001  1.00 70.52  ? 36  ALA B O   1 
ATOM   1080 C CB  . ALA B 1 39  ? 5.922   -17.456 -8.539  1.00 61.07  ? 36  ALA B CB  1 
ATOM   1081 N N   . ALA B 1 40  ? 8.562   -18.210 -7.056  1.00 73.87  ? 37  ALA B N   1 
ATOM   1082 C CA  . ALA B 1 40  ? 10.024  -18.244 -7.010  1.00 75.49  ? 37  ALA B CA  1 
ATOM   1083 C C   . ALA B 1 40  ? 10.642  -17.504 -8.200  1.00 77.16  ? 37  ALA B C   1 
ATOM   1084 O O   . ALA B 1 40  ? 11.839  -17.210 -8.208  1.00 76.31  ? 37  ALA B O   1 
ATOM   1085 C CB  . ALA B 1 40  ? 10.508  -19.690 -6.976  1.00 75.95  ? 37  ALA B CB  1 
ATOM   1086 N N   . ASP B 1 41  ? 9.813   -17.214 -9.201  1.00 77.82  ? 38  ASP B N   1 
ATOM   1087 C CA  . ASP B 1 41  ? 10.240  -16.503 -10.401 1.00 79.49  ? 38  ASP B CA  1 
ATOM   1088 C C   . ASP B 1 41  ? 10.302  -15.012 -10.093 1.00 78.96  ? 38  ASP B C   1 
ATOM   1089 O O   . ASP B 1 41  ? 10.660  -14.212 -10.953 1.00 80.75  ? 38  ASP B O   1 
ATOM   1090 C CB  . ASP B 1 41  ? 9.239   -16.716 -11.549 1.00 86.32  ? 38  ASP B CB  1 
ATOM   1091 C CG  . ASP B 1 41  ? 8.577   -18.091 -11.525 1.00 93.41  ? 38  ASP B CG  1 
ATOM   1092 O OD1 . ASP B 1 41  ? 9.235   -19.078 -11.129 1.00 97.97  ? 38  ASP B OD1 1 
ATOM   1093 O OD2 . ASP B 1 41  ? 7.389   -18.182 -11.905 1.00 95.47  ? 38  ASP B OD2 1 
ATOM   1094 N N   . GLY B 1 42  ? 9.916   -14.650 -8.871  1.00 79.30  ? 39  GLY B N   1 
ATOM   1095 C CA  . GLY B 1 42  ? 9.906   -13.257 -8.453  1.00 76.77  ? 39  GLY B CA  1 
ATOM   1096 C C   . GLY B 1 42  ? 8.704   -12.546 -9.038  1.00 73.31  ? 39  GLY B C   1 
ATOM   1097 O O   . GLY B 1 42  ? 8.608   -11.319 -9.003  1.00 74.78  ? 39  GLY B O   1 
ATOM   1098 N N   . THR B 1 43  ? 7.761   -13.336 -9.535  1.00 68.72  ? 40  THR B N   1 
ATOM   1099 C CA  . THR B 1 43  ? 6.561   -12.817 -10.160 1.00 62.25  ? 40  THR B CA  1 
ATOM   1100 C C   . THR B 1 43  ? 5.365   -13.043 -9.240  1.00 55.37  ? 40  THR B C   1 
ATOM   1101 O O   . THR B 1 43  ? 5.343   -14.007 -8.475  1.00 54.41  ? 40  THR B O   1 
ATOM   1102 C CB  . THR B 1 43  ? 6.350   -13.511 -11.533 1.00 65.98  ? 40  THR B CB  1 
ATOM   1103 O OG1 . THR B 1 43  ? 5.191   -12.976 -12.180 1.00 74.65  ? 40  THR B OG1 1 
ATOM   1104 C CG2 . THR B 1 43  ? 6.193   -15.022 -11.363 1.00 63.48  ? 40  THR B CG2 1 
ATOM   1105 N N   . TRP B 1 44  ? 4.398   -12.132 -9.279  1.00 46.70  ? 41  TRP B N   1 
ATOM   1106 C CA  . TRP B 1 44  ? 3.205   -12.252 -8.450  1.00 41.20  ? 41  TRP B CA  1 
ATOM   1107 C C   . TRP B 1 44  ? 2.148   -13.070 -9.153  1.00 39.54  ? 41  TRP B C   1 
ATOM   1108 O O   . TRP B 1 44  ? 1.635   -12.669 -10.191 1.00 40.55  ? 41  TRP B O   1 
ATOM   1109 C CB  . TRP B 1 44  ? 2.630   -10.879 -8.087  1.00 37.98  ? 41  TRP B CB  1 
ATOM   1110 C CG  . TRP B 1 44  ? 3.444   -10.134 -7.072  1.00 33.66  ? 41  TRP B CG  1 
ATOM   1111 C CD1 . TRP B 1 44  ? 4.280   -9.090  -7.305  1.00 34.24  ? 41  TRP B CD1 1 
ATOM   1112 C CD2 . TRP B 1 44  ? 3.544   -10.423 -5.678  1.00 29.21  ? 41  TRP B CD2 1 
ATOM   1113 N NE1 . TRP B 1 44  ? 4.908   -8.717  -6.148  1.00 34.12  ? 41  TRP B NE1 1 
ATOM   1114 C CE2 . TRP B 1 44  ? 4.470   -9.517  -5.130  1.00 28.06  ? 41  TRP B CE2 1 
ATOM   1115 C CE3 . TRP B 1 44  ? 2.934   -11.352 -4.837  1.00 32.72  ? 41  TRP B CE3 1 
ATOM   1116 C CZ2 . TRP B 1 44  ? 4.816   -9.521  -3.786  1.00 32.05  ? 41  TRP B CZ2 1 
ATOM   1117 C CZ3 . TRP B 1 44  ? 3.273   -11.358 -3.501  1.00 41.83  ? 41  TRP B CZ3 1 
ATOM   1118 C CH2 . TRP B 1 44  ? 4.204   -10.440 -2.984  1.00 38.32  ? 41  TRP B CH2 1 
ATOM   1119 N N   . GLN B 1 45  ? 1.844   -14.231 -8.594  1.00 38.03  ? 42  GLN B N   1 
ATOM   1120 C CA  . GLN B 1 45  ? 0.833   -15.105 -9.147  1.00 38.82  ? 42  GLN B CA  1 
ATOM   1121 C C   . GLN B 1 45  ? -0.451  -14.770 -8.409  1.00 38.92  ? 42  GLN B C   1 
ATOM   1122 O O   . GLN B 1 45  ? -0.433  -14.558 -7.194  1.00 39.20  ? 42  GLN B O   1 
ATOM   1123 C CB  . GLN B 1 45  ? 1.200   -16.561 -8.863  1.00 52.08  ? 42  GLN B CB  1 
ATOM   1124 C CG  . GLN B 1 45  ? 1.016   -17.521 -10.033 1.00 69.29  ? 42  GLN B CG  1 
ATOM   1125 C CD  . GLN B 1 45  ? 2.241   -17.613 -10.945 1.00 77.11  ? 42  GLN B CD  1 
ATOM   1126 O OE1 . GLN B 1 45  ? 3.338   -17.181 -10.591 1.00 82.73  ? 42  GLN B OE1 1 
ATOM   1127 N NE2 . GLN B 1 45  ? 2.057   -18.210 -12.115 1.00 80.46  ? 42  GLN B NE2 1 
ATOM   1128 N N   . ASP B 1 46  ? -1.552  -14.670 -9.146  1.00 38.08  ? 43  ASP B N   1 
ATOM   1129 C CA  . ASP B 1 46  ? -2.856  -14.388 -8.551  1.00 39.45  ? 43  ASP B CA  1 
ATOM   1130 C C   . ASP B 1 46  ? -3.101  -15.504 -7.525  1.00 37.31  ? 43  ASP B C   1 
ATOM   1131 O O   . ASP B 1 46  ? -2.742  -16.653 -7.777  1.00 42.75  ? 43  ASP B O   1 
ATOM   1132 C CB  . ASP B 1 46  ? -3.925  -14.414 -9.651  1.00 47.02  ? 43  ASP B CB  1 
ATOM   1133 C CG  . ASP B 1 46  ? -5.332  -14.296 -9.105  1.00 57.31  ? 43  ASP B CG  1 
ATOM   1134 O OD1 . ASP B 1 46  ? -5.680  -13.213 -8.593  1.00 65.07  ? 43  ASP B OD1 1 
ATOM   1135 O OD2 . ASP B 1 46  ? -6.091  -15.283 -9.191  1.00 61.05  ? 43  ASP B OD2 1 
ATOM   1136 N N   . PHE B 1 47  ? -3.666  -15.179 -6.366  1.00 29.26  ? 44  PHE B N   1 
ATOM   1137 C CA  . PHE B 1 47  ? -3.898  -16.199 -5.349  1.00 24.59  ? 44  PHE B CA  1 
ATOM   1138 C C   . PHE B 1 47  ? -5.353  -16.354 -4.935  1.00 23.19  ? 44  PHE B C   1 
ATOM   1139 O O   . PHE B 1 47  ? -5.921  -17.438 -5.028  1.00 28.43  ? 44  PHE B O   1 
ATOM   1140 C CB  . PHE B 1 47  ? -3.022  -15.920 -4.127  1.00 25.90  ? 44  PHE B CB  1 
ATOM   1141 C CG  . PHE B 1 47  ? -3.206  -16.902 -2.991  1.00 21.09  ? 44  PHE B CG  1 
ATOM   1142 C CD1 . PHE B 1 47  ? -2.459  -18.065 -2.933  1.00 16.13  ? 44  PHE B CD1 1 
ATOM   1143 C CD2 . PHE B 1 47  ? -4.098  -16.633 -1.952  1.00 25.18  ? 44  PHE B CD2 1 
ATOM   1144 C CE1 . PHE B 1 47  ? -2.587  -18.943 -1.859  1.00 17.88  ? 44  PHE B CE1 1 
ATOM   1145 C CE2 . PHE B 1 47  ? -4.232  -17.504 -0.875  1.00 19.35  ? 44  PHE B CE2 1 
ATOM   1146 C CZ  . PHE B 1 47  ? -3.474  -18.660 -0.832  1.00 18.16  ? 44  PHE B CZ  1 
ATOM   1147 N N   . ALA B 1 48  ? -5.940  -15.287 -4.425  1.00 21.74  ? 45  ALA B N   1 
ATOM   1148 C CA  . ALA B 1 48  ? -7.328  -15.319 -3.987  1.00 19.90  ? 45  ALA B CA  1 
ATOM   1149 C C   . ALA B 1 48  ? -7.946  -14.004 -4.412  1.00 21.64  ? 45  ALA B C   1 
ATOM   1150 O O   . ALA B 1 48  ? -7.275  -13.205 -5.062  1.00 25.53  ? 45  ALA B O   1 
ATOM   1151 C CB  . ALA B 1 48  ? -7.407  -15.489 -2.484  1.00 13.72  ? 45  ALA B CB  1 
ATOM   1152 N N   . THR B 1 49  ? -9.211  -13.777 -4.061  1.00 24.73  ? 46  THR B N   1 
ATOM   1153 C CA  . THR B 1 49  ? -9.917  -12.549 -4.440  1.00 26.58  ? 46  THR B CA  1 
ATOM   1154 C C   . THR B 1 49  ? -11.367 -12.586 -3.964  1.00 24.39  ? 46  THR B C   1 
ATOM   1155 O O   . THR B 1 49  ? -11.954 -13.658 -3.845  1.00 25.06  ? 46  THR B O   1 
ATOM   1156 C CB  . THR B 1 49  ? -9.904  -12.344 -5.976  1.00 23.46  ? 46  THR B CB  1 
ATOM   1157 O OG1 . THR B 1 49  ? -10.635 -11.159 -6.312  1.00 26.74  ? 46  THR B OG1 1 
ATOM   1158 C CG2 . THR B 1 49  ? -10.513 -13.555 -6.682  1.00 32.32  ? 46  THR B CG2 1 
ATOM   1159 N N   . GLY B 1 50  ? -11.924 -11.415 -3.673  1.00 23.61  ? 47  GLY B N   1 
ATOM   1160 C CA  . GLY B 1 50  ? -13.297 -11.332 -3.216  1.00 20.98  ? 47  GLY B CA  1 
ATOM   1161 C C   . GLY B 1 50  ? -13.685 -9.875  -3.158  1.00 19.75  ? 47  GLY B C   1 
ATOM   1162 O O   . GLY B 1 50  ? -12.986 -9.040  -3.719  1.00 21.15  ? 47  GLY B O   1 
ATOM   1163 N N   . LYS B 1 51  ? -14.785 -9.579  -2.468  1.00 17.53  ? 48  LYS B N   1 
ATOM   1164 C CA  . LYS B 1 51  ? -15.301 -8.221  -2.292  1.00 12.93  ? 48  LYS B CA  1 
ATOM   1165 C C   . LYS B 1 51  ? -15.887 -8.195  -0.904  1.00 6.88   ? 48  LYS B C   1 
ATOM   1166 O O   . LYS B 1 51  ? -16.656 -9.079  -0.566  1.00 12.31  ? 48  LYS B O   1 
ATOM   1167 C CB  . LYS B 1 51  ? -16.422 -7.928  -3.281  1.00 9.85   ? 48  LYS B CB  1 
ATOM   1168 C CG  . LYS B 1 51  ? -15.966 -7.486  -4.639  1.00 17.48  ? 48  LYS B CG  1 
ATOM   1169 C CD  . LYS B 1 51  ? -17.162 -7.220  -5.533  1.00 27.77  ? 48  LYS B CD  1 
ATOM   1170 C CE  . LYS B 1 51  ? -16.741 -6.565  -6.828  1.00 28.92  ? 48  LYS B CE  1 
ATOM   1171 N NZ  . LYS B 1 51  ? -16.219 -5.199  -6.559  1.00 42.64  ? 48  LYS B NZ  1 
ATOM   1172 N N   . THR B 1 52  ? -15.540 -7.198  -0.109  1.00 2.00   ? 49  THR B N   1 
ATOM   1173 C CA  . THR B 1 52  ? -16.045 -7.113  1.253   1.00 5.72   ? 49  THR B CA  1 
ATOM   1174 C C   . THR B 1 52  ? -17.556 -7.139  1.378   1.00 4.49   ? 49  THR B C   1 
ATOM   1175 O O   . THR B 1 52  ? -18.258 -6.608  0.534   1.00 6.97   ? 49  THR B O   1 
ATOM   1176 C CB  . THR B 1 52  ? -15.567 -5.849  1.928   1.00 2.74   ? 49  THR B CB  1 
ATOM   1177 O OG1 . THR B 1 52  ? -15.826 -4.747  1.056   1.00 10.39  ? 49  THR B OG1 1 
ATOM   1178 C CG2 . THR B 1 52  ? -14.094 -5.940  2.225   1.00 2.42   ? 49  THR B CG2 1 
ATOM   1179 N N   . THR B 1 53  ? -18.041 -7.727  2.466   1.00 8.76   ? 50  THR B N   1 
ATOM   1180 C CA  . THR B 1 53  ? -19.464 -7.831  2.758   1.00 10.60  ? 50  THR B CA  1 
ATOM   1181 C C   . THR B 1 53  ? -19.870 -6.579  3.526   1.00 15.88  ? 50  THR B C   1 
ATOM   1182 O O   . THR B 1 53  ? -19.038 -5.723  3.795   1.00 15.52  ? 50  THR B O   1 
ATOM   1183 C CB  . THR B 1 53  ? -19.742 -9.035  3.672   1.00 4.28   ? 50  THR B CB  1 
ATOM   1184 O OG1 . THR B 1 53  ? -18.969 -8.906  4.873   1.00 7.29   ? 50  THR B OG1 1 
ATOM   1185 C CG2 . THR B 1 53  ? -19.396 -10.323 2.985   1.00 2.00   ? 50  THR B CG2 1 
ATOM   1186 N N   . GLU B 1 54  ? -21.127 -6.527  3.957   1.00 22.63  ? 51  GLU B N   1 
ATOM   1187 C CA  . GLU B 1 54  ? -21.650 -5.395  4.714   1.00 24.68  ? 51  GLU B CA  1 
ATOM   1188 C C   . GLU B 1 54  ? -20.914 -5.191  6.043   1.00 23.21  ? 51  GLU B C   1 
ATOM   1189 O O   . GLU B 1 54  ? -21.243 -4.286  6.809   1.00 27.63  ? 51  GLU B O   1 
ATOM   1190 C CB  . GLU B 1 54  ? -23.155 -5.564  4.963   1.00 35.17  ? 51  GLU B CB  1 
ATOM   1191 C CG  . GLU B 1 54  ? -23.520 -6.779  5.832   1.00 49.92  ? 51  GLU B CG  1 
ATOM   1192 C CD  . GLU B 1 54  ? -24.955 -6.741  6.368   1.00 60.76  ? 51  GLU B CD  1 
ATOM   1193 O OE1 . GLU B 1 54  ? -25.457 -5.635  6.690   1.00 60.41  ? 51  GLU B OE1 1 
ATOM   1194 O OE2 . GLU B 1 54  ? -25.574 -7.831  6.486   1.00 66.03  ? 51  GLU B OE2 1 
ATOM   1195 N N   . PHE B 1 55  ? -19.960 -6.062  6.348   1.00 17.58  ? 52  PHE B N   1 
ATOM   1196 C CA  . PHE B 1 55  ? -19.196 -5.910  7.570   1.00 19.25  ? 52  PHE B CA  1 
ATOM   1197 C C   . PHE B 1 55  ? -17.729 -5.682  7.234   1.00 16.83  ? 52  PHE B C   1 
ATOM   1198 O O   . PHE B 1 55  ? -16.855 -5.765  8.086   1.00 16.80  ? 52  PHE B O   1 
ATOM   1199 C CB  . PHE B 1 55  ? -19.392 -7.116  8.480   1.00 23.39  ? 52  PHE B CB  1 
ATOM   1200 C CG  . PHE B 1 55  ? -20.745 -7.159  9.112   1.00 35.69  ? 52  PHE B CG  1 
ATOM   1201 C CD1 . PHE B 1 55  ? -21.088 -6.257  10.116  1.00 45.79  ? 52  PHE B CD1 1 
ATOM   1202 C CD2 . PHE B 1 55  ? -21.698 -8.077  8.686   1.00 45.64  ? 52  PHE B CD2 1 
ATOM   1203 C CE1 . PHE B 1 55  ? -22.374 -6.260  10.685  1.00 46.27  ? 52  PHE B CE1 1 
ATOM   1204 C CE2 . PHE B 1 55  ? -22.987 -8.093  9.246   1.00 45.41  ? 52  PHE B CE2 1 
ATOM   1205 C CZ  . PHE B 1 55  ? -23.323 -7.181  10.249  1.00 45.65  ? 52  PHE B CZ  1 
ATOM   1206 N N   . GLY B 1 56  ? -17.473 -5.340  5.984   1.00 8.64   ? 53  GLY B N   1 
ATOM   1207 C CA  . GLY B 1 56  ? -16.118 -5.096  5.574   1.00 6.69   ? 53  GLY B CA  1 
ATOM   1208 C C   . GLY B 1 56  ? -15.287 -6.338  5.736   1.00 5.99   ? 53  GLY B C   1 
ATOM   1209 O O   . GLY B 1 56  ? -14.102 -6.258  5.997   1.00 16.28  ? 53  GLY B O   1 
ATOM   1210 N N   . GLU B 1 57  ? -15.893 -7.497  5.580   1.00 4.10   ? 54  GLU B N   1 
ATOM   1211 C CA  . GLU B 1 57  ? -15.144 -8.726  5.704   1.00 8.05   ? 54  GLU B CA  1 
ATOM   1212 C C   . GLU B 1 57  ? -15.388 -9.607  4.506   1.00 10.63  ? 54  GLU B C   1 
ATOM   1213 O O   . GLU B 1 57  ? -16.428 -9.516  3.883   1.00 13.99  ? 54  GLU B O   1 
ATOM   1214 C CB  . GLU B 1 57  ? -15.601 -9.475  6.928   1.00 15.92  ? 54  GLU B CB  1 
ATOM   1215 C CG  . GLU B 1 57  ? -15.407 -8.732  8.194   1.00 28.64  ? 54  GLU B CG  1 
ATOM   1216 C CD  . GLU B 1 57  ? -16.069 -9.419  9.349   1.00 39.49  ? 54  GLU B CD  1 
ATOM   1217 O OE1 . GLU B 1 57  ? -16.405 -10.619 9.217   1.00 43.85  ? 54  GLU B OE1 1 
ATOM   1218 O OE2 . GLU B 1 57  ? -16.260 -8.751  10.390  1.00 50.10  ? 54  GLU B OE2 1 
ATOM   1219 N N   . ILE B 1 58  ? -14.442 -10.488 4.211   1.00 16.19  ? 55  ILE B N   1 
ATOM   1220 C CA  . ILE B 1 58  ? -14.560 -11.427 3.097   1.00 16.23  ? 55  ILE B CA  1 
ATOM   1221 C C   . ILE B 1 58  ? -14.526 -12.776 3.773   1.00 23.68  ? 55  ILE B C   1 
ATOM   1222 O O   . ILE B 1 58  ? -13.691 -12.996 4.653   1.00 33.31  ? 55  ILE B O   1 
ATOM   1223 C CB  . ILE B 1 58  ? -13.368 -11.318 2.131   1.00 4.11   ? 55  ILE B CB  1 
ATOM   1224 C CG1 . ILE B 1 58  ? -13.415 -9.986  1.407   1.00 2.00   ? 55  ILE B CG1 1 
ATOM   1225 C CG2 . ILE B 1 58  ? -13.368 -12.455 1.133   1.00 2.00   ? 55  ILE B CG2 1 
ATOM   1226 C CD1 . ILE B 1 58  ? -12.342 -9.861  0.400   1.00 7.30   ? 55  ILE B CD1 1 
ATOM   1227 N N   . HIS B 1 59  ? -15.455 -13.660 3.425   1.00 33.14  ? 56  HIS B N   1 
ATOM   1228 C CA  . HIS B 1 59  ? -15.477 -14.976 4.050   1.00 44.28  ? 56  HIS B CA  1 
ATOM   1229 C C   . HIS B 1 59  ? -15.025 -16.116 3.162   1.00 41.48  ? 56  HIS B C   1 
ATOM   1230 O O   . HIS B 1 59  ? -15.502 -16.284 2.049   1.00 42.79  ? 56  HIS B O   1 
ATOM   1231 C CB  . HIS B 1 59  ? -16.826 -15.250 4.708   1.00 57.60  ? 56  HIS B CB  1 
ATOM   1232 C CG  . HIS B 1 59  ? -17.019 -14.487 5.982   1.00 75.66  ? 56  HIS B CG  1 
ATOM   1233 N ND1 . HIS B 1 59  ? -17.991 -13.519 6.137   1.00 83.30  ? 56  HIS B ND1 1 
ATOM   1234 C CD2 . HIS B 1 59  ? -16.321 -14.505 7.144   1.00 79.24  ? 56  HIS B CD2 1 
ATOM   1235 C CE1 . HIS B 1 59  ? -17.880 -12.972 7.333   1.00 87.31  ? 56  HIS B CE1 1 
ATOM   1236 N NE2 . HIS B 1 59  ? -16.873 -13.553 7.966   1.00 85.73  ? 56  HIS B NE2 1 
ATOM   1237 N N   . GLU B 1 60  ? -14.067 -16.873 3.679   1.00 38.21  ? 57  GLU B N   1 
ATOM   1238 C CA  . GLU B 1 60  ? -13.462 -17.994 2.989   1.00 35.63  ? 57  GLU B CA  1 
ATOM   1239 C C   . GLU B 1 60  ? -12.695 -17.540 1.777   1.00 32.58  ? 57  GLU B C   1 
ATOM   1240 O O   . GLU B 1 60  ? -13.035 -17.890 0.661   1.00 37.41  ? 57  GLU B O   1 
ATOM   1241 C CB  . GLU B 1 60  ? -14.482 -19.054 2.605   1.00 39.28  ? 57  GLU B CB  1 
ATOM   1242 C CG  . GLU B 1 60  ? -14.669 -20.131 3.646   1.00 45.85  ? 57  GLU B CG  1 
ATOM   1243 C CD  . GLU B 1 60  ? -15.727 -21.120 3.247   1.00 51.07  ? 57  GLU B CD  1 
ATOM   1244 O OE1 . GLU B 1 60  ? -15.801 -21.446 2.053   1.00 61.93  ? 57  GLU B OE1 1 
ATOM   1245 O OE2 . GLU B 1 60  ? -16.497 -21.565 4.113   1.00 50.89  ? 57  GLU B OE2 1 
ATOM   1246 N N   . LEU B 1 61  ? -11.674 -16.725 2.009   1.00 32.31  ? 58  LEU B N   1 
ATOM   1247 C CA  . LEU B 1 61  ? -10.815 -16.238 0.936   1.00 31.56  ? 58  LEU B CA  1 
ATOM   1248 C C   . LEU B 1 61  ? -10.002 -17.441 0.500   1.00 30.94  ? 58  LEU B C   1 
ATOM   1249 O O   . LEU B 1 61  ? -10.043 -17.855 -0.655  1.00 34.05  ? 58  LEU B O   1 
ATOM   1250 C CB  . LEU B 1 61  ? -9.848  -15.168 1.456   1.00 31.16  ? 58  LEU B CB  1 
ATOM   1251 C CG  . LEU B 1 61  ? -9.940  -13.710 1.026   1.00 24.10  ? 58  LEU B CG  1 
ATOM   1252 C CD1 . LEU B 1 61  ? -8.846  -12.945 1.717   1.00 26.62  ? 58  LEU B CD1 1 
ATOM   1253 C CD2 . LEU B 1 61  ? -9.785  -13.586 -0.449  1.00 22.52  ? 58  LEU B CD2 1 
ATOM   1254 N N   . THR B 1 62  ? -9.301  -18.021 1.468   1.00 32.65  ? 59  THR B N   1 
ATOM   1255 C CA  . THR B 1 62  ? -8.446  -19.174 1.252   1.00 28.01  ? 59  THR B CA  1 
ATOM   1256 C C   . THR B 1 62  ? -8.599  -20.152 2.424   1.00 29.43  ? 59  THR B C   1 
ATOM   1257 O O   . THR B 1 62  ? -9.239  -19.824 3.428   1.00 32.96  ? 59  THR B O   1 
ATOM   1258 C CB  . THR B 1 62  ? -6.987  -18.724 1.094   1.00 23.19  ? 59  THR B CB  1 
ATOM   1259 O OG1 . THR B 1 62  ? -6.186  -19.844 0.732   1.00 25.38  ? 59  THR B OG1 1 
ATOM   1260 C CG2 . THR B 1 62  ? -6.463  -18.104 2.393   1.00 13.96  ? 59  THR B CG2 1 
ATOM   1261 N N   . THR B 1 63  ? -8.041  -21.352 2.280   1.00 29.47  ? 60  THR B N   1 
ATOM   1262 C CA  . THR B 1 63  ? -8.129  -22.392 3.307   1.00 30.30  ? 60  THR B CA  1 
ATOM   1263 C C   . THR B 1 63  ? -6.808  -22.553 4.048   1.00 32.39  ? 60  THR B C   1 
ATOM   1264 O O   . THR B 1 63  ? -5.748  -22.224 3.522   1.00 30.81  ? 60  THR B O   1 
ATOM   1265 C CB  . THR B 1 63  ? -8.512  -23.788 2.698   1.00 29.53  ? 60  THR B CB  1 
ATOM   1266 O OG1 . THR B 1 63  ? -7.417  -24.314 1.931   1.00 30.48  ? 60  THR B OG1 1 
ATOM   1267 C CG2 . THR B 1 63  ? -9.731  -23.684 1.804   1.00 32.53  ? 60  THR B CG2 1 
ATOM   1268 N N   . GLU B 1 64  ? -6.870  -23.099 5.255   1.00 35.53  ? 61  GLU B N   1 
ATOM   1269 C CA  . GLU B 1 64  ? -5.670  -23.326 6.056   1.00 41.54  ? 61  GLU B CA  1 
ATOM   1270 C C   . GLU B 1 64  ? -4.617  -24.135 5.310   1.00 37.47  ? 61  GLU B C   1 
ATOM   1271 O O   . GLU B 1 64  ? -3.431  -24.001 5.569   1.00 38.44  ? 61  GLU B O   1 
ATOM   1272 C CB  . GLU B 1 64  ? -6.023  -24.060 7.357   1.00 50.05  ? 61  GLU B CB  1 
ATOM   1273 C CG  . GLU B 1 64  ? -6.120  -23.179 8.593   1.00 62.72  ? 61  GLU B CG  1 
ATOM   1274 C CD  . GLU B 1 64  ? -4.762  -22.734 9.132   1.00 72.89  ? 61  GLU B CD  1 
ATOM   1275 O OE1 . GLU B 1 64  ? -3.761  -22.706 8.373   1.00 77.34  ? 61  GLU B OE1 1 
ATOM   1276 O OE2 . GLU B 1 64  ? -4.701  -22.406 10.336  1.00 80.07  ? 61  GLU B OE2 1 
ATOM   1277 N N   . GLU B 1 65  ? -5.066  -24.984 4.398   1.00 39.13  ? 62  GLU B N   1 
ATOM   1278 C CA  . GLU B 1 65  ? -4.166  -25.831 3.636   1.00 41.06  ? 62  GLU B CA  1 
ATOM   1279 C C   . GLU B 1 65  ? -3.680  -25.180 2.366   1.00 40.22  ? 62  GLU B C   1 
ATOM   1280 O O   . GLU B 1 65  ? -2.650  -25.560 1.831   1.00 42.32  ? 62  GLU B O   1 
ATOM   1281 C CB  . GLU B 1 65  ? -4.811  -27.192 3.324   1.00 48.41  ? 62  GLU B CB  1 
ATOM   1282 C CG  . GLU B 1 65  ? -6.349  -27.242 3.351   1.00 58.82  ? 62  GLU B CG  1 
ATOM   1283 C CD  . GLU B 1 65  ? -6.919  -27.868 4.630   1.00 61.70  ? 62  GLU B CD  1 
ATOM   1284 O OE1 . GLU B 1 65  ? -6.657  -29.063 4.883   1.00 67.81  ? 62  GLU B OE1 1 
ATOM   1285 O OE2 . GLU B 1 65  ? -7.641  -27.176 5.381   1.00 60.13  ? 62  GLU B OE2 1 
ATOM   1286 N N   . GLN B 1 66  ? -4.425  -24.195 1.887   1.00 41.74  ? 63  GLN B N   1 
ATOM   1287 C CA  . GLN B 1 66  ? -4.070  -23.493 0.661   1.00 40.88  ? 63  GLN B CA  1 
ATOM   1288 C C   . GLN B 1 66  ? -3.099  -22.329 0.906   1.00 37.86  ? 63  GLN B C   1 
ATOM   1289 O O   . GLN B 1 66  ? -2.285  -21.987 0.036   1.00 30.60  ? 63  GLN B O   1 
ATOM   1290 C CB  . GLN B 1 66  ? -5.346  -22.992 -0.010  1.00 46.77  ? 63  GLN B CB  1 
ATOM   1291 C CG  . GLN B 1 66  ? -5.150  -22.412 -1.384  1.00 56.39  ? 63  GLN B CG  1 
ATOM   1292 C CD  . GLN B 1 66  ? -4.702  -23.442 -2.381  1.00 60.22  ? 63  GLN B CD  1 
ATOM   1293 O OE1 . GLN B 1 66  ? -4.478  -24.603 -2.040  1.00 62.52  ? 63  GLN B OE1 1 
ATOM   1294 N NE2 . GLN B 1 66  ? -4.592  -23.032 -3.635  1.00 64.93  ? 63  GLN B NE2 1 
ATOM   1295 N N   . PHE B 1 67  ? -3.201  -21.727 2.094   1.00 35.85  ? 64  PHE B N   1 
ATOM   1296 C CA  . PHE B 1 67  ? -2.362  -20.597 2.507   1.00 32.69  ? 64  PHE B CA  1 
ATOM   1297 C C   . PHE B 1 67  ? -1.054  -21.092 3.135   1.00 33.48  ? 64  PHE B C   1 
ATOM   1298 O O   . PHE B 1 67  ? -0.950  -21.273 4.348   1.00 31.91  ? 64  PHE B O   1 
ATOM   1299 C CB  . PHE B 1 67  ? -3.124  -19.723 3.501   1.00 27.33  ? 64  PHE B CB  1 
ATOM   1300 C CG  . PHE B 1 67  ? -2.422  -18.450 3.878   1.00 24.67  ? 64  PHE B CG  1 
ATOM   1301 C CD1 . PHE B 1 67  ? -2.181  -17.465 2.932   1.00 24.03  ? 64  PHE B CD1 1 
ATOM   1302 C CD2 . PHE B 1 67  ? -2.034  -18.221 5.192   1.00 23.58  ? 64  PHE B CD2 1 
ATOM   1303 C CE1 . PHE B 1 67  ? -1.601  -16.262 3.293   1.00 22.42  ? 64  PHE B CE1 1 
ATOM   1304 C CE2 . PHE B 1 67  ? -1.449  -17.020 5.566   1.00 23.48  ? 64  PHE B CE2 1 
ATOM   1305 C CZ  . PHE B 1 67  ? -1.222  -16.043 4.612   1.00 29.79  ? 64  PHE B CZ  1 
ATOM   1306 N N   . VAL B 1 68  ? -0.040  -21.249 2.300   1.00 34.28  ? 65  VAL B N   1 
ATOM   1307 C CA  . VAL B 1 68  ? 1.254   -21.750 2.736   1.00 34.31  ? 65  VAL B CA  1 
ATOM   1308 C C   . VAL B 1 68  ? 2.337   -20.698 2.919   1.00 41.31  ? 65  VAL B C   1 
ATOM   1309 O O   . VAL B 1 68  ? 2.153   -19.539 2.569   1.00 44.10  ? 65  VAL B O   1 
ATOM   1310 C CB  . VAL B 1 68  ? 1.766   -22.768 1.738   1.00 30.73  ? 65  VAL B CB  1 
ATOM   1311 C CG1 . VAL B 1 68  ? 0.928   -24.017 1.821   1.00 34.25  ? 65  VAL B CG1 1 
ATOM   1312 C CG2 . VAL B 1 68  ? 1.709   -22.188 0.331   1.00 28.95  ? 65  VAL B CG2 1 
ATOM   1313 N N   . GLU B 1 69  ? 3.468   -21.114 3.481   1.00 45.32  ? 66  GLU B N   1 
ATOM   1314 C CA  . GLU B 1 69  ? 4.611   -20.229 3.701   1.00 51.41  ? 66  GLU B CA  1 
ATOM   1315 C C   . GLU B 1 69  ? 4.979   -19.488 2.417   1.00 48.33  ? 66  GLU B C   1 
ATOM   1316 O O   . GLU B 1 69  ? 5.339   -20.121 1.419   1.00 52.19  ? 66  GLU B O   1 
ATOM   1317 C CB  . GLU B 1 69  ? 5.819   -21.061 4.150   1.00 65.44  ? 66  GLU B CB  1 
ATOM   1318 C CG  . GLU B 1 69  ? 6.229   -20.890 5.619   1.00 84.37  ? 66  GLU B CG  1 
ATOM   1319 C CD  . GLU B 1 69  ? 7.186   -21.978 6.127   1.00 92.60  ? 66  GLU B CD  1 
ATOM   1320 O OE1 . GLU B 1 69  ? 7.365   -23.011 5.435   1.00 99.54  ? 66  GLU B OE1 1 
ATOM   1321 O OE2 . GLU B 1 69  ? 7.802   -21.751 7.191   1.00 96.56  ? 66  GLU B OE2 1 
ATOM   1322 N N   . GLY B 1 70  ? 4.913   -18.159 2.444   1.00 41.34  ? 67  GLY B N   1 
ATOM   1323 C CA  . GLY B 1 70  ? 5.266   -17.397 1.262   1.00 32.95  ? 67  GLY B CA  1 
ATOM   1324 C C   . GLY B 1 70  ? 5.069   -15.911 1.426   1.00 28.88  ? 67  GLY B C   1 
ATOM   1325 O O   . GLY B 1 70  ? 4.621   -15.450 2.471   1.00 26.16  ? 67  GLY B O   1 
ATOM   1326 N N   . VAL B 1 71  ? 5.457   -15.163 0.400   1.00 27.01  ? 68  VAL B N   1 
ATOM   1327 C CA  . VAL B 1 71  ? 5.317   -13.709 0.389   1.00 22.91  ? 68  VAL B CA  1 
ATOM   1328 C C   . VAL B 1 71  ? 4.001   -13.376 -0.296  1.00 20.60  ? 68  VAL B C   1 
ATOM   1329 O O   . VAL B 1 71  ? 3.799   -13.727 -1.454  1.00 24.06  ? 68  VAL B O   1 
ATOM   1330 C CB  . VAL B 1 71  ? 6.472   -13.047 -0.386  1.00 19.93  ? 68  VAL B CB  1 
ATOM   1331 C CG1 . VAL B 1 71  ? 6.244   -11.567 -0.519  1.00 17.23  ? 68  VAL B CG1 1 
ATOM   1332 C CG2 . VAL B 1 71  ? 7.773   -13.308 0.320   1.00 22.06  ? 68  VAL B CG2 1 
ATOM   1333 N N   . TYR B 1 72  ? 3.126   -12.678 0.415   1.00 18.23  ? 69  TYR B N   1 
ATOM   1334 C CA  . TYR B 1 72  ? 1.817   -12.324 -0.098  1.00 10.90  ? 69  TYR B CA  1 
ATOM   1335 C C   . TYR B 1 72  ? 1.689   -10.838 -0.284  1.00 14.48  ? 69  TYR B C   1 
ATOM   1336 O O   . TYR B 1 72  ? 2.416   -10.058 0.333   1.00 14.46  ? 69  TYR B O   1 
ATOM   1337 C CB  . TYR B 1 72  ? 0.746   -12.806 0.868   1.00 9.56   ? 69  TYR B CB  1 
ATOM   1338 C CG  . TYR B 1 72  ? 0.649   -14.305 0.920   1.00 15.44  ? 69  TYR B CG  1 
ATOM   1339 C CD1 . TYR B 1 72  ? -0.177  -14.987 0.042   1.00 16.90  ? 69  TYR B CD1 1 
ATOM   1340 C CD2 . TYR B 1 72  ? 1.414   -15.048 1.812   1.00 14.64  ? 69  TYR B CD2 1 
ATOM   1341 C CE1 . TYR B 1 72  ? -0.241  -16.351 0.040   1.00 17.81  ? 69  TYR B CE1 1 
ATOM   1342 C CE2 . TYR B 1 72  ? 1.358   -16.428 1.815   1.00 14.54  ? 69  TYR B CE2 1 
ATOM   1343 C CZ  . TYR B 1 72  ? 0.527   -17.070 0.921   1.00 18.97  ? 69  TYR B CZ  1 
ATOM   1344 O OH  . TYR B 1 72  ? 0.479   -18.439 0.868   1.00 28.85  ? 69  TYR B OH  1 
ATOM   1345 N N   . ARG B 1 73  ? 0.774   -10.449 -1.158  1.00 13.75  ? 70  ARG B N   1 
ATOM   1346 C CA  . ARG B 1 73  ? 0.519   -9.041  -1.424  1.00 15.28  ? 70  ARG B CA  1 
ATOM   1347 C C   . ARG B 1 73  ? -0.986  -8.841  -1.488  1.00 18.94  ? 70  ARG B C   1 
ATOM   1348 O O   . ARG B 1 73  ? -1.643  -9.347  -2.398  1.00 27.17  ? 70  ARG B O   1 
ATOM   1349 C CB  . ARG B 1 73  ? 1.153   -8.622  -2.738  1.00 11.45  ? 70  ARG B CB  1 
ATOM   1350 C CG  . ARG B 1 73  ? 0.840   -7.210  -3.106  1.00 16.78  ? 70  ARG B CG  1 
ATOM   1351 C CD  . ARG B 1 73  ? 1.527   -6.842  -4.394  1.00 33.91  ? 70  ARG B CD  1 
ATOM   1352 N NE  . ARG B 1 73  ? 0.578   -6.364  -5.389  1.00 41.12  ? 70  ARG B NE  1 
ATOM   1353 C CZ  . ARG B 1 73  ? 0.293   -7.015  -6.507  1.00 44.01  ? 70  ARG B CZ  1 
ATOM   1354 N NH1 . ARG B 1 73  ? 0.892   -8.168  -6.765  1.00 43.28  ? 70  ARG B NH1 1 
ATOM   1355 N NH2 . ARG B 1 73  ? -0.603  -6.522  -7.353  1.00 46.94  ? 70  ARG B NH2 1 
ATOM   1356 N N   . VAL B 1 74  ? -1.538  -8.143  -0.501  1.00 18.62  ? 71  VAL B N   1 
ATOM   1357 C CA  . VAL B 1 74  ? -2.976  -7.904  -0.456  1.00 11.99  ? 71  VAL B CA  1 
ATOM   1358 C C   . VAL B 1 74  ? -3.243  -6.518  -0.999  1.00 11.37  ? 71  VAL B C   1 
ATOM   1359 O O   . VAL B 1 74  ? -2.679  -5.535  -0.516  1.00 14.55  ? 71  VAL B O   1 
ATOM   1360 C CB  . VAL B 1 74  ? -3.534  -7.998  0.971   1.00 3.64   ? 71  VAL B CB  1 
ATOM   1361 C CG1 . VAL B 1 74  ? -5.037  -7.908  0.930   1.00 4.38   ? 71  VAL B CG1 1 
ATOM   1362 C CG2 . VAL B 1 74  ? -3.100  -9.293  1.621   1.00 2.00   ? 71  VAL B CG2 1 
ATOM   1363 N N   . GLU B 1 75  ? -4.096  -6.452  -2.010  1.00 12.97  ? 72  GLU B N   1 
ATOM   1364 C CA  . GLU B 1 75  ? -4.435  -5.200  -2.661  1.00 7.98   ? 72  GLU B CA  1 
ATOM   1365 C C   . GLU B 1 75  ? -5.897  -4.817  -2.489  1.00 7.31   ? 72  GLU B C   1 
ATOM   1366 O O   . GLU B 1 75  ? -6.786  -5.513  -2.978  1.00 11.26  ? 72  GLU B O   1 
ATOM   1367 C CB  . GLU B 1 75  ? -4.128  -5.320  -4.149  1.00 9.31   ? 72  GLU B CB  1 
ATOM   1368 C CG  . GLU B 1 75  ? -4.748  -4.224  -4.975  1.00 22.91  ? 72  GLU B CG  1 
ATOM   1369 C CD  . GLU B 1 75  ? -4.593  -4.446  -6.454  1.00 27.87  ? 72  GLU B CD  1 
ATOM   1370 O OE1 . GLU B 1 75  ? -3.615  -5.118  -6.861  1.00 29.23  ? 72  GLU B OE1 1 
ATOM   1371 O OE2 . GLU B 1 75  ? -5.454  -3.932  -7.206  1.00 37.46  ? 72  GLU B OE2 1 
ATOM   1372 N N   . PHE B 1 76  ? -6.148  -3.723  -1.782  1.00 4.20   ? 73  PHE B N   1 
ATOM   1373 C CA  . PHE B 1 76  ? -7.514  -3.247  -1.598  1.00 4.64   ? 73  PHE B CA  1 
ATOM   1374 C C   . PHE B 1 76  ? -7.762  -2.346  -2.818  1.00 9.20   ? 73  PHE B C   1 
ATOM   1375 O O   . PHE B 1 76  ? -6.824  -1.758  -3.349  1.00 11.21  ? 73  PHE B O   1 
ATOM   1376 C CB  . PHE B 1 76  ? -7.644  -2.478  -0.277  1.00 2.08   ? 73  PHE B CB  1 
ATOM   1377 C CG  . PHE B 1 76  ? -7.311  -3.307  0.945   1.00 5.53   ? 73  PHE B CG  1 
ATOM   1378 C CD1 . PHE B 1 76  ? -8.295  -4.053  1.588   1.00 2.00   ? 73  PHE B CD1 1 
ATOM   1379 C CD2 . PHE B 1 76  ? -6.011  -3.355  1.443   1.00 2.41   ? 73  PHE B CD2 1 
ATOM   1380 C CE1 . PHE B 1 76  ? -7.988  -4.839  2.698   1.00 2.00   ? 73  PHE B CE1 1 
ATOM   1381 C CE2 . PHE B 1 76  ? -5.695  -4.143  2.556   1.00 2.00   ? 73  PHE B CE2 1 
ATOM   1382 C CZ  . PHE B 1 76  ? -6.684  -4.883  3.185   1.00 2.00   ? 73  PHE B CZ  1 
ATOM   1383 N N   . ASP B 1 77  ? -8.989  -2.283  -3.317  1.00 15.27  ? 74  ASP B N   1 
ATOM   1384 C CA  . ASP B 1 77  ? -9.257  -1.472  -4.496  1.00 17.17  ? 74  ASP B CA  1 
ATOM   1385 C C   . ASP B 1 77  ? -10.712 -1.067  -4.474  1.00 23.06  ? 74  ASP B C   1 
ATOM   1386 O O   . ASP B 1 77  ? -11.576 -1.864  -4.096  1.00 26.07  ? 74  ASP B O   1 
ATOM   1387 C CB  . ASP B 1 77  ? -8.957  -2.287  -5.755  1.00 26.43  ? 74  ASP B CB  1 
ATOM   1388 C CG  . ASP B 1 77  ? -8.702  -1.422  -6.986  1.00 35.54  ? 74  ASP B CG  1 
ATOM   1389 O OD1 . ASP B 1 77  ? -9.157  -0.251  -7.032  1.00 36.57  ? 74  ASP B OD1 1 
ATOM   1390 O OD2 . ASP B 1 77  ? -8.042  -1.937  -7.918  1.00 36.97  ? 74  ASP B OD2 1 
ATOM   1391 N N   . THR B 1 78  ? -10.983 0.161   -4.907  1.00 30.07  ? 75  THR B N   1 
ATOM   1392 C CA  . THR B 1 78  ? -12.336 0.709   -4.909  1.00 39.34  ? 75  THR B CA  1 
ATOM   1393 C C   . THR B 1 78  ? -12.778 1.265   -6.262  1.00 49.50  ? 75  THR B C   1 
ATOM   1394 O O   . THR B 1 78  ? -11.952 1.695   -7.073  1.00 55.86  ? 75  THR B O   1 
ATOM   1395 C CB  . THR B 1 78  ? -12.489 1.807   -3.829  1.00 36.39  ? 75  THR B CB  1 
ATOM   1396 O OG1 . THR B 1 78  ? -11.229 2.458   -3.591  1.00 33.80  ? 75  THR B OG1 1 
ATOM   1397 C CG2 . THR B 1 78  ? -12.981 1.207   -2.536  1.00 42.09  ? 75  THR B CG2 1 
ATOM   1398 N N   . SER B 1 79  ? -14.091 1.335   -6.464  1.00 57.63  ? 76  SER B N   1 
ATOM   1399 C CA  . SER B 1 79  ? -14.660 1.817   -7.723  1.00 62.17  ? 76  SER B CA  1 
ATOM   1400 C C   . SER B 1 79  ? -15.750 2.856   -7.479  1.00 57.81  ? 76  SER B C   1 
ATOM   1401 O O   . SER B 1 79  ? -16.906 2.512   -7.212  1.00 54.49  ? 76  SER B O   1 
ATOM   1402 C CB  . SER B 1 79  ? -15.245 0.629   -8.487  1.00 77.53  ? 76  SER B CB  1 
ATOM   1403 O OG  . SER B 1 79  ? -14.398 -0.506  -8.383  1.00 101.12 ? 76  SER B OG  1 
ATOM   1404 N N   . SER B 1 80  ? -15.367 4.131   -7.563  1.00 54.62  ? 77  SER B N   1 
ATOM   1405 C CA  . SER B 1 80  ? -16.295 5.236   -7.319  1.00 50.29  ? 77  SER B CA  1 
ATOM   1406 C C   . SER B 1 80  ? -16.976 4.991   -5.986  1.00 42.66  ? 77  SER B C   1 
ATOM   1407 O O   . SER B 1 80  ? -18.138 5.324   -5.800  1.00 44.76  ? 77  SER B O   1 
ATOM   1408 C CB  . SER B 1 80  ? -17.349 5.311   -8.418  1.00 52.85  ? 77  SER B CB  1 
ATOM   1409 O OG  . SER B 1 80  ? -16.728 5.468   -9.676  1.00 65.67  ? 77  SER B OG  1 
ATOM   1410 N N   . TYR B 1 81  ? -16.213 4.403   -5.070  1.00 36.34  ? 78  TYR B N   1 
ATOM   1411 C CA  . TYR B 1 81  ? -16.678 4.052   -3.734  1.00 26.02  ? 78  TYR B CA  1 
ATOM   1412 C C   . TYR B 1 81  ? -17.187 5.252   -2.959  1.00 28.02  ? 78  TYR B C   1 
ATOM   1413 O O   . TYR B 1 81  ? -18.007 5.110   -2.060  1.00 29.97  ? 78  TYR B O   1 
ATOM   1414 C CB  . TYR B 1 81  ? -15.541 3.362   -2.956  1.00 16.92  ? 78  TYR B CB  1 
ATOM   1415 C CG  . TYR B 1 81  ? -15.924 2.875   -1.570  1.00 9.58   ? 78  TYR B CG  1 
ATOM   1416 C CD1 . TYR B 1 81  ? -16.578 1.669   -1.395  1.00 7.34   ? 78  TYR B CD1 1 
ATOM   1417 C CD2 . TYR B 1 81  ? -15.725 3.680   -0.453  1.00 12.27  ? 78  TYR B CD2 1 
ATOM   1418 C CE1 . TYR B 1 81  ? -17.042 1.279   -0.153  1.00 2.30   ? 78  TYR B CE1 1 
ATOM   1419 C CE2 . TYR B 1 81  ? -16.186 3.301   0.788   1.00 13.36  ? 78  TYR B CE2 1 
ATOM   1420 C CZ  . TYR B 1 81  ? -16.859 2.103   0.923   1.00 15.25  ? 78  TYR B CZ  1 
ATOM   1421 O OH  . TYR B 1 81  ? -17.429 1.765   2.124   1.00 25.76  ? 78  TYR B OH  1 
ATOM   1422 N N   . TRP B 1 82  ? -16.739 6.438   -3.356  1.00 31.80  ? 79  TRP B N   1 
ATOM   1423 C CA  . TRP B 1 82  ? -17.105 7.675   -2.670  1.00 36.70  ? 79  TRP B CA  1 
ATOM   1424 C C   . TRP B 1 82  ? -18.142 8.489   -3.436  1.00 41.90  ? 79  TRP B C   1 
ATOM   1425 O O   . TRP B 1 82  ? -18.556 9.581   -3.002  1.00 39.14  ? 79  TRP B O   1 
ATOM   1426 C CB  . TRP B 1 82  ? -15.829 8.493   -2.428  1.00 40.02  ? 79  TRP B CB  1 
ATOM   1427 C CG  . TRP B 1 82  ? -14.744 7.712   -1.678  1.00 25.39  ? 79  TRP B CG  1 
ATOM   1428 C CD1 . TRP B 1 82  ? -13.589 7.186   -2.186  1.00 18.04  ? 79  TRP B CD1 1 
ATOM   1429 C CD2 . TRP B 1 82  ? -14.771 7.368   -0.289  1.00 15.97  ? 79  TRP B CD2 1 
ATOM   1430 N NE1 . TRP B 1 82  ? -12.886 6.533   -1.198  1.00 11.56  ? 79  TRP B NE1 1 
ATOM   1431 C CE2 . TRP B 1 82  ? -13.585 6.628   -0.026  1.00 9.39   ? 79  TRP B CE2 1 
ATOM   1432 C CE3 . TRP B 1 82  ? -15.664 7.602   0.754   1.00 10.18  ? 79  TRP B CE3 1 
ATOM   1433 C CZ2 . TRP B 1 82  ? -13.288 6.135   1.231   1.00 10.79  ? 79  TRP B CZ2 1 
ATOM   1434 C CZ3 . TRP B 1 82  ? -15.370 7.112   1.998   1.00 12.38  ? 79  TRP B CZ3 1 
ATOM   1435 C CH2 . TRP B 1 82  ? -14.185 6.385   2.232   1.00 15.31  ? 79  TRP B CH2 1 
ATOM   1436 N N   . LYS B 1 83  ? -18.550 7.947   -4.582  1.00 50.42  ? 80  LYS B N   1 
ATOM   1437 C CA  . LYS B 1 83  ? -19.537 8.587   -5.437  1.00 55.76  ? 80  LYS B CA  1 
ATOM   1438 C C   . LYS B 1 83  ? -20.856 8.525   -4.692  1.00 53.75  ? 80  LYS B C   1 
ATOM   1439 O O   . LYS B 1 83  ? -21.364 7.446   -4.377  1.00 51.59  ? 80  LYS B O   1 
ATOM   1440 C CB  . LYS B 1 83  ? -19.638 7.871   -6.798  1.00 63.53  ? 80  LYS B CB  1 
ATOM   1441 C CG  . LYS B 1 83  ? -20.475 8.608   -7.858  1.00 72.68  ? 80  LYS B CG  1 
ATOM   1442 C CD  . LYS B 1 83  ? -19.857 8.479   -9.265  1.00 82.51  ? 80  LYS B CD  1 
ATOM   1443 C CE  . LYS B 1 83  ? -20.553 9.386   -10.304 1.00 88.73  ? 80  LYS B CE  1 
ATOM   1444 N NZ  . LYS B 1 83  ? -19.818 9.511   -11.615 1.00 86.71  ? 80  LYS B NZ  1 
ATOM   1445 N N   . GLY B 1 84  ? -21.361 9.702   -4.352  1.00 52.37  ? 81  GLY B N   1 
ATOM   1446 C CA  . GLY B 1 84  ? -22.616 9.788   -3.638  1.00 45.98  ? 81  GLY B CA  1 
ATOM   1447 C C   . GLY B 1 84  ? -22.555 10.963  -2.706  1.00 42.34  ? 81  GLY B C   1 
ATOM   1448 O O   . GLY B 1 84  ? -23.551 11.644  -2.491  1.00 44.79  ? 81  GLY B O   1 
ATOM   1449 N N   . LEU B 1 85  ? -21.362 11.206  -2.174  1.00 38.00  ? 82  LEU B N   1 
ATOM   1450 C CA  . LEU B 1 85  ? -21.134 12.298  -1.247  1.00 31.62  ? 82  LEU B CA  1 
ATOM   1451 C C   . LEU B 1 85  ? -20.738 13.579  -1.976  1.00 25.22  ? 82  LEU B C   1 
ATOM   1452 O O   . LEU B 1 85  ? -20.699 14.660  -1.395  1.00 28.13  ? 82  LEU B O   1 
ATOM   1453 C CB  . LEU B 1 85  ? -20.071 11.877  -0.236  1.00 36.25  ? 82  LEU B CB  1 
ATOM   1454 C CG  . LEU B 1 85  ? -20.417 10.594  0.533   1.00 34.70  ? 82  LEU B CG  1 
ATOM   1455 C CD1 . LEU B 1 85  ? -19.149 9.973   1.064   1.00 38.08  ? 82  LEU B CD1 1 
ATOM   1456 C CD2 . LEU B 1 85  ? -21.414 10.864  1.648   1.00 24.72  ? 82  LEU B CD2 1 
ATOM   1457 N N   . GLY B 1 86  ? -20.437 13.443  -3.258  1.00 21.25  ? 83  GLY B N   1 
ATOM   1458 C CA  . GLY B 1 86  ? -20.068 14.595  -4.056  1.00 23.80  ? 83  GLY B CA  1 
ATOM   1459 C C   . GLY B 1 86  ? -18.670 15.095  -3.777  1.00 24.56  ? 83  GLY B C   1 
ATOM   1460 O O   . GLY B 1 86  ? -18.377 16.282  -3.928  1.00 27.00  ? 83  GLY B O   1 
ATOM   1461 N N   . LEU B 1 87  ? -17.792 14.169  -3.426  1.00 29.78  ? 84  LEU B N   1 
ATOM   1462 C CA  . LEU B 1 87  ? -16.418 14.503  -3.102  1.00 34.65  ? 84  LEU B CA  1 
ATOM   1463 C C   . LEU B 1 87  ? -15.593 14.416  -4.373  1.00 36.66  ? 84  LEU B C   1 
ATOM   1464 O O   . LEU B 1 87  ? -16.148 14.246  -5.451  1.00 37.67  ? 84  LEU B O   1 
ATOM   1465 C CB  . LEU B 1 87  ? -15.905 13.534  -2.037  1.00 37.41  ? 84  LEU B CB  1 
ATOM   1466 C CG  . LEU B 1 87  ? -16.942 13.345  -0.927  1.00 32.44  ? 84  LEU B CG  1 
ATOM   1467 C CD1 . LEU B 1 87  ? -16.543 12.228  0.035   1.00 31.52  ? 84  LEU B CD1 1 
ATOM   1468 C CD2 . LEU B 1 87  ? -17.146 14.676  -0.221  1.00 26.48  ? 84  LEU B CD2 1 
ATOM   1469 N N   . SER B 1 88  ? -14.276 14.536  -4.272  1.00 44.59  ? 85  SER B N   1 
ATOM   1470 C CA  . SER B 1 88  ? -13.489 14.464  -5.486  1.00 50.08  ? 85  SER B CA  1 
ATOM   1471 C C   . SER B 1 88  ? -12.865 13.125  -5.738  1.00 52.16  ? 85  SER B C   1 
ATOM   1472 O O   . SER B 1 88  ? -12.433 12.426  -4.818  1.00 51.20  ? 85  SER B O   1 
ATOM   1473 C CB  . SER B 1 88  ? -12.454 15.576  -5.565  1.00 60.92  ? 85  SER B CB  1 
ATOM   1474 O OG  . SER B 1 88  ? -12.978 16.644  -6.343  1.00 72.86  ? 85  SER B OG  1 
ATOM   1475 N N   . PRO B 1 89  ? -12.738 12.763  -7.019  1.00 54.13  ? 86  PRO B N   1 
ATOM   1476 C CA  . PRO B 1 89  ? -12.165 11.496  -7.409  1.00 55.66  ? 86  PRO B CA  1 
ATOM   1477 C C   . PRO B 1 89  ? -10.668 11.571  -7.303  1.00 53.28  ? 86  PRO B C   1 
ATOM   1478 O O   . PRO B 1 89  ? -10.070 12.624  -7.492  1.00 56.38  ? 86  PRO B O   1 
ATOM   1479 C CB  . PRO B 1 89  ? -12.565 11.398  -8.893  1.00 60.50  ? 86  PRO B CB  1 
ATOM   1480 C CG  . PRO B 1 89  ? -13.620 12.512  -9.089  1.00 61.25  ? 86  PRO B CG  1 
ATOM   1481 C CD  . PRO B 1 89  ? -13.026 13.568  -8.225  1.00 53.57  ? 86  PRO B CD  1 
ATOM   1482 N N   . PHE B 1 90  ? -10.059 10.420  -6.983  1.00 46.79  ? 87  PHE B N   1 
ATOM   1483 C CA  . PHE B 1 90  ? -8.620  10.296  -6.921  1.00 42.14  ? 87  PHE B CA  1 
ATOM   1484 C C   . PHE B 1 90  ? -8.377  8.791   -6.975  1.00 42.09  ? 87  PHE B C   1 
ATOM   1485 O O   . PHE B 1 90  ? -8.726  8.076   -6.049  1.00 42.89  ? 87  PHE B O   1 
ATOM   1486 C CB  . PHE B 1 90  ? -8.027  10.933  -5.634  1.00 34.02  ? 87  PHE B CB  1 
ATOM   1487 C CG  . PHE B 1 90  ? -6.508  10.992  -5.630  1.00 23.19  ? 87  PHE B CG  1 
ATOM   1488 C CD1 . PHE B 1 90  ? -5.820  11.554  -6.708  1.00 15.87  ? 87  PHE B CD1 1 
ATOM   1489 C CD2 . PHE B 1 90  ? -5.769  10.411  -4.596  1.00 18.38  ? 87  PHE B CD2 1 
ATOM   1490 C CE1 . PHE B 1 90  ? -4.438  11.535  -6.755  1.00 16.05  ? 87  PHE B CE1 1 
ATOM   1491 C CE2 . PHE B 1 90  ? -4.373  10.389  -4.635  1.00 17.96  ? 87  PHE B CE2 1 
ATOM   1492 C CZ  . PHE B 1 90  ? -3.708  10.949  -5.724  1.00 11.76  ? 87  PHE B CZ  1 
ATOM   1493 N N   . HIS B 1 91  ? -7.971  8.295   -8.155  1.00 43.47  ? 88  HIS B N   1 
ATOM   1494 C CA  . HIS B 1 91  ? -7.737  6.860   -8.323  1.00 48.40  ? 88  HIS B CA  1 
ATOM   1495 C C   . HIS B 1 91  ? -6.554  6.538   -7.489  1.00 39.91  ? 88  HIS B C   1 
ATOM   1496 O O   . HIS B 1 91  ? -5.439  6.913   -7.829  1.00 42.96  ? 88  HIS B O   1 
ATOM   1497 C CB  . HIS B 1 91  ? -7.439  6.478   -9.798  1.00 67.91  ? 88  HIS B CB  1 
ATOM   1498 C CG  . HIS B 1 91  ? -6.980  5.049   -10.022 1.00 80.26  ? 88  HIS B CG  1 
ATOM   1499 N ND1 . HIS B 1 91  ? -7.819  3.950   -9.913  1.00 85.10  ? 88  HIS B ND1 1 
ATOM   1500 C CD2 . HIS B 1 91  ? -5.803  4.557   -10.505 1.00 82.40  ? 88  HIS B CD2 1 
ATOM   1501 C CE1 . HIS B 1 91  ? -7.191  2.864   -10.310 1.00 85.22  ? 88  HIS B CE1 1 
ATOM   1502 N NE2 . HIS B 1 91  ? -5.961  3.208   -10.684 1.00 84.68  ? 88  HIS B NE2 1 
ATOM   1503 N N   . GLU B 1 92  ? -6.825  6.018   -6.304  1.00 31.09  ? 89  GLU B N   1 
ATOM   1504 C CA  . GLU B 1 92  ? -5.761  5.594   -5.437  1.00 25.47  ? 89  GLU B CA  1 
ATOM   1505 C C   . GLU B 1 92  ? -6.142  4.175   -4.994  1.00 23.79  ? 89  GLU B C   1 
ATOM   1506 O O   . GLU B 1 92  ? -7.320  3.822   -4.986  1.00 28.14  ? 89  GLU B O   1 
ATOM   1507 C CB  . GLU B 1 92  ? -5.671  6.543   -4.254  1.00 23.45  ? 89  GLU B CB  1 
ATOM   1508 C CG  . GLU B 1 92  ? -4.446  6.409   -3.389  1.00 25.91  ? 89  GLU B CG  1 
ATOM   1509 C CD  . GLU B 1 92  ? -4.666  7.055   -2.022  1.00 35.69  ? 89  GLU B CD  1 
ATOM   1510 O OE1 . GLU B 1 92  ? -5.814  7.022   -1.535  1.00 44.02  ? 89  GLU B OE1 1 
ATOM   1511 O OE2 . GLU B 1 92  ? -3.697  7.597   -1.454  1.00 44.72  ? 89  GLU B OE2 1 
ATOM   1512 N N   . TYR B 1 93  ? -5.147  3.311   -4.837  1.00 23.97  ? 90  TYR B N   1 
ATOM   1513 C CA  . TYR B 1 93  ? -5.364  1.943   -4.347  1.00 18.94  ? 90  TYR B CA  1 
ATOM   1514 C C   . TYR B 1 93  ? -4.067  1.551   -3.666  1.00 12.53  ? 90  TYR B C   1 
ATOM   1515 O O   . TYR B 1 93  ? -3.021  2.121   -3.975  1.00 18.67  ? 90  TYR B O   1 
ATOM   1516 C CB  . TYR B 1 93  ? -5.888  0.953   -5.420  1.00 20.33  ? 90  TYR B CB  1 
ATOM   1517 C CG  . TYR B 1 93  ? -4.965  0.427   -6.504  1.00 30.41  ? 90  TYR B CG  1 
ATOM   1518 C CD1 . TYR B 1 93  ? -3.870  -0.387  -6.198  1.00 38.56  ? 90  TYR B CD1 1 
ATOM   1519 C CD2 . TYR B 1 93  ? -5.231  0.698   -7.852  1.00 35.18  ? 90  TYR B CD2 1 
ATOM   1520 C CE1 . TYR B 1 93  ? -3.057  -0.919  -7.210  1.00 45.42  ? 90  TYR B CE1 1 
ATOM   1521 C CE2 . TYR B 1 93  ? -4.425  0.172   -8.871  1.00 43.60  ? 90  TYR B CE2 1 
ATOM   1522 C CZ  . TYR B 1 93  ? -3.340  -0.628  -8.541  1.00 43.56  ? 90  TYR B CZ  1 
ATOM   1523 O OH  . TYR B 1 93  ? -2.516  -1.093  -9.541  1.00 54.59  ? 90  TYR B OH  1 
ATOM   1524 N N   . ALA B 1 94  ? -4.127  0.684   -2.666  1.00 5.34   ? 91  ALA B N   1 
ATOM   1525 C CA  . ALA B 1 94  ? -2.911  0.343   -1.945  1.00 2.00   ? 91  ALA B CA  1 
ATOM   1526 C C   . ALA B 1 94  ? -2.639  -1.113  -1.848  1.00 4.52   ? 91  ALA B C   1 
ATOM   1527 O O   . ALA B 1 94  ? -3.522  -1.934  -2.058  1.00 11.46  ? 91  ALA B O   1 
ATOM   1528 C CB  . ALA B 1 94  ? -2.924  0.935   -0.565  1.00 2.00   ? 91  ALA B CB  1 
ATOM   1529 N N   . ASP B 1 95  ? -1.408  -1.431  -1.476  1.00 6.66   ? 92  ASP B N   1 
ATOM   1530 C CA  . ASP B 1 95  ? -0.974  -2.809  -1.347  1.00 9.79   ? 92  ASP B CA  1 
ATOM   1531 C C   . ASP B 1 95  ? -0.254  -2.956  -0.030  1.00 8.81   ? 92  ASP B C   1 
ATOM   1532 O O   . ASP B 1 95  ? 0.219   -1.981  0.523   1.00 13.93  ? 92  ASP B O   1 
ATOM   1533 C CB  . ASP B 1 95  ? 0.033   -3.161  -2.450  1.00 14.04  ? 92  ASP B CB  1 
ATOM   1534 C CG  . ASP B 1 95  ? -0.518  -2.972  -3.845  1.00 29.13  ? 92  ASP B CG  1 
ATOM   1535 O OD1 . ASP B 1 95  ? -1.315  -3.823  -4.297  1.00 33.24  ? 92  ASP B OD1 1 
ATOM   1536 O OD2 . ASP B 1 95  ? -0.138  -1.973  -4.488  1.00 41.30  ? 92  ASP B OD2 1 
ATOM   1537 N N   . VAL B 1 96  ? -0.189  -4.178  0.473   1.00 6.27   ? 93  VAL B N   1 
ATOM   1538 C CA  . VAL B 1 96  ? 0.533   -4.474  1.696   1.00 8.42   ? 93  VAL B CA  1 
ATOM   1539 C C   . VAL B 1 96  ? 1.254   -5.735  1.272   1.00 11.10  ? 93  VAL B C   1 
ATOM   1540 O O   . VAL B 1 96  ? 0.700   -6.547  0.530   1.00 15.13  ? 93  VAL B O   1 
ATOM   1541 C CB  . VAL B 1 96  ? -0.386  -4.845  2.878   1.00 7.99   ? 93  VAL B CB  1 
ATOM   1542 C CG1 . VAL B 1 96  ? 0.392   -4.787  4.154   1.00 9.79   ? 93  VAL B CG1 1 
ATOM   1543 C CG2 . VAL B 1 96  ? -1.556  -3.919  2.966   1.00 16.48  ? 93  VAL B CG2 1 
ATOM   1544 N N   . VAL B 1 97  ? 2.503   -5.887  1.669   1.00 9.24   ? 94  VAL B N   1 
ATOM   1545 C CA  . VAL B 1 97  ? 3.229   -7.077  1.293   1.00 10.98  ? 94  VAL B CA  1 
ATOM   1546 C C   . VAL B 1 97  ? 3.946   -7.519  2.521   1.00 11.11  ? 94  VAL B C   1 
ATOM   1547 O O   . VAL B 1 97  ? 4.786   -6.797  3.015   1.00 20.50  ? 94  VAL B O   1 
ATOM   1548 C CB  . VAL B 1 97  ? 4.261   -6.800  0.196   1.00 11.61  ? 94  VAL B CB  1 
ATOM   1549 C CG1 . VAL B 1 97  ? 4.995   -8.087  -0.164  1.00 3.27   ? 94  VAL B CG1 1 
ATOM   1550 C CG2 . VAL B 1 97  ? 3.567   -6.214  -1.031  1.00 13.93  ? 94  VAL B CG2 1 
ATOM   1551 N N   . PHE B 1 98  ? 3.523   -8.647  3.066   1.00 15.42  ? 95  PHE B N   1 
ATOM   1552 C CA  . PHE B 1 98  ? 4.125   -9.211  4.253   1.00 13.45  ? 95  PHE B CA  1 
ATOM   1553 C C   . PHE B 1 98  ? 4.635   -10.592 3.898   1.00 18.83  ? 95  PHE B C   1 
ATOM   1554 O O   . PHE B 1 98  ? 4.404   -11.065 2.789   1.00 22.58  ? 95  PHE B O   1 
ATOM   1555 C CB  . PHE B 1 98  ? 3.093   -9.291  5.381   1.00 18.71  ? 95  PHE B CB  1 
ATOM   1556 C CG  . PHE B 1 98  ? 1.824   -10.041 5.022   1.00 21.65  ? 95  PHE B CG  1 
ATOM   1557 C CD1 . PHE B 1 98  ? 0.931   -9.528  4.092   1.00 24.68  ? 95  PHE B CD1 1 
ATOM   1558 C CD2 . PHE B 1 98  ? 1.501   -11.239 5.662   1.00 25.05  ? 95  PHE B CD2 1 
ATOM   1559 C CE1 . PHE B 1 98  ? -0.258  -10.201 3.801   1.00 27.02  ? 95  PHE B CE1 1 
ATOM   1560 C CE2 . PHE B 1 98  ? 0.315   -11.915 5.375   1.00 20.10  ? 95  PHE B CE2 1 
ATOM   1561 C CZ  . PHE B 1 98  ? -0.563  -11.391 4.447   1.00 25.55  ? 95  PHE B CZ  1 
ATOM   1562 N N   . THR B 1 99  ? 5.368   -11.226 4.802   1.00 27.06  ? 96  THR B N   1 
ATOM   1563 C CA  . THR B 1 99  ? 5.862   -12.575 4.549   1.00 31.96  ? 96  THR B CA  1 
ATOM   1564 C C   . THR B 1 99  ? 5.195   -13.512 5.557   1.00 35.76  ? 96  THR B C   1 
ATOM   1565 O O   . THR B 1 99  ? 5.355   -13.383 6.780   1.00 32.95  ? 96  THR B O   1 
ATOM   1566 C CB  . THR B 1 99  ? 7.392   -12.652 4.630   1.00 29.94  ? 96  THR B CB  1 
ATOM   1567 O OG1 . THR B 1 99  ? 7.957   -11.807 3.617   1.00 39.10  ? 96  THR B OG1 1 
ATOM   1568 C CG2 . THR B 1 99  ? 7.863   -14.061 4.401   1.00 29.16  ? 96  THR B CG2 1 
ATOM   1569 N N   . ALA B 1 100 ? 4.372   -14.408 5.026   1.00 40.53  ? 97  ALA B N   1 
ATOM   1570 C CA  . ALA B 1 100 ? 3.628   -15.343 5.857   1.00 45.70  ? 97  ALA B CA  1 
ATOM   1571 C C   . ALA B 1 100 ? 4.304   -16.626 6.306   1.00 53.72  ? 97  ALA B C   1 
ATOM   1572 O O   . ALA B 1 100 ? 4.973   -17.298 5.527   1.00 52.65  ? 97  ALA B O   1 
ATOM   1573 C CB  . ALA B 1 100 ? 2.303   -15.676 5.205   1.00 34.54  ? 97  ALA B CB  1 
ATOM   1574 N N   . ASN B 1 101 ? 4.083   -16.931 7.593   1.00 65.47  ? 98  ASN B N   1 
ATOM   1575 C CA  . ASN B 1 101 ? 4.537   -18.117 8.319   1.00 75.23  ? 98  ASN B CA  1 
ATOM   1576 C C   . ASN B 1 101 ? 6.039   -18.398 8.276   1.00 84.34  ? 98  ASN B C   1 
ATOM   1577 O O   . ASN B 1 101 ? 6.408   -19.565 8.211   1.00 84.46  ? 98  ASN B O   1 
ATOM   1578 C CB  . ASN B 1 101 ? 3.807   -19.400 7.834   1.00 77.71  ? 98  ASN B CB  1 
ATOM   1579 C CG  . ASN B 1 101 ? 2.331   -19.183 7.506   1.00 80.40  ? 98  ASN B CG  1 
ATOM   1580 O OD1 . ASN B 1 101 ? 1.466   -19.335 8.366   1.00 78.15  ? 98  ASN B OD1 1 
ATOM   1581 N ND2 . ASN B 1 101 ? 2.036   -18.894 6.237   1.00 85.61  ? 98  ASN B ND2 1 
ATOM   1582 N N   . ASP B 1 102 ? 6.923   -17.401 8.363   1.00 96.24  ? 99  ASP B N   1 
ATOM   1583 C CA  . ASP B 1 102 ? 8.347   -17.754 8.303   1.00 110.90 ? 99  ASP B CA  1 
ATOM   1584 C C   . ASP B 1 102 ? 8.859   -18.394 9.616   1.00 119.79 ? 99  ASP B C   1 
ATOM   1585 O O   . ASP B 1 102 ? 10.001  -18.194 10.043  1.00 123.42 ? 99  ASP B O   1 
ATOM   1586 C CB  . ASP B 1 102 ? 9.229   -16.604 7.780   1.00 113.64 ? 99  ASP B CB  1 
ATOM   1587 C CG  . ASP B 1 102 ? 9.594   -15.575 8.840   1.00 119.14 ? 99  ASP B CG  1 
ATOM   1588 O OD1 . ASP B 1 102 ? 8.697   -15.111 9.576   1.00 119.77 ? 99  ASP B OD1 1 
ATOM   1589 O OD2 . ASP B 1 102 ? 10.796  -15.229 8.909   1.00 121.96 ? 99  ASP B OD2 1 
ATOM   1590 N N   . SER B 1 103 ? 7.979   -19.220 10.186  1.00 126.72 ? 100 SER B N   1 
ATOM   1591 C CA  . SER B 1 103 ? 8.146   -20.001 11.406  1.00 129.02 ? 100 SER B CA  1 
ATOM   1592 C C   . SER B 1 103 ? 6.717   -20.449 11.805  1.00 127.91 ? 100 SER B C   1 
ATOM   1593 O O   . SER B 1 103 ? 5.824   -19.621 12.038  1.00 129.12 ? 100 SER B O   1 
ATOM   1594 C CB  . SER B 1 103 ? 8.852   -19.215 12.531  1.00 130.97 ? 100 SER B CB  1 
ATOM   1595 O OG  . SER B 1 103 ? 8.022   -18.261 13.184  1.00 134.96 ? 100 SER B OG  1 
ATOM   1596 N N   . GLY B 1 104 ? 6.480   -21.752 11.712  1.00 124.90 ? 101 GLY B N   1 
ATOM   1597 C CA  . GLY B 1 104 ? 5.197   -22.310 12.071  1.00 119.44 ? 101 GLY B CA  1 
ATOM   1598 C C   . GLY B 1 104 ? 4.038   -22.018 11.135  1.00 115.01 ? 101 GLY B C   1 
ATOM   1599 O O   . GLY B 1 104 ? 4.151   -22.103 9.905   1.00 112.13 ? 101 GLY B O   1 
ATOM   1600 N N   . HIS B 1 105 ? 2.900   -21.711 11.753  1.00 114.07 ? 102 HIS B N   1 
ATOM   1601 C CA  . HIS B 1 105 ? 1.651   -21.405 11.071  1.00 113.79 ? 102 HIS B CA  1 
ATOM   1602 C C   . HIS B 1 105 ? 0.915   -20.355 11.906  1.00 107.25 ? 102 HIS B C   1 
ATOM   1603 O O   . HIS B 1 105 ? 0.947   -20.416 13.139  1.00 110.59 ? 102 HIS B O   1 
ATOM   1604 C CB  . HIS B 1 105 ? 0.774   -22.656 10.997  1.00 123.69 ? 102 HIS B CB  1 
ATOM   1605 C CG  . HIS B 1 105 ? 1.228   -23.679 10.002  1.00 135.16 ? 102 HIS B CG  1 
ATOM   1606 N ND1 . HIS B 1 105 ? 2.169   -23.428 9.023   1.00 138.40 ? 102 HIS B ND1 1 
ATOM   1607 C CD2 . HIS B 1 105 ? 0.813   -24.956 9.805   1.00 140.14 ? 102 HIS B CD2 1 
ATOM   1608 C CE1 . HIS B 1 105 ? 2.307   -24.504 8.262   1.00 141.95 ? 102 HIS B CE1 1 
ATOM   1609 N NE2 . HIS B 1 105 ? 1.497   -25.438 8.716   1.00 143.66 ? 102 HIS B NE2 1 
ATOM   1610 N N   . ARG B 1 106 ? 0.229   -19.428 11.247  1.00 95.25  ? 103 ARG B N   1 
ATOM   1611 C CA  . ARG B 1 106 ? -0.506  -18.382 11.949  1.00 78.66  ? 103 ARG B CA  1 
ATOM   1612 C C   . ARG B 1 106 ? -1.786  -17.911 11.256  1.00 67.05  ? 103 ARG B C   1 
ATOM   1613 O O   . ARG B 1 106 ? -2.239  -18.520 10.285  1.00 65.41  ? 103 ARG B O   1 
ATOM   1614 C CB  . ARG B 1 106 ? 0.417   -17.191 12.209  0.00 81.38  ? 103 ARG B CB  1 
ATOM   1615 C CG  . ARG B 1 106 ? 1.126   -17.310 13.532  0.00 82.73  ? 103 ARG B CG  1 
ATOM   1616 C CD  . ARG B 1 106 ? 2.477   -16.653 13.537  0.00 84.86  ? 103 ARG B CD  1 
ATOM   1617 N NE  . ARG B 1 106 ? 3.135   -16.927 14.808  0.00 85.20  ? 103 ARG B NE  1 
ATOM   1618 C CZ  . ARG B 1 106 ? 4.356   -16.520 15.132  0.00 85.83  ? 103 ARG B CZ  1 
ATOM   1619 N NH1 . ARG B 1 106 ? 5.082   -15.812 14.277  0.00 85.39  ? 103 ARG B NH1 1 
ATOM   1620 N NH2 . ARG B 1 106 ? 4.853   -16.828 16.321  0.00 86.03  ? 103 ARG B NH2 1 
ATOM   1621 N N   . HIS B 1 107 ? -2.404  -16.877 11.814  1.00 53.28  ? 104 HIS B N   1 
ATOM   1622 C CA  . HIS B 1 107 ? -3.619  -16.281 11.268  1.00 42.27  ? 104 HIS B CA  1 
ATOM   1623 C C   . HIS B 1 107 ? -3.357  -14.798 11.141  1.00 33.01  ? 104 HIS B C   1 
ATOM   1624 O O   . HIS B 1 107 ? -2.950  -14.162 12.095  1.00 36.56  ? 104 HIS B O   1 
ATOM   1625 C CB  . HIS B 1 107 ? -4.798  -16.509 12.198  1.00 47.68  ? 104 HIS B CB  1 
ATOM   1626 C CG  . HIS B 1 107 ? -5.467  -17.841 12.007  1.00 54.70  ? 104 HIS B CG  1 
ATOM   1627 N ND1 . HIS B 1 107 ? -6.751  -18.085 12.426  1.00 57.09  ? 104 HIS B ND1 1 
ATOM   1628 C CD2 . HIS B 1 107 ? -5.028  -18.974 11.414  1.00 56.65  ? 104 HIS B CD2 1 
ATOM   1629 C CE1 . HIS B 1 107 ? -7.089  -19.324 12.089  1.00 59.52  ? 104 HIS B CE1 1 
ATOM   1630 N NE2 . HIS B 1 107 ? -6.066  -19.883 11.479  1.00 58.16  ? 104 HIS B NE2 1 
ATOM   1631 N N   . TYR B 1 108 ? -3.588  -14.248 9.962   1.00 23.71  ? 105 TYR B N   1 
ATOM   1632 C CA  . TYR B 1 108 ? -3.338  -12.842 9.712   1.00 18.03  ? 105 TYR B CA  1 
ATOM   1633 C C   . TYR B 1 108 ? -4.636  -12.088 9.513   1.00 19.34  ? 105 TYR B C   1 
ATOM   1634 O O   . TYR B 1 108 ? -5.589  -12.640 8.973   1.00 21.40  ? 105 TYR B O   1 
ATOM   1635 C CB  . TYR B 1 108 ? -2.500  -12.694 8.446   1.00 18.92  ? 105 TYR B CB  1 
ATOM   1636 C CG  . TYR B 1 108 ? -1.181  -13.385 8.536   1.00 20.46  ? 105 TYR B CG  1 
ATOM   1637 C CD1 . TYR B 1 108 ? -1.103  -14.771 8.583   1.00 19.39  ? 105 TYR B CD1 1 
ATOM   1638 C CD2 . TYR B 1 108 ? -0.012  -12.650 8.675   1.00 29.63  ? 105 TYR B CD2 1 
ATOM   1639 C CE1 . TYR B 1 108 ? 0.097   -15.405 8.785   1.00 24.49  ? 105 TYR B CE1 1 
ATOM   1640 C CE2 . TYR B 1 108 ? 1.201   -13.271 8.874   1.00 34.70  ? 105 TYR B CE2 1 
ATOM   1641 C CZ  . TYR B 1 108 ? 1.248   -14.651 8.935   1.00 30.37  ? 105 TYR B CZ  1 
ATOM   1642 O OH  . TYR B 1 108 ? 2.444   -15.266 9.188   1.00 33.39  ? 105 TYR B OH  1 
ATOM   1643 N N   . THR B 1 109 ? -4.685  -10.841 9.970   1.00 17.53  ? 106 THR B N   1 
ATOM   1644 C CA  . THR B 1 109 ? -5.856  -10.006 9.770   1.00 11.84  ? 106 THR B CA  1 
ATOM   1645 C C   . THR B 1 109 ? -5.372  -8.673  9.267   1.00 12.13  ? 106 THR B C   1 
ATOM   1646 O O   . THR B 1 109 ? -4.777  -7.914  10.021  1.00 15.91  ? 106 THR B O   1 
ATOM   1647 C CB  . THR B 1 109 ? -6.643  -9.775  11.047  1.00 8.42   ? 106 THR B CB  1 
ATOM   1648 O OG1 . THR B 1 109 ? -7.138  -11.027 11.520  1.00 21.38  ? 106 THR B OG1 1 
ATOM   1649 C CG2 . THR B 1 109 ? -7.820  -8.858  10.781  1.00 6.70   ? 106 THR B CG2 1 
ATOM   1650 N N   . ILE B 1 110 ? -5.573  -8.421  7.979   1.00 11.43  ? 107 ILE B N   1 
ATOM   1651 C CA  . ILE B 1 110 ? -5.159  -7.169  7.376   1.00 9.61   ? 107 ILE B CA  1 
ATOM   1652 C C   . ILE B 1 110 ? -6.299  -6.170  7.449   1.00 8.25   ? 107 ILE B C   1 
ATOM   1653 O O   . ILE B 1 110 ? -7.200  -6.188  6.613   1.00 12.45  ? 107 ILE B O   1 
ATOM   1654 C CB  . ILE B 1 110 ? -4.765  -7.354  5.915   1.00 8.54   ? 107 ILE B CB  1 
ATOM   1655 C CG1 . ILE B 1 110 ? -3.716  -8.454  5.796   1.00 12.13  ? 107 ILE B CG1 1 
ATOM   1656 C CG2 . ILE B 1 110 ? -4.204  -6.052  5.368   1.00 14.66  ? 107 ILE B CG2 1 
ATOM   1657 C CD1 . ILE B 1 110 ? -2.378  -8.092  6.413   1.00 18.50  ? 107 ILE B CD1 1 
ATOM   1658 N N   . ALA B 1 111 ? -6.275  -5.333  8.479   1.00 6.75   ? 108 ALA B N   1 
ATOM   1659 C CA  . ALA B 1 111 ? -7.283  -4.302  8.686   1.00 2.14   ? 108 ALA B CA  1 
ATOM   1660 C C   . ALA B 1 111 ? -6.907  -3.050  7.900   1.00 6.18   ? 108 ALA B C   1 
ATOM   1661 O O   . ALA B 1 111 ? -5.797  -2.536  8.033   1.00 6.94   ? 108 ALA B O   1 
ATOM   1662 C CB  . ALA B 1 111 ? -7.392  -3.988  10.137  1.00 2.00   ? 108 ALA B CB  1 
ATOM   1663 N N   . ALA B 1 112 ? -7.840  -2.555  7.094   1.00 6.77   ? 109 ALA B N   1 
ATOM   1664 C CA  . ALA B 1 112 ? -7.611  -1.374  6.267   1.00 4.86   ? 109 ALA B CA  1 
ATOM   1665 C C   . ALA B 1 112 ? -8.624  -0.283  6.578   1.00 11.72  ? 109 ALA B C   1 
ATOM   1666 O O   . ALA B 1 112 ? -9.775  -0.577  6.893   1.00 21.87  ? 109 ALA B O   1 
ATOM   1667 C CB  . ALA B 1 112 ? -7.705  -1.752  4.816   1.00 2.00   ? 109 ALA B CB  1 
ATOM   1668 N N   . LEU B 1 113 ? -8.213  0.973   6.454   1.00 8.19   ? 110 LEU B N   1 
ATOM   1669 C CA  . LEU B 1 113 ? -9.091  2.101   6.730   1.00 3.90   ? 110 LEU B CA  1 
ATOM   1670 C C   . LEU B 1 113 ? -9.044  3.037   5.529   1.00 7.35   ? 110 LEU B C   1 
ATOM   1671 O O   . LEU B 1 113 ? -8.023  3.666   5.271   1.00 14.95  ? 110 LEU B O   1 
ATOM   1672 C CB  . LEU B 1 113 ? -8.617  2.812   7.987   1.00 2.00   ? 110 LEU B CB  1 
ATOM   1673 C CG  . LEU B 1 113 ? -9.378  4.061   8.400   1.00 8.47   ? 110 LEU B CG  1 
ATOM   1674 C CD1 . LEU B 1 113 ? -10.851 3.756   8.518   1.00 17.87  ? 110 LEU B CD1 1 
ATOM   1675 C CD2 . LEU B 1 113 ? -8.853  4.546   9.724   1.00 11.86  ? 110 LEU B CD2 1 
ATOM   1676 N N   . LEU B 1 114 ? -10.162 3.170   4.828   1.00 7.50   ? 111 LEU B N   1 
ATOM   1677 C CA  . LEU B 1 114 ? -10.232 3.984   3.616   1.00 2.61   ? 111 LEU B CA  1 
ATOM   1678 C C   . LEU B 1 114 ? -10.721 5.420   3.774   1.00 6.18   ? 111 LEU B C   1 
ATOM   1679 O O   . LEU B 1 114 ? -11.571 5.717   4.606   1.00 12.59  ? 111 LEU B O   1 
ATOM   1680 C CB  . LEU B 1 114 ? -11.097 3.260   2.569   1.00 2.00   ? 111 LEU B CB  1 
ATOM   1681 C CG  . LEU B 1 114 ? -10.913 1.733   2.392   1.00 7.66   ? 111 LEU B CG  1 
ATOM   1682 C CD1 . LEU B 1 114 ? -11.900 1.197   1.409   1.00 2.00   ? 111 LEU B CD1 1 
ATOM   1683 C CD2 . LEU B 1 114 ? -9.512  1.361   1.931   1.00 10.81  ? 111 LEU B CD2 1 
ATOM   1684 N N   . SER B 1 115 ? -10.170 6.296   2.940   1.00 6.72   ? 112 SER B N   1 
ATOM   1685 C CA  . SER B 1 115 ? -10.502 7.721   2.852   1.00 2.00   ? 112 SER B CA  1 
ATOM   1686 C C   . SER B 1 115 ? -10.130 8.023   1.421   1.00 2.00   ? 112 SER B C   1 
ATOM   1687 O O   . SER B 1 115 ? -9.245  7.368   0.878   1.00 10.94  ? 112 SER B O   1 
ATOM   1688 C CB  . SER B 1 115 ? -9.595  8.562   3.739   1.00 2.00   ? 112 SER B CB  1 
ATOM   1689 O OG  . SER B 1 115 ? -9.910  8.426   5.096   1.00 9.39   ? 112 SER B OG  1 
ATOM   1690 N N   . PRO B 1 116 ? -10.759 9.031   0.799   1.00 2.00   ? 113 PRO B N   1 
ATOM   1691 C CA  . PRO B 1 116 ? -10.481 9.425   -0.593  1.00 2.70   ? 113 PRO B CA  1 
ATOM   1692 C C   . PRO B 1 116 ? -8.998  9.570   -0.951  1.00 2.00   ? 113 PRO B C   1 
ATOM   1693 O O   . PRO B 1 116 ? -8.572  9.126   -2.006  1.00 8.29   ? 113 PRO B O   1 
ATOM   1694 C CB  . PRO B 1 116 ? -11.194 10.768  -0.708  1.00 4.07   ? 113 PRO B CB  1 
ATOM   1695 C CG  . PRO B 1 116 ? -12.387 10.582  0.160   1.00 2.47   ? 113 PRO B CG  1 
ATOM   1696 C CD  . PRO B 1 116 ? -11.803 9.888   1.381   1.00 3.26   ? 113 PRO B CD  1 
ATOM   1697 N N   . PHE B 1 117 ? -8.215  10.157  -0.057  1.00 2.00   ? 114 PHE B N   1 
ATOM   1698 C CA  . PHE B 1 117 ? -6.804  10.362  -0.301  1.00 2.00   ? 114 PHE B CA  1 
ATOM   1699 C C   . PHE B 1 117 ? -5.847  9.656   0.632   1.00 6.76   ? 114 PHE B C   1 
ATOM   1700 O O   . PHE B 1 117 ? -4.645  9.839   0.474   1.00 13.13  ? 114 PHE B O   1 
ATOM   1701 C CB  . PHE B 1 117 ? -6.486  11.845  -0.221  1.00 2.00   ? 114 PHE B CB  1 
ATOM   1702 C CG  . PHE B 1 117 ? -6.913  12.610  -1.415  1.00 3.97   ? 114 PHE B CG  1 
ATOM   1703 C CD1 . PHE B 1 117 ? -8.214  13.083  -1.526  1.00 6.29   ? 114 PHE B CD1 1 
ATOM   1704 C CD2 . PHE B 1 117 ? -6.021  12.844  -2.450  1.00 8.29   ? 114 PHE B CD2 1 
ATOM   1705 C CE1 . PHE B 1 117 ? -8.630  13.783  -2.656  1.00 8.99   ? 114 PHE B CE1 1 
ATOM   1706 C CE2 . PHE B 1 117 ? -6.418  13.541  -3.585  1.00 14.87  ? 114 PHE B CE2 1 
ATOM   1707 C CZ  . PHE B 1 117 ? -7.733  14.013  -3.689  1.00 9.75   ? 114 PHE B CZ  1 
ATOM   1708 N N   . SER B 1 118 ? -6.348  8.887   1.607   1.00 9.81   ? 115 SER B N   1 
ATOM   1709 C CA  . SER B 1 118 ? -5.483  8.202   2.572   1.00 4.94   ? 115 SER B CA  1 
ATOM   1710 C C   . SER B 1 118 ? -5.821  6.741   2.824   1.00 7.00   ? 115 SER B C   1 
ATOM   1711 O O   . SER B 1 118 ? -6.988  6.387   2.907   1.00 13.55  ? 115 SER B O   1 
ATOM   1712 C CB  . SER B 1 118 ? -5.503  8.956   3.899   1.00 7.45   ? 115 SER B CB  1 
ATOM   1713 O OG  . SER B 1 118 ? -4.642  8.375   4.859   1.00 28.87  ? 115 SER B OG  1 
ATOM   1714 N N   . TYR B 1 119 ? -4.786  5.912   3.005   1.00 12.72  ? 116 TYR B N   1 
ATOM   1715 C CA  . TYR B 1 119 ? -4.932  4.470   3.278   1.00 10.52  ? 116 TYR B CA  1 
ATOM   1716 C C   . TYR B 1 119 ? -4.103  4.034   4.479   1.00 10.25  ? 116 TYR B C   1 
ATOM   1717 O O   . TYR B 1 119 ? -2.936  4.366   4.571   1.00 13.57  ? 116 TYR B O   1 
ATOM   1718 C CB  . TYR B 1 119 ? -4.455  3.627   2.099   1.00 18.98  ? 116 TYR B CB  1 
ATOM   1719 C CG  . TYR B 1 119 ? -5.513  3.358   1.082   1.00 31.02  ? 116 TYR B CG  1 
ATOM   1720 C CD1 . TYR B 1 119 ? -6.127  4.410   0.414   1.00 44.51  ? 116 TYR B CD1 1 
ATOM   1721 C CD2 . TYR B 1 119 ? -5.896  2.058   0.768   1.00 36.35  ? 116 TYR B CD2 1 
ATOM   1722 C CE1 . TYR B 1 119 ? -7.105  4.181   -0.550  1.00 55.65  ? 116 TYR B CE1 1 
ATOM   1723 C CE2 . TYR B 1 119 ? -6.869  1.807   -0.193  1.00 46.22  ? 116 TYR B CE2 1 
ATOM   1724 C CZ  . TYR B 1 119 ? -7.472  2.867   -0.849  1.00 56.87  ? 116 TYR B CZ  1 
ATOM   1725 O OH  . TYR B 1 119 ? -8.451  2.609   -1.791  1.00 59.08  ? 116 TYR B OH  1 
ATOM   1726 N N   . SER B 1 120 ? -4.725  3.277   5.374   1.00 13.46  ? 117 SER B N   1 
ATOM   1727 C CA  . SER B 1 120 ? -4.083  2.750   6.558   1.00 11.50  ? 117 SER B CA  1 
ATOM   1728 C C   . SER B 1 120 ? -4.314  1.244   6.544   1.00 9.44   ? 117 SER B C   1 
ATOM   1729 O O   . SER B 1 120 ? -5.451  0.780   6.376   1.00 11.97  ? 117 SER B O   1 
ATOM   1730 C CB  . SER B 1 120 ? -4.709  3.340   7.817   1.00 18.55  ? 117 SER B CB  1 
ATOM   1731 O OG  . SER B 1 120 ? -4.259  2.661   8.985   1.00 42.59  ? 117 SER B OG  1 
ATOM   1732 N N   . THR B 1 121 ? -3.238  0.481   6.672   1.00 6.68   ? 118 THR B N   1 
ATOM   1733 C CA  . THR B 1 121 ? -3.362  -0.947  6.658   1.00 6.29   ? 118 THR B CA  1 
ATOM   1734 C C   . THR B 1 121 ? -2.566  -1.440  7.834   1.00 8.53   ? 118 THR B C   1 
ATOM   1735 O O   . THR B 1 121 ? -1.393  -1.119  7.958   1.00 9.73   ? 118 THR B O   1 
ATOM   1736 C CB  . THR B 1 121 ? -2.804  -1.531  5.351   1.00 6.41   ? 118 THR B CB  1 
ATOM   1737 O OG1 . THR B 1 121 ? -1.381  -1.402  5.323   1.00 15.95  ? 118 THR B OG1 1 
ATOM   1738 C CG2 . THR B 1 121 ? -3.356  -0.769  4.151   1.00 2.00   ? 118 THR B CG2 1 
ATOM   1739 N N   . THR B 1 122 ? -3.211  -2.212  8.697   1.00 12.99  ? 119 THR B N   1 
ATOM   1740 C CA  . THR B 1 122 ? -2.585  -2.772  9.884   1.00 12.69  ? 119 THR B CA  1 
ATOM   1741 C C   . THR B 1 122 ? -2.676  -4.305  9.861   1.00 13.42  ? 119 THR B C   1 
ATOM   1742 O O   . THR B 1 122 ? -3.739  -4.857  9.599   1.00 15.18  ? 119 THR B O   1 
ATOM   1743 C CB  . THR B 1 122 ? -3.265  -2.212  11.119  1.00 5.25   ? 119 THR B CB  1 
ATOM   1744 O OG1 . THR B 1 122 ? -3.254  -0.789  11.027  1.00 9.53   ? 119 THR B OG1 1 
ATOM   1745 C CG2 . THR B 1 122 ? -2.573  -2.655  12.399  1.00 12.19  ? 119 THR B CG2 1 
ATOM   1746 N N   . ALA B 1 123 ? -1.562  -4.990  10.092  1.00 15.99  ? 120 ALA B N   1 
ATOM   1747 C CA  . ALA B 1 123 ? -1.562  -6.447  10.090  1.00 15.19  ? 120 ALA B CA  1 
ATOM   1748 C C   . ALA B 1 123 ? -1.473  -6.939  11.510  1.00 17.50  ? 120 ALA B C   1 
ATOM   1749 O O   . ALA B 1 123 ? -0.542  -6.612  12.234  1.00 21.41  ? 120 ALA B O   1 
ATOM   1750 C CB  . ALA B 1 123 ? -0.402  -6.977  9.289   1.00 13.67  ? 120 ALA B CB  1 
ATOM   1751 N N   . VAL B 1 124 ? -2.491  -7.670  11.927  1.00 19.73  ? 121 VAL B N   1 
ATOM   1752 C CA  . VAL B 1 124 ? -2.534  -8.237  13.258  1.00 16.02  ? 121 VAL B CA  1 
ATOM   1753 C C   . VAL B 1 124 ? -2.191  -9.692  13.051  1.00 17.67  ? 121 VAL B C   1 
ATOM   1754 O O   . VAL B 1 124 ? -2.912  -10.415 12.368  1.00 18.84  ? 121 VAL B O   1 
ATOM   1755 C CB  . VAL B 1 124 ? -3.940  -8.142  13.830  1.00 11.90  ? 121 VAL B CB  1 
ATOM   1756 C CG1 . VAL B 1 124 ? -4.043  -8.958  15.087  1.00 26.40  ? 121 VAL B CG1 1 
ATOM   1757 C CG2 . VAL B 1 124 ? -4.280  -6.707  14.097  1.00 16.51  ? 121 VAL B CG2 1 
ATOM   1758 N N   . VAL B 1 125 ? -1.035  -10.094 13.531  1.00 22.93  ? 122 VAL B N   1 
ATOM   1759 C CA  . VAL B 1 125 ? -0.638  -11.476 13.369  1.00 29.27  ? 122 VAL B CA  1 
ATOM   1760 C C   . VAL B 1 125 ? -0.931  -12.141 14.685  1.00 36.58  ? 122 VAL B C   1 
ATOM   1761 O O   . VAL B 1 125 ? -0.752  -11.532 15.737  1.00 42.83  ? 122 VAL B O   1 
ATOM   1762 C CB  . VAL B 1 125 ? 0.855   -11.612 13.028  1.00 25.01  ? 122 VAL B CB  1 
ATOM   1763 C CG1 . VAL B 1 125 ? 1.255   -13.068 13.021  1.00 23.89  ? 122 VAL B CG1 1 
ATOM   1764 C CG2 . VAL B 1 125 ? 1.133   -10.996 11.666  1.00 20.99  ? 122 VAL B CG2 1 
ATOM   1765 N N   . SER B 1 126 ? -1.423  -13.371 14.623  1.00 45.71  ? 123 SER B N   1 
ATOM   1766 C CA  . SER B 1 126 ? -1.760  -14.132 15.817  1.00 56.17  ? 123 SER B CA  1 
ATOM   1767 C C   . SER B 1 126 ? -1.775  -15.642 15.559  1.00 59.11  ? 123 SER B C   1 
ATOM   1768 O O   . SER B 1 126 ? -1.160  -16.372 16.367  1.00 64.75  ? 123 SER B O   1 
ATOM   1769 C CB  . SER B 1 126 ? -3.105  -13.653 16.392  1.00 58.58  ? 123 SER B CB  1 
ATOM   1770 O OG  . SER B 1 126 ? -3.948  -13.088 15.396  1.00 64.86  ? 123 SER B OG  1 
HETATM 1771 S S   . SO4 C 2 .   ? -12.760 5.660   -5.970  1.00 23.20  ? 128 SO4 B S   1 
HETATM 1772 O O   . HOH D 3 .   ? -1.214  1.977   1.829   1.00 12.74  ? 128 HOH A O   1 
# 
